data_5IHK
# 
_entry.id   5IHK 
# 
_audit_conform.dict_name       mmcif_pdbx.dic 
_audit_conform.dict_version    5.383 
_audit_conform.dict_location   http://mmcif.pdb.org/dictionaries/ascii/mmcif_pdbx.dic 
# 
loop_
_database_2.database_id 
_database_2.database_code 
_database_2.pdbx_database_accession 
_database_2.pdbx_DOI 
PDB   5IHK         pdb_00005ihk 10.2210/pdb5ihk/pdb 
WWPDB D_1000218839 ?            ?                   
# 
loop_
_pdbx_audit_revision_history.ordinal 
_pdbx_audit_revision_history.data_content_type 
_pdbx_audit_revision_history.major_revision 
_pdbx_audit_revision_history.minor_revision 
_pdbx_audit_revision_history.revision_date 
1 'Structure model' 1 0 2017-03-29 
2 'Structure model' 1 1 2024-01-10 
# 
_pdbx_audit_revision_details.ordinal             1 
_pdbx_audit_revision_details.revision_ordinal    1 
_pdbx_audit_revision_details.data_content_type   'Structure model' 
_pdbx_audit_revision_details.provider            repository 
_pdbx_audit_revision_details.type                'Initial release' 
_pdbx_audit_revision_details.description         ? 
_pdbx_audit_revision_details.details             ? 
# 
loop_
_pdbx_audit_revision_group.ordinal 
_pdbx_audit_revision_group.revision_ordinal 
_pdbx_audit_revision_group.data_content_type 
_pdbx_audit_revision_group.group 
1 2 'Structure model' 'Data collection'        
2 2 'Structure model' 'Database references'    
3 2 'Structure model' 'Refinement description' 
# 
loop_
_pdbx_audit_revision_category.ordinal 
_pdbx_audit_revision_category.revision_ordinal 
_pdbx_audit_revision_category.data_content_type 
_pdbx_audit_revision_category.category 
1 2 'Structure model' chem_comp_atom                
2 2 'Structure model' chem_comp_bond                
3 2 'Structure model' database_2                    
4 2 'Structure model' diffrn_radiation_wavelength   
5 2 'Structure model' pdbx_initial_refinement_model 
# 
loop_
_pdbx_audit_revision_item.ordinal 
_pdbx_audit_revision_item.revision_ordinal 
_pdbx_audit_revision_item.data_content_type 
_pdbx_audit_revision_item.item 
1 2 'Structure model' '_database_2.pdbx_DOI'                
2 2 'Structure model' '_database_2.pdbx_database_accession' 
# 
_pdbx_database_status.status_code                     REL 
_pdbx_database_status.status_code_sf                  REL 
_pdbx_database_status.status_code_mr                  ? 
_pdbx_database_status.entry_id                        5IHK 
_pdbx_database_status.recvd_initial_deposition_date   2016-02-29 
_pdbx_database_status.SG_entry                        N 
_pdbx_database_status.deposit_site                    RCSB 
_pdbx_database_status.process_site                    PDBE 
_pdbx_database_status.status_code_cs                  ? 
_pdbx_database_status.methods_development_category    ? 
_pdbx_database_status.pdb_format_compatible           Y 
_pdbx_database_status.status_code_nmr_data            ? 
# 
_audit_author.name           'Camara-Artigas, A.' 
_audit_author.pdbx_ordinal   1 
# 
_citation.abstract                  ? 
_citation.abstract_id_CAS           ? 
_citation.book_id_ISBN              ? 
_citation.book_publisher            ? 
_citation.book_publisher_city       ? 
_citation.book_title                ? 
_citation.coordinate_linkage        ? 
_citation.country                   ? 
_citation.database_id_Medline       ? 
_citation.details                   ? 
_citation.id                        primary 
_citation.journal_abbrev            'to be published' 
_citation.journal_id_ASTM           ? 
_citation.journal_id_CSD            0353 
_citation.journal_id_ISSN           ? 
_citation.journal_full              ? 
_citation.journal_issue             ? 
_citation.journal_volume            ? 
_citation.language                  ? 
_citation.page_first                ? 
_citation.page_last                 ? 
_citation.title                     'Crystal Structure of the alpha spectrin SH3 domain mutant N47A' 
_citation.year                      ? 
_citation.database_id_CSD           ? 
_citation.pdbx_database_id_DOI      ? 
_citation.pdbx_database_id_PubMed   ? 
_citation.unpublished_flag          ? 
# 
_citation_author.citation_id        primary 
_citation_author.name               'Camara-Artigas, A.' 
_citation_author.ordinal            1 
_citation_author.identifier_ORCID   ? 
# 
loop_
_entity.id 
_entity.type 
_entity.src_method 
_entity.pdbx_description 
_entity.formula_weight 
_entity.pdbx_number_of_molecules 
_entity.pdbx_ec 
_entity.pdbx_mutation 
_entity.pdbx_fragment 
_entity.details 
1 polymer     man 'Spectrin alpha chain, non-erythrocytic 1' 7186.218 1  ? ? 'SH3 domain' 'SH3 domain' 
2 non-polymer syn 'SULFATE ION'                              96.063   1  ? ? ?            ?            
3 non-polymer syn PROLINE                                    115.130  1  ? ? ?            ?            
4 non-polymer syn 'ACETATE ION'                              59.044   1  ? ? ?            ?            
5 water       nat water                                      18.015   56 ? ? ?            ?            
# 
_entity_name_com.entity_id   1 
_entity_name_com.name        'Alpha-II spectrin,Fodrin alpha chain' 
# 
_entity_poly.entity_id                      1 
_entity_poly.type                           'polypeptide(L)' 
_entity_poly.nstd_linkage                   no 
_entity_poly.nstd_monomer                   no 
_entity_poly.pdbx_seq_one_letter_code       MDETGKELVLALYDYQEKSPREVTMKKGDILTLLNSTNKDWWKVEVADRQGFVPAAYVKKLD 
_entity_poly.pdbx_seq_one_letter_code_can   MDETGKELVLALYDYQEKSPREVTMKKGDILTLLNSTNKDWWKVEVADRQGFVPAAYVKKLD 
_entity_poly.pdbx_strand_id                 A 
_entity_poly.pdbx_target_identifier         ? 
# 
loop_
_pdbx_entity_nonpoly.entity_id 
_pdbx_entity_nonpoly.name 
_pdbx_entity_nonpoly.comp_id 
2 'SULFATE ION' SO4 
3 PROLINE       PRO 
4 'ACETATE ION' ACT 
5 water         HOH 
# 
loop_
_entity_poly_seq.entity_id 
_entity_poly_seq.num 
_entity_poly_seq.mon_id 
_entity_poly_seq.hetero 
1 1  MET n 
1 2  ASP n 
1 3  GLU n 
1 4  THR n 
1 5  GLY n 
1 6  LYS n 
1 7  GLU n 
1 8  LEU n 
1 9  VAL n 
1 10 LEU n 
1 11 ALA n 
1 12 LEU n 
1 13 TYR n 
1 14 ASP n 
1 15 TYR n 
1 16 GLN n 
1 17 GLU n 
1 18 LYS n 
1 19 SER n 
1 20 PRO n 
1 21 ARG n 
1 22 GLU n 
1 23 VAL n 
1 24 THR n 
1 25 MET n 
1 26 LYS n 
1 27 LYS n 
1 28 GLY n 
1 29 ASP n 
1 30 ILE n 
1 31 LEU n 
1 32 THR n 
1 33 LEU n 
1 34 LEU n 
1 35 ASN n 
1 36 SER n 
1 37 THR n 
1 38 ASN n 
1 39 LYS n 
1 40 ASP n 
1 41 TRP n 
1 42 TRP n 
1 43 LYS n 
1 44 VAL n 
1 45 GLU n 
1 46 VAL n 
1 47 ALA n 
1 48 ASP n 
1 49 ARG n 
1 50 GLN n 
1 51 GLY n 
1 52 PHE n 
1 53 VAL n 
1 54 PRO n 
1 55 ALA n 
1 56 ALA n 
1 57 TYR n 
1 58 VAL n 
1 59 LYS n 
1 60 LYS n 
1 61 LEU n 
1 62 ASP n 
# 
_entity_src_gen.entity_id                          1 
_entity_src_gen.pdbx_src_id                        1 
_entity_src_gen.pdbx_alt_source_flag               sample 
_entity_src_gen.pdbx_seq_type                      'Biological sequence' 
_entity_src_gen.pdbx_beg_seq_num                   1 
_entity_src_gen.pdbx_end_seq_num                   62 
_entity_src_gen.gene_src_common_name               Chicken 
_entity_src_gen.gene_src_genus                     ? 
_entity_src_gen.pdbx_gene_src_gene                 'SPTAN1, SPTA2' 
_entity_src_gen.gene_src_species                   ? 
_entity_src_gen.gene_src_strain                    ? 
_entity_src_gen.gene_src_tissue                    ? 
_entity_src_gen.gene_src_tissue_fraction           ? 
_entity_src_gen.gene_src_details                   ? 
_entity_src_gen.pdbx_gene_src_fragment             ? 
_entity_src_gen.pdbx_gene_src_scientific_name      'Gallus gallus' 
_entity_src_gen.pdbx_gene_src_ncbi_taxonomy_id     9031 
_entity_src_gen.pdbx_gene_src_variant              ? 
_entity_src_gen.pdbx_gene_src_cell_line            ? 
_entity_src_gen.pdbx_gene_src_atcc                 ? 
_entity_src_gen.pdbx_gene_src_organ                ? 
_entity_src_gen.pdbx_gene_src_organelle            ? 
_entity_src_gen.pdbx_gene_src_cell                 ? 
_entity_src_gen.pdbx_gene_src_cellular_location    ? 
_entity_src_gen.host_org_common_name               ? 
_entity_src_gen.pdbx_host_org_scientific_name      'Escherichia coli BL21(DE3)' 
_entity_src_gen.pdbx_host_org_ncbi_taxonomy_id     469008 
_entity_src_gen.host_org_genus                     ? 
_entity_src_gen.pdbx_host_org_gene                 ? 
_entity_src_gen.pdbx_host_org_organ                ? 
_entity_src_gen.host_org_species                   ? 
_entity_src_gen.pdbx_host_org_tissue               ? 
_entity_src_gen.pdbx_host_org_tissue_fraction      ? 
_entity_src_gen.pdbx_host_org_strain               ? 
_entity_src_gen.pdbx_host_org_variant              ? 
_entity_src_gen.pdbx_host_org_cell_line            ? 
_entity_src_gen.pdbx_host_org_atcc                 ? 
_entity_src_gen.pdbx_host_org_culture_collection   ? 
_entity_src_gen.pdbx_host_org_cell                 ? 
_entity_src_gen.pdbx_host_org_organelle            ? 
_entity_src_gen.pdbx_host_org_cellular_location    ? 
_entity_src_gen.pdbx_host_org_vector_type          plasmid 
_entity_src_gen.pdbx_host_org_vector               ? 
_entity_src_gen.host_org_details                   ? 
_entity_src_gen.expression_system_id               ? 
_entity_src_gen.plasmid_name                       pET26 
_entity_src_gen.plasmid_details                    ? 
_entity_src_gen.pdbx_description                   ? 
# 
loop_
_chem_comp.id 
_chem_comp.type 
_chem_comp.mon_nstd_flag 
_chem_comp.name 
_chem_comp.pdbx_synonyms 
_chem_comp.formula 
_chem_comp.formula_weight 
ACT non-polymer         . 'ACETATE ION'   ? 'C2 H3 O2 -1'    59.044  
ALA 'L-peptide linking' y ALANINE         ? 'C3 H7 N O2'     89.093  
ARG 'L-peptide linking' y ARGININE        ? 'C6 H15 N4 O2 1' 175.209 
ASN 'L-peptide linking' y ASPARAGINE      ? 'C4 H8 N2 O3'    132.118 
ASP 'L-peptide linking' y 'ASPARTIC ACID' ? 'C4 H7 N O4'     133.103 
GLN 'L-peptide linking' y GLUTAMINE       ? 'C5 H10 N2 O3'   146.144 
GLU 'L-peptide linking' y 'GLUTAMIC ACID' ? 'C5 H9 N O4'     147.129 
GLY 'peptide linking'   y GLYCINE         ? 'C2 H5 N O2'     75.067  
HOH non-polymer         . WATER           ? 'H2 O'           18.015  
ILE 'L-peptide linking' y ISOLEUCINE      ? 'C6 H13 N O2'    131.173 
LEU 'L-peptide linking' y LEUCINE         ? 'C6 H13 N O2'    131.173 
LYS 'L-peptide linking' y LYSINE          ? 'C6 H15 N2 O2 1' 147.195 
MET 'L-peptide linking' y METHIONINE      ? 'C5 H11 N O2 S'  149.211 
PHE 'L-peptide linking' y PHENYLALANINE   ? 'C9 H11 N O2'    165.189 
PRO 'L-peptide linking' y PROLINE         ? 'C5 H9 N O2'     115.130 
SER 'L-peptide linking' y SERINE          ? 'C3 H7 N O3'     105.093 
SO4 non-polymer         . 'SULFATE ION'   ? 'O4 S -2'        96.063  
THR 'L-peptide linking' y THREONINE       ? 'C4 H9 N O3'     119.119 
TRP 'L-peptide linking' y TRYPTOPHAN      ? 'C11 H12 N2 O2'  204.225 
TYR 'L-peptide linking' y TYROSINE        ? 'C9 H11 N O3'    181.189 
VAL 'L-peptide linking' y VALINE          ? 'C5 H11 N O2'    117.146 
# 
loop_
_pdbx_poly_seq_scheme.asym_id 
_pdbx_poly_seq_scheme.entity_id 
_pdbx_poly_seq_scheme.seq_id 
_pdbx_poly_seq_scheme.mon_id 
_pdbx_poly_seq_scheme.ndb_seq_num 
_pdbx_poly_seq_scheme.pdb_seq_num 
_pdbx_poly_seq_scheme.auth_seq_num 
_pdbx_poly_seq_scheme.pdb_mon_id 
_pdbx_poly_seq_scheme.auth_mon_id 
_pdbx_poly_seq_scheme.pdb_strand_id 
_pdbx_poly_seq_scheme.pdb_ins_code 
_pdbx_poly_seq_scheme.hetero 
A 1 1  MET 1  1  ?  ?   ?   A . n 
A 1 2  ASP 2  2  ?  ?   ?   A . n 
A 1 3  GLU 3  3  ?  ?   ?   A . n 
A 1 4  THR 4  4  ?  ?   ?   A . n 
A 1 5  GLY 5  5  ?  ?   ?   A . n 
A 1 6  LYS 6  6  6  LYS LYS A . n 
A 1 7  GLU 7  7  7  GLU GLU A . n 
A 1 8  LEU 8  8  8  LEU LEU A . n 
A 1 9  VAL 9  9  9  VAL VAL A . n 
A 1 10 LEU 10 10 10 LEU LEU A . n 
A 1 11 ALA 11 11 11 ALA ALA A . n 
A 1 12 LEU 12 12 12 LEU LEU A . n 
A 1 13 TYR 13 13 13 TYR TYR A . n 
A 1 14 ASP 14 14 14 ASP ASP A . n 
A 1 15 TYR 15 15 15 TYR TYR A . n 
A 1 16 GLN 16 16 16 GLN GLN A . n 
A 1 17 GLU 17 17 17 GLU GLU A . n 
A 1 18 LYS 18 18 18 LYS LYS A . n 
A 1 19 SER 19 19 19 SER SER A . n 
A 1 20 PRO 20 20 20 PRO PRO A . n 
A 1 21 ARG 21 21 21 ARG ARG A . n 
A 1 22 GLU 22 22 22 GLU GLU A . n 
A 1 23 VAL 23 23 23 VAL VAL A . n 
A 1 24 THR 24 24 24 THR THR A . n 
A 1 25 MET 25 25 25 MET MET A . n 
A 1 26 LYS 26 26 26 LYS LYS A . n 
A 1 27 LYS 27 27 27 LYS LYS A . n 
A 1 28 GLY 28 28 28 GLY GLY A . n 
A 1 29 ASP 29 29 29 ASP ASP A . n 
A 1 30 ILE 30 30 30 ILE ILE A . n 
A 1 31 LEU 31 31 31 LEU LEU A . n 
A 1 32 THR 32 32 32 THR THR A . n 
A 1 33 LEU 33 33 33 LEU LEU A . n 
A 1 34 LEU 34 34 34 LEU LEU A . n 
A 1 35 ASN 35 35 35 ASN ASN A . n 
A 1 36 SER 36 36 36 SER SER A . n 
A 1 37 THR 37 37 37 THR THR A . n 
A 1 38 ASN 38 38 38 ASN ASN A . n 
A 1 39 LYS 39 39 39 LYS LYS A . n 
A 1 40 ASP 40 40 40 ASP ASP A . n 
A 1 41 TRP 41 41 41 TRP TRP A . n 
A 1 42 TRP 42 42 42 TRP TRP A . n 
A 1 43 LYS 43 43 43 LYS LYS A . n 
A 1 44 VAL 44 44 44 VAL VAL A . n 
A 1 45 GLU 45 45 45 GLU GLU A . n 
A 1 46 VAL 46 46 46 VAL VAL A . n 
A 1 47 ALA 47 47 47 ALA ALA A . n 
A 1 48 ASP 48 48 48 ASP ASP A . n 
A 1 49 ARG 49 49 49 ARG ARG A . n 
A 1 50 GLN 50 50 50 GLN GLN A . n 
A 1 51 GLY 51 51 51 GLY GLY A . n 
A 1 52 PHE 52 52 52 PHE PHE A . n 
A 1 53 VAL 53 53 53 VAL VAL A . n 
A 1 54 PRO 54 54 54 PRO PRO A . n 
A 1 55 ALA 55 55 55 ALA ALA A . n 
A 1 56 ALA 56 56 56 ALA ALA A . n 
A 1 57 TYR 57 57 57 TYR TYR A . n 
A 1 58 VAL 58 58 58 VAL VAL A . n 
A 1 59 LYS 59 59 59 LYS LYS A . n 
A 1 60 LYS 60 60 60 LYS LYS A . n 
A 1 61 LEU 61 61 61 LEU LEU A . n 
A 1 62 ASP 62 62 ?  ?   ?   A . n 
# 
loop_
_pdbx_nonpoly_scheme.asym_id 
_pdbx_nonpoly_scheme.entity_id 
_pdbx_nonpoly_scheme.mon_id 
_pdbx_nonpoly_scheme.ndb_seq_num 
_pdbx_nonpoly_scheme.pdb_seq_num 
_pdbx_nonpoly_scheme.auth_seq_num 
_pdbx_nonpoly_scheme.pdb_mon_id 
_pdbx_nonpoly_scheme.auth_mon_id 
_pdbx_nonpoly_scheme.pdb_strand_id 
_pdbx_nonpoly_scheme.pdb_ins_code 
B 2 SO4 1  101 1  SO4 SO4 A . 
C 3 PRO 1  102 1  PRO PRO A . 
D 4 ACT 1  103 1  ACT ACT A . 
E 5 HOH 1  201 46 HOH HOH A . 
E 5 HOH 2  202 45 HOH HOH A . 
E 5 HOH 3  203 27 HOH HOH A . 
E 5 HOH 4  204 34 HOH HOH A . 
E 5 HOH 5  205 55 HOH HOH A . 
E 5 HOH 6  206 14 HOH HOH A . 
E 5 HOH 7  207 21 HOH HOH A . 
E 5 HOH 8  208 3  HOH HOH A . 
E 5 HOH 9  209 51 HOH HOH A . 
E 5 HOH 10 210 7  HOH HOH A . 
E 5 HOH 11 211 54 HOH HOH A . 
E 5 HOH 12 212 2  HOH HOH A . 
E 5 HOH 13 213 20 HOH HOH A . 
E 5 HOH 14 214 39 HOH HOH A . 
E 5 HOH 15 215 49 HOH HOH A . 
E 5 HOH 16 216 56 HOH HOH A . 
E 5 HOH 17 217 8  HOH HOH A . 
E 5 HOH 18 218 35 HOH HOH A . 
E 5 HOH 19 219 10 HOH HOH A . 
E 5 HOH 20 220 24 HOH HOH A . 
E 5 HOH 21 221 41 HOH HOH A . 
E 5 HOH 22 222 17 HOH HOH A . 
E 5 HOH 23 223 19 HOH HOH A . 
E 5 HOH 24 224 6  HOH HOH A . 
E 5 HOH 25 225 15 HOH HOH A . 
E 5 HOH 26 226 1  HOH HOH A . 
E 5 HOH 27 227 40 HOH HOH A . 
E 5 HOH 28 228 13 HOH HOH A . 
E 5 HOH 29 229 5  HOH HOH A . 
E 5 HOH 30 230 23 HOH HOH A . 
E 5 HOH 31 231 16 HOH HOH A . 
E 5 HOH 32 232 12 HOH HOH A . 
E 5 HOH 33 233 11 HOH HOH A . 
E 5 HOH 34 234 9  HOH HOH A . 
E 5 HOH 35 235 28 HOH HOH A . 
E 5 HOH 36 236 18 HOH HOH A . 
E 5 HOH 37 237 44 HOH HOH A . 
E 5 HOH 38 238 4  HOH HOH A . 
E 5 HOH 39 239 52 HOH HOH A . 
E 5 HOH 40 240 29 HOH HOH A . 
E 5 HOH 41 241 31 HOH HOH A . 
E 5 HOH 42 242 26 HOH HOH A . 
E 5 HOH 43 243 50 HOH HOH A . 
E 5 HOH 44 244 33 HOH HOH A . 
E 5 HOH 45 245 42 HOH HOH A . 
E 5 HOH 46 246 38 HOH HOH A . 
E 5 HOH 47 247 37 HOH HOH A . 
E 5 HOH 48 248 53 HOH HOH A . 
E 5 HOH 49 249 48 HOH HOH A . 
E 5 HOH 50 250 25 HOH HOH A . 
E 5 HOH 51 251 30 HOH HOH A . 
E 5 HOH 52 252 47 HOH HOH A . 
E 5 HOH 53 253 43 HOH HOH A . 
E 5 HOH 54 254 22 HOH HOH A . 
E 5 HOH 55 255 36 HOH HOH A . 
E 5 HOH 56 256 32 HOH HOH A . 
# 
loop_
_pdbx_unobs_or_zero_occ_atoms.id 
_pdbx_unobs_or_zero_occ_atoms.PDB_model_num 
_pdbx_unobs_or_zero_occ_atoms.polymer_flag 
_pdbx_unobs_or_zero_occ_atoms.occupancy_flag 
_pdbx_unobs_or_zero_occ_atoms.auth_asym_id 
_pdbx_unobs_or_zero_occ_atoms.auth_comp_id 
_pdbx_unobs_or_zero_occ_atoms.auth_seq_id 
_pdbx_unobs_or_zero_occ_atoms.PDB_ins_code 
_pdbx_unobs_or_zero_occ_atoms.auth_atom_id 
_pdbx_unobs_or_zero_occ_atoms.label_alt_id 
_pdbx_unobs_or_zero_occ_atoms.label_asym_id 
_pdbx_unobs_or_zero_occ_atoms.label_comp_id 
_pdbx_unobs_or_zero_occ_atoms.label_seq_id 
_pdbx_unobs_or_zero_occ_atoms.label_atom_id 
1  1 Y 1 A LYS 6  ? CG  ? A LYS 6  CG  
2  1 Y 1 A LYS 6  ? CD  ? A LYS 6  CD  
3  1 Y 1 A LYS 6  ? CE  ? A LYS 6  CE  
4  1 Y 1 A LYS 6  ? NZ  ? A LYS 6  NZ  
5  1 Y 1 A GLN 16 ? CG  ? A GLN 16 CG  
6  1 Y 1 A GLN 16 ? CD  ? A GLN 16 CD  
7  1 Y 1 A GLN 16 ? OE1 ? A GLN 16 OE1 
8  1 Y 1 A GLN 16 ? NE2 ? A GLN 16 NE2 
9  1 Y 1 A LYS 18 ? CG  ? A LYS 18 CG  
10 1 Y 1 A LYS 18 ? CD  ? A LYS 18 CD  
11 1 Y 1 A LYS 18 ? CE  ? A LYS 18 CE  
12 1 Y 1 A LYS 18 ? NZ  ? A LYS 18 NZ  
13 1 Y 1 A LYS 26 ? CG  ? A LYS 26 CG  
14 1 Y 1 A LYS 26 ? CD  ? A LYS 26 CD  
15 1 Y 1 A LYS 26 ? CE  ? A LYS 26 CE  
16 1 Y 1 A LYS 26 ? NZ  ? A LYS 26 NZ  
17 1 Y 1 A LYS 59 ? CG  ? A LYS 59 CG  
18 1 Y 1 A LYS 59 ? CD  ? A LYS 59 CD  
19 1 Y 1 A LYS 59 ? CE  ? A LYS 59 CE  
20 1 Y 1 A LYS 59 ? NZ  ? A LYS 59 NZ  
# 
loop_
_software.citation_id 
_software.classification 
_software.compiler_name 
_software.compiler_version 
_software.contact_author 
_software.contact_author_email 
_software.date 
_software.description 
_software.dependencies 
_software.hardware 
_software.language 
_software.location 
_software.mods 
_software.name 
_software.os 
_software.os_version 
_software.type 
_software.version 
_software.pdbx_ordinal 
? 'data scaling'    ? ? ? ? ? ? ? ? ? ? ? Aimless     ? ? ? 0.5.1 1 
? phasing           ? ? ? ? ? ? ? ? ? ? ? PHASER      ? ? ? .     2 
? refinement        ? ? ? ? ? ? ? ? ? ? ? PHENIX      ? ? ? .     3 
? 'data extraction' ? ? ? ? ? ? ? ? ? ? ? PDB_EXTRACT ? ? ? 3.20  4 
? 'data reduction'  ? ? ? ? ? ? ? ? ? ? ? XDS         ? ? ? .     5 
# 
_cell.angle_alpha                  90.000 
_cell.angle_alpha_esd              ? 
_cell.angle_beta                   90.000 
_cell.angle_beta_esd               ? 
_cell.angle_gamma                  90.000 
_cell.angle_gamma_esd              ? 
_cell.entry_id                     5IHK 
_cell.details                      ? 
_cell.formula_units_Z              ? 
_cell.length_a                     33.550 
_cell.length_a_esd                 ? 
_cell.length_b                     42.371 
_cell.length_b_esd                 ? 
_cell.length_c                     49.544 
_cell.length_c_esd                 ? 
_cell.volume                       ? 
_cell.volume_esd                   ? 
_cell.Z_PDB                        4 
_cell.reciprocal_angle_alpha       ? 
_cell.reciprocal_angle_beta        ? 
_cell.reciprocal_angle_gamma       ? 
_cell.reciprocal_angle_alpha_esd   ? 
_cell.reciprocal_angle_beta_esd    ? 
_cell.reciprocal_angle_gamma_esd   ? 
_cell.reciprocal_length_a          ? 
_cell.reciprocal_length_b          ? 
_cell.reciprocal_length_c          ? 
_cell.reciprocal_length_a_esd      ? 
_cell.reciprocal_length_b_esd      ? 
_cell.reciprocal_length_c_esd      ? 
_cell.pdbx_unique_axis             ? 
# 
_symmetry.entry_id                         5IHK 
_symmetry.cell_setting                     ? 
_symmetry.Int_Tables_number                19 
_symmetry.space_group_name_Hall            ? 
_symmetry.space_group_name_H-M             'P 21 21 21' 
_symmetry.pdbx_full_space_group_name_H-M   ? 
# 
_exptl.absorpt_coefficient_mu     ? 
_exptl.absorpt_correction_T_max   ? 
_exptl.absorpt_correction_T_min   ? 
_exptl.absorpt_correction_type    ? 
_exptl.absorpt_process_details    ? 
_exptl.entry_id                   5IHK 
_exptl.crystals_number            1 
_exptl.details                    ? 
_exptl.method                     'X-RAY DIFFRACTION' 
_exptl.method_details             ? 
# 
_exptl_crystal.colour                      ? 
_exptl_crystal.density_diffrn              ? 
_exptl_crystal.density_Matthews            2.69 
_exptl_crystal.density_method              ? 
_exptl_crystal.density_percent_sol         54.33 
_exptl_crystal.description                 ? 
_exptl_crystal.F_000                       ? 
_exptl_crystal.id                          1 
_exptl_crystal.preparation                 ? 
_exptl_crystal.size_max                    ? 
_exptl_crystal.size_mid                    ? 
_exptl_crystal.size_min                    ? 
_exptl_crystal.size_rad                    ? 
_exptl_crystal.colour_lustre               ? 
_exptl_crystal.colour_modifier             ? 
_exptl_crystal.colour_primary              ? 
_exptl_crystal.density_meas                ? 
_exptl_crystal.density_meas_esd            ? 
_exptl_crystal.density_meas_gt             ? 
_exptl_crystal.density_meas_lt             ? 
_exptl_crystal.density_meas_temp           ? 
_exptl_crystal.density_meas_temp_esd       ? 
_exptl_crystal.density_meas_temp_gt        ? 
_exptl_crystal.density_meas_temp_lt        ? 
_exptl_crystal.pdbx_crystal_image_url      ? 
_exptl_crystal.pdbx_crystal_image_format   ? 
_exptl_crystal.pdbx_mosaicity              0.120 
_exptl_crystal.pdbx_mosaicity_esd          ? 
# 
_exptl_crystal_grow.apparatus       ? 
_exptl_crystal_grow.atmosphere      ? 
_exptl_crystal_grow.crystal_id      1 
_exptl_crystal_grow.details         ? 
_exptl_crystal_grow.method          'VAPOR DIFFUSION, HANGING DROP' 
_exptl_crystal_grow.method_ref      ? 
_exptl_crystal_grow.pH              5 
_exptl_crystal_grow.pressure        ? 
_exptl_crystal_grow.pressure_esd    ? 
_exptl_crystal_grow.seeding         ? 
_exptl_crystal_grow.seeding_ref     ? 
_exptl_crystal_grow.temp            298 
_exptl_crystal_grow.temp_details    ? 
_exptl_crystal_grow.temp_esd        ? 
_exptl_crystal_grow.time            ? 
_exptl_crystal_grow.pdbx_details    '0.1M Sodium Acetate, 1 M Ammonium sulphate, 1 M Proline' 
_exptl_crystal_grow.pdbx_pH_range   ? 
# 
_diffrn.ambient_environment    ? 
_diffrn.ambient_temp           100 
_diffrn.ambient_temp_details   ? 
_diffrn.ambient_temp_esd       ? 
_diffrn.crystal_id             1 
_diffrn.crystal_support        ? 
_diffrn.crystal_treatment      ? 
_diffrn.details                ? 
_diffrn.id                     1 
_diffrn.ambient_pressure       ? 
_diffrn.ambient_pressure_esd   ? 
_diffrn.ambient_pressure_gt    ? 
_diffrn.ambient_pressure_lt    ? 
_diffrn.ambient_temp_gt        ? 
_diffrn.ambient_temp_lt        ? 
# 
_diffrn_detector.details                      'Pair of KB mirrors for adjustable focusing. Unfocused beam available tool' 
_diffrn_detector.detector                     PIXEL 
_diffrn_detector.diffrn_id                    1 
_diffrn_detector.type                         'DECTRIS PILATUS 6M' 
_diffrn_detector.area_resol_mean              ? 
_diffrn_detector.dtime                        ? 
_diffrn_detector.pdbx_frames_total            ? 
_diffrn_detector.pdbx_collection_time_total   ? 
_diffrn_detector.pdbx_collection_date         2015-10-24 
# 
_diffrn_radiation.collimation                      ? 
_diffrn_radiation.diffrn_id                        1 
_diffrn_radiation.filter_edge                      ? 
_diffrn_radiation.inhomogeneity                    ? 
_diffrn_radiation.monochromator                    'Channel-cut double crystal monochromator (CINEL), cryocooled, 6mm gap' 
_diffrn_radiation.polarisn_norm                    ? 
_diffrn_radiation.polarisn_ratio                   ? 
_diffrn_radiation.probe                            ? 
_diffrn_radiation.type                             ? 
_diffrn_radiation.xray_symbol                      ? 
_diffrn_radiation.wavelength_id                    1 
_diffrn_radiation.pdbx_monochromatic_or_laue_m_l   M 
_diffrn_radiation.pdbx_wavelength_list             ? 
_diffrn_radiation.pdbx_wavelength                  ? 
_diffrn_radiation.pdbx_diffrn_protocol             'SINGLE WAVELENGTH' 
_diffrn_radiation.pdbx_analyzer                    ? 
_diffrn_radiation.pdbx_scattering_type             x-ray 
# 
_diffrn_radiation_wavelength.id           1 
_diffrn_radiation_wavelength.wavelength   0.97949 
_diffrn_radiation_wavelength.wt           1.0 
# 
_diffrn_source.current                     ? 
_diffrn_source.details                     ? 
_diffrn_source.diffrn_id                   1 
_diffrn_source.power                       ? 
_diffrn_source.size                        ? 
_diffrn_source.source                      SYNCHROTRON 
_diffrn_source.target                      ? 
_diffrn_source.type                        'ALBA BEAMLINE XALOC' 
_diffrn_source.voltage                     ? 
_diffrn_source.take-off_angle              ? 
_diffrn_source.pdbx_wavelength_list        0.97949 
_diffrn_source.pdbx_wavelength             ? 
_diffrn_source.pdbx_synchrotron_beamline   XALOC 
_diffrn_source.pdbx_synchrotron_site       ALBA 
# 
_reflns.B_iso_Wilson_estimate            18.370 
_reflns.entry_id                         5IHK 
_reflns.data_reduction_details           ? 
_reflns.data_reduction_method            ? 
_reflns.d_resolution_high                1.350 
_reflns.d_resolution_low                 19.930 
_reflns.details                          ? 
_reflns.limit_h_max                      ? 
_reflns.limit_h_min                      ? 
_reflns.limit_k_max                      ? 
_reflns.limit_k_min                      ? 
_reflns.limit_l_max                      ? 
_reflns.limit_l_min                      ? 
_reflns.number_all                       ? 
_reflns.number_obs                       15744 
_reflns.observed_criterion               ? 
_reflns.observed_criterion_F_max         ? 
_reflns.observed_criterion_F_min         ? 
_reflns.observed_criterion_I_max         ? 
_reflns.observed_criterion_I_min         ? 
_reflns.observed_criterion_sigma_F       0 
_reflns.observed_criterion_sigma_I       0 
_reflns.percent_possible_obs             97.900 
_reflns.R_free_details                   ? 
_reflns.Rmerge_F_all                     ? 
_reflns.Rmerge_F_obs                     ? 
_reflns.Friedel_coverage                 ? 
_reflns.number_gt                        ? 
_reflns.threshold_expression             ? 
_reflns.pdbx_redundancy                  12.100 
_reflns.pdbx_Rmerge_I_obs                0.032 
_reflns.pdbx_Rmerge_I_all                ? 
_reflns.pdbx_Rsym_value                  ? 
_reflns.pdbx_netI_over_av_sigmaI         ? 
_reflns.pdbx_netI_over_sigmaI            32.100 
_reflns.pdbx_res_netI_over_av_sigmaI_2   ? 
_reflns.pdbx_res_netI_over_sigmaI_2      ? 
_reflns.pdbx_chi_squared                 ? 
_reflns.pdbx_scaling_rejects             ? 
_reflns.pdbx_d_res_high_opt              ? 
_reflns.pdbx_d_res_low_opt               ? 
_reflns.pdbx_d_res_opt_method            ? 
_reflns.phase_calculation_details        ? 
_reflns.pdbx_Rrim_I_all                  ? 
_reflns.pdbx_Rpim_I_all                  ? 
_reflns.pdbx_d_opt                       ? 
_reflns.pdbx_number_measured_all         ? 
_reflns.pdbx_diffrn_id                   1 
_reflns.pdbx_ordinal                     1 
_reflns.pdbx_CC_half                     1.000 
_reflns.pdbx_R_split                     ? 
# 
loop_
_reflns_shell.d_res_high 
_reflns_shell.d_res_low 
_reflns_shell.meanI_over_sigI_all 
_reflns_shell.meanI_over_sigI_obs 
_reflns_shell.number_measured_all 
_reflns_shell.number_measured_obs 
_reflns_shell.number_possible 
_reflns_shell.number_unique_all 
_reflns_shell.number_unique_obs 
_reflns_shell.percent_possible_all 
_reflns_shell.percent_possible_obs 
_reflns_shell.Rmerge_F_all 
_reflns_shell.Rmerge_F_obs 
_reflns_shell.Rmerge_I_all 
_reflns_shell.Rmerge_I_obs 
_reflns_shell.meanI_over_sigI_gt 
_reflns_shell.meanI_over_uI_all 
_reflns_shell.meanI_over_uI_gt 
_reflns_shell.number_measured_gt 
_reflns_shell.number_unique_gt 
_reflns_shell.percent_possible_gt 
_reflns_shell.Rmerge_F_gt 
_reflns_shell.Rmerge_I_gt 
_reflns_shell.pdbx_redundancy 
_reflns_shell.pdbx_Rsym_value 
_reflns_shell.pdbx_chi_squared 
_reflns_shell.pdbx_netI_over_sigmaI_all 
_reflns_shell.pdbx_netI_over_sigmaI_obs 
_reflns_shell.pdbx_Rrim_I_all 
_reflns_shell.pdbx_Rpim_I_all 
_reflns_shell.pdbx_rejects 
_reflns_shell.pdbx_ordinal 
_reflns_shell.pdbx_diffrn_id 
_reflns_shell.pdbx_CC_half 
_reflns_shell.pdbx_R_split 
1.350 1.370  ? ? ? ? ? ? ? 97.400 ? ? ? ? 0.827 ? ? ? ? ? ? ? ? 10.600 ? ? ? ? ? ? ? 1 1 ? ? 
7.390 19.930 ? ? ? ? ? ? ? 95.500 ? ? ? ? 0.019 ? ? ? ? ? ? ? ? 9.500  ? ? ? ? ? ? ? 2 1 ? ? 
# 
_refine.aniso_B[1][1]                            ? 
_refine.aniso_B[1][2]                            ? 
_refine.aniso_B[1][3]                            ? 
_refine.aniso_B[2][2]                            ? 
_refine.aniso_B[2][3]                            ? 
_refine.aniso_B[3][3]                            ? 
_refine.B_iso_max                                59.010 
_refine.B_iso_mean                               27.5182 
_refine.B_iso_min                                16.350 
_refine.correlation_coeff_Fo_to_Fc               ? 
_refine.correlation_coeff_Fo_to_Fc_free          ? 
_refine.details                                  ? 
_refine.diff_density_max                         ? 
_refine.diff_density_max_esd                     ? 
_refine.diff_density_min                         ? 
_refine.diff_density_min_esd                     ? 
_refine.diff_density_rms                         ? 
_refine.diff_density_rms_esd                     ? 
_refine.entry_id                                 5IHK 
_refine.pdbx_refine_id                           'X-RAY DIFFRACTION' 
_refine.ls_abs_structure_details                 ? 
_refine.ls_abs_structure_Flack                   ? 
_refine.ls_abs_structure_Flack_esd               ? 
_refine.ls_abs_structure_Rogers                  ? 
_refine.ls_abs_structure_Rogers_esd              ? 
_refine.ls_d_res_high                            1.3500 
_refine.ls_d_res_low                             19.9280 
_refine.ls_extinction_coef                       ? 
_refine.ls_extinction_coef_esd                   ? 
_refine.ls_extinction_expression                 ? 
_refine.ls_extinction_method                     ? 
_refine.ls_goodness_of_fit_all                   ? 
_refine.ls_goodness_of_fit_all_esd               ? 
_refine.ls_goodness_of_fit_obs                   ? 
_refine.ls_goodness_of_fit_obs_esd               ? 
_refine.ls_hydrogen_treatment                    ? 
_refine.ls_matrix_type                           ? 
_refine.ls_number_constraints                    ? 
_refine.ls_number_parameters                     ? 
_refine.ls_number_reflns_all                     ? 
_refine.ls_number_reflns_obs                     15678 
_refine.ls_number_reflns_R_free                  1477 
_refine.ls_number_reflns_R_work                  ? 
_refine.ls_number_restraints                     ? 
_refine.ls_percent_reflns_obs                    97.7300 
_refine.ls_percent_reflns_R_free                 5.0400 
_refine.ls_R_factor_all                          ? 
_refine.ls_R_factor_obs                          0.1604 
_refine.ls_R_factor_R_free                       0.1915 
_refine.ls_R_factor_R_free_error                 ? 
_refine.ls_R_factor_R_free_error_details         ? 
_refine.ls_R_factor_R_work                       0.1589 
_refine.ls_R_Fsqd_factor_obs                     ? 
_refine.ls_R_I_factor_obs                        ? 
_refine.ls_redundancy_reflns_all                 ? 
_refine.ls_redundancy_reflns_obs                 ? 
_refine.ls_restrained_S_all                      ? 
_refine.ls_restrained_S_obs                      ? 
_refine.ls_shift_over_esd_max                    ? 
_refine.ls_shift_over_esd_mean                   ? 
_refine.ls_structure_factor_coef                 ? 
_refine.ls_weighting_details                     ? 
_refine.ls_weighting_scheme                      ? 
_refine.ls_wR_factor_all                         ? 
_refine.ls_wR_factor_obs                         ? 
_refine.ls_wR_factor_R_free                      ? 
_refine.ls_wR_factor_R_work                      ? 
_refine.occupancy_max                            ? 
_refine.occupancy_min                            ? 
_refine.solvent_model_details                    ? 
_refine.solvent_model_param_bsol                 ? 
_refine.solvent_model_param_ksol                 ? 
_refine.ls_R_factor_gt                           ? 
_refine.ls_goodness_of_fit_gt                    ? 
_refine.ls_goodness_of_fit_ref                   ? 
_refine.ls_shift_over_su_max                     ? 
_refine.ls_shift_over_su_max_lt                  ? 
_refine.ls_shift_over_su_mean                    ? 
_refine.ls_shift_over_su_mean_lt                 ? 
_refine.pdbx_ls_sigma_I                          ? 
_refine.pdbx_ls_sigma_F                          0.570 
_refine.pdbx_ls_sigma_Fsqd                       ? 
_refine.pdbx_data_cutoff_high_absF               0 
_refine.pdbx_data_cutoff_high_rms_absF           ? 
_refine.pdbx_data_cutoff_low_absF                0 
_refine.pdbx_isotropic_thermal_model             ? 
_refine.pdbx_ls_cross_valid_method               'FREE R-VALUE' 
_refine.pdbx_method_to_determine_struct          'MOLECULAR REPLACEMENT' 
_refine.pdbx_starting_model                      3M0R 
_refine.pdbx_stereochemistry_target_values       ? 
_refine.pdbx_R_Free_selection_details            5 
_refine.pdbx_stereochem_target_val_spec_case     ? 
_refine.pdbx_overall_ESU_R                       ? 
_refine.pdbx_overall_ESU_R_Free                  ? 
_refine.pdbx_solvent_vdw_probe_radii             1.1100 
_refine.pdbx_solvent_ion_probe_radii             ? 
_refine.pdbx_solvent_shrinkage_radii             0.9000 
_refine.pdbx_real_space_R                        ? 
_refine.pdbx_density_correlation                 ? 
_refine.pdbx_pd_number_of_powder_patterns        ? 
_refine.pdbx_pd_number_of_points                 ? 
_refine.pdbx_pd_meas_number_of_points            ? 
_refine.pdbx_pd_proc_ls_prof_R_factor            ? 
_refine.pdbx_pd_proc_ls_prof_wR_factor           ? 
_refine.pdbx_pd_Marquardt_correlation_coeff      ? 
_refine.pdbx_pd_Fsqrd_R_factor                   ? 
_refine.pdbx_pd_ls_matrix_band_width             ? 
_refine.pdbx_overall_phase_error                 21.1400 
_refine.pdbx_overall_SU_R_free_Cruickshank_DPI   ? 
_refine.pdbx_overall_SU_R_free_Blow_DPI          ? 
_refine.pdbx_overall_SU_R_Blow_DPI               ? 
_refine.pdbx_TLS_residual_ADP_flag               ? 
_refine.pdbx_diffrn_id                           1 
_refine.overall_SU_B                             ? 
_refine.overall_SU_ML                            0.0900 
_refine.overall_SU_R_Cruickshank_DPI             ? 
_refine.overall_SU_R_free                        ? 
_refine.overall_FOM_free_R_set                   ? 
_refine.overall_FOM_work_R_set                   ? 
_refine.pdbx_average_fsc_overall                 ? 
_refine.pdbx_average_fsc_work                    ? 
_refine.pdbx_average_fsc_free                    ? 
# 
_refine_hist.cycle_id                         final 
_refine_hist.pdbx_refine_id                   'X-RAY DIFFRACTION' 
_refine_hist.d_res_high                       1.3500 
_refine_hist.d_res_low                        19.9280 
_refine_hist.pdbx_number_atoms_ligand         29 
_refine_hist.number_atoms_solvent             56 
_refine_hist.number_atoms_total               525 
_refine_hist.pdbx_number_residues_total       56 
_refine_hist.pdbx_B_iso_mean_ligand           45.38 
_refine_hist.pdbx_B_iso_mean_solvent          35.94 
_refine_hist.pdbx_number_atoms_protein        440 
_refine_hist.pdbx_number_atoms_nucleic_acid   0 
# 
loop_
_refine_ls_restr.pdbx_refine_id 
_refine_ls_restr.criterion 
_refine_ls_restr.dev_ideal 
_refine_ls_restr.dev_ideal_target 
_refine_ls_restr.number 
_refine_ls_restr.rejects 
_refine_ls_restr.type 
_refine_ls_restr.weight 
_refine_ls_restr.pdbx_restraint_function 
'X-RAY DIFFRACTION' ? 0.007  ? 464 ? f_bond_d           ? ? 
'X-RAY DIFFRACTION' ? 0.984  ? 631 ? f_angle_d          ? ? 
'X-RAY DIFFRACTION' ? 0.088  ? 72  ? f_chiral_restr     ? ? 
'X-RAY DIFFRACTION' ? 0.008  ? 78  ? f_plane_restr      ? ? 
'X-RAY DIFFRACTION' ? 14.527 ? 163 ? f_dihedral_angle_d ? ? 
# 
loop_
_refine_ls_shell.pdbx_refine_id 
_refine_ls_shell.d_res_high 
_refine_ls_shell.d_res_low 
_refine_ls_shell.number_reflns_all 
_refine_ls_shell.number_reflns_obs 
_refine_ls_shell.number_reflns_R_free 
_refine_ls_shell.number_reflns_R_work 
_refine_ls_shell.percent_reflns_obs 
_refine_ls_shell.percent_reflns_R_free 
_refine_ls_shell.R_factor_all 
_refine_ls_shell.R_factor_obs 
_refine_ls_shell.R_factor_R_free 
_refine_ls_shell.R_factor_R_free_error 
_refine_ls_shell.R_factor_R_work 
_refine_ls_shell.redundancy_reflns_all 
_refine_ls_shell.redundancy_reflns_obs 
_refine_ls_shell.wR_factor_all 
_refine_ls_shell.wR_factor_obs 
_refine_ls_shell.wR_factor_R_free 
_refine_ls_shell.wR_factor_R_work 
_refine_ls_shell.pdbx_total_number_of_bins_used 
_refine_ls_shell.pdbx_phase_error 
_refine_ls_shell.pdbx_fsc_work 
_refine_ls_shell.pdbx_fsc_free 
'X-RAY DIFFRACTION' 1.3500 1.3936  2668 . 154 2514 98.0000  . . . 0.2584 . 0.2282 . . . . . . 11 . . . 
'X-RAY DIFFRACTION' 1.3936 1.4434  2677 . 147 2530 98.0000  . . . 0.1967 . 0.1931 . . . . . . 11 . . . 
'X-RAY DIFFRACTION' 1.4434 1.5011  2702 . 151 2551 99.0000  . . . 0.1979 . 0.1540 . . . . . . 11 . . . 
'X-RAY DIFFRACTION' 1.5011 1.5694  2682 . 127 2555 98.0000  . . . 0.1984 . 0.1397 . . . . . . 11 . . . 
'X-RAY DIFFRACTION' 1.5694 1.6521  2683 . 128 2555 99.0000  . . . 0.1339 . 0.1213 . . . . . . 11 . . . 
'X-RAY DIFFRACTION' 1.6521 1.7556  2744 . 123 2621 100.0000 . . . 0.1449 . 0.1214 . . . . . . 11 . . . 
'X-RAY DIFFRACTION' 1.7556 1.8910  2684 . 126 2558 100.0000 . . . 0.1624 . 0.1235 . . . . . . 11 . . . 
'X-RAY DIFFRACTION' 1.8910 2.0812  2414 . 108 2306 88.0000  . . . 0.1843 . 0.1367 . . . . . . 11 . . . 
'X-RAY DIFFRACTION' 2.0812 2.3819  2627 . 143 2484 97.0000  . . . 0.1539 . 0.1463 . . . . . . 11 . . . 
'X-RAY DIFFRACTION' 2.3819 2.9993  2723 . 143 2580 100.0000 . . . 0.1842 . 0.1838 . . . . . . 11 . . . 
'X-RAY DIFFRACTION' 2.9993 19.9305 2689 . 127 2562 99.0000  . . . 0.2267 . 0.1668 . . . . . . 11 . . . 
# 
_struct.entry_id                     5IHK 
_struct.title                        'Crystal Structure of the alpha spectrin SH3 domain mutant N47A' 
_struct.pdbx_model_details           ? 
_struct.pdbx_formula_weight          ? 
_struct.pdbx_formula_weight_method   ? 
_struct.pdbx_model_type_details      ? 
_struct.pdbx_CASP_flag               ? 
# 
_struct_keywords.entry_id        5IHK 
_struct_keywords.text            'SH3-like barrel, structural protein' 
_struct_keywords.pdbx_keywords   'STRUCTURAL PROTEIN' 
# 
loop_
_struct_asym.id 
_struct_asym.pdbx_blank_PDB_chainid_flag 
_struct_asym.pdbx_modified 
_struct_asym.entity_id 
_struct_asym.details 
A N N 1 ? 
B N N 2 ? 
C N N 3 ? 
D N N 4 ? 
E N N 5 ? 
# 
_struct_ref.id                         1 
_struct_ref.db_name                    UNP 
_struct_ref.db_code                    SPTN1_CHICK 
_struct_ref.pdbx_db_accession          P07751 
_struct_ref.pdbx_db_isoform            ? 
_struct_ref.entity_id                  1 
_struct_ref.pdbx_seq_one_letter_code   DETGKELVLALYDYQEKSPREVTMKKGDILTLLNSTNKDWWKVEVNDRQGFVPAAYVKKLD 
_struct_ref.pdbx_align_begin           965 
# 
_struct_ref_seq.align_id                      1 
_struct_ref_seq.ref_id                        1 
_struct_ref_seq.pdbx_PDB_id_code              5IHK 
_struct_ref_seq.pdbx_strand_id                A 
_struct_ref_seq.seq_align_beg                 2 
_struct_ref_seq.pdbx_seq_align_beg_ins_code   ? 
_struct_ref_seq.seq_align_end                 62 
_struct_ref_seq.pdbx_seq_align_end_ins_code   ? 
_struct_ref_seq.pdbx_db_accession             P07751 
_struct_ref_seq.db_align_beg                  965 
_struct_ref_seq.pdbx_db_align_beg_ins_code    ? 
_struct_ref_seq.db_align_end                  1025 
_struct_ref_seq.pdbx_db_align_end_ins_code    ? 
_struct_ref_seq.pdbx_auth_seq_align_beg       2 
_struct_ref_seq.pdbx_auth_seq_align_end       62 
# 
loop_
_struct_ref_seq_dif.align_id 
_struct_ref_seq_dif.pdbx_pdb_id_code 
_struct_ref_seq_dif.mon_id 
_struct_ref_seq_dif.pdbx_pdb_strand_id 
_struct_ref_seq_dif.seq_num 
_struct_ref_seq_dif.pdbx_pdb_ins_code 
_struct_ref_seq_dif.pdbx_seq_db_name 
_struct_ref_seq_dif.pdbx_seq_db_accession_code 
_struct_ref_seq_dif.db_mon_id 
_struct_ref_seq_dif.pdbx_seq_db_seq_num 
_struct_ref_seq_dif.details 
_struct_ref_seq_dif.pdbx_auth_seq_num 
_struct_ref_seq_dif.pdbx_ordinal 
1 5IHK MET A 1  ? UNP P07751 ?   ?    'initiating methionine' 1  1 
1 5IHK ALA A 47 ? UNP P07751 ASN 1010 'engineered mutation'   47 2 
# 
_pdbx_struct_assembly.id                   1 
_pdbx_struct_assembly.details              software_defined_assembly 
_pdbx_struct_assembly.method_details       PISA 
_pdbx_struct_assembly.oligomeric_details   monomeric 
_pdbx_struct_assembly.oligomeric_count     1 
# 
loop_
_pdbx_struct_assembly_prop.biol_id 
_pdbx_struct_assembly_prop.type 
_pdbx_struct_assembly_prop.value 
_pdbx_struct_assembly_prop.details 
1 'ABSA (A^2)' 300  ? 
1 MORE         -11  ? 
1 'SSA (A^2)'  3760 ? 
# 
_pdbx_struct_assembly_gen.assembly_id       1 
_pdbx_struct_assembly_gen.oper_expression   1 
_pdbx_struct_assembly_gen.asym_id_list      A,B,C,D,E 
# 
_pdbx_struct_oper_list.id                   1 
_pdbx_struct_oper_list.type                 'identity operation' 
_pdbx_struct_oper_list.name                 1_555 
_pdbx_struct_oper_list.symmetry_operation   x,y,z 
_pdbx_struct_oper_list.matrix[1][1]         1.0000000000 
_pdbx_struct_oper_list.matrix[1][2]         0.0000000000 
_pdbx_struct_oper_list.matrix[1][3]         0.0000000000 
_pdbx_struct_oper_list.vector[1]            0.0000000000 
_pdbx_struct_oper_list.matrix[2][1]         0.0000000000 
_pdbx_struct_oper_list.matrix[2][2]         1.0000000000 
_pdbx_struct_oper_list.matrix[2][3]         0.0000000000 
_pdbx_struct_oper_list.vector[2]            0.0000000000 
_pdbx_struct_oper_list.matrix[3][1]         0.0000000000 
_pdbx_struct_oper_list.matrix[3][2]         0.0000000000 
_pdbx_struct_oper_list.matrix[3][3]         1.0000000000 
_pdbx_struct_oper_list.vector[3]            0.0000000000 
# 
_struct_sheet.id               AA1 
_struct_sheet.type             ? 
_struct_sheet.number_strands   5 
_struct_sheet.details          ? 
# 
loop_
_struct_sheet_order.sheet_id 
_struct_sheet_order.range_id_1 
_struct_sheet_order.range_id_2 
_struct_sheet_order.offset 
_struct_sheet_order.sense 
AA1 1 2 ? anti-parallel 
AA1 2 3 ? anti-parallel 
AA1 3 4 ? anti-parallel 
AA1 4 5 ? anti-parallel 
# 
loop_
_struct_sheet_range.sheet_id 
_struct_sheet_range.id 
_struct_sheet_range.beg_label_comp_id 
_struct_sheet_range.beg_label_asym_id 
_struct_sheet_range.beg_label_seq_id 
_struct_sheet_range.pdbx_beg_PDB_ins_code 
_struct_sheet_range.end_label_comp_id 
_struct_sheet_range.end_label_asym_id 
_struct_sheet_range.end_label_seq_id 
_struct_sheet_range.pdbx_end_PDB_ins_code 
_struct_sheet_range.beg_auth_comp_id 
_struct_sheet_range.beg_auth_asym_id 
_struct_sheet_range.beg_auth_seq_id 
_struct_sheet_range.end_auth_comp_id 
_struct_sheet_range.end_auth_asym_id 
_struct_sheet_range.end_auth_seq_id 
AA1 1 ARG A 49 ? PRO A 54 ? ARG A 49 PRO A 54 
AA1 2 TRP A 41 ? VAL A 46 ? TRP A 41 VAL A 46 
AA1 3 ILE A 30 ? ASN A 35 ? ILE A 30 ASN A 35 
AA1 4 LEU A 8  ? ALA A 11 ? LEU A 8  ALA A 11 
AA1 5 VAL A 58 ? LYS A 60 ? VAL A 58 LYS A 60 
# 
loop_
_pdbx_struct_sheet_hbond.sheet_id 
_pdbx_struct_sheet_hbond.range_id_1 
_pdbx_struct_sheet_hbond.range_id_2 
_pdbx_struct_sheet_hbond.range_1_label_atom_id 
_pdbx_struct_sheet_hbond.range_1_label_comp_id 
_pdbx_struct_sheet_hbond.range_1_label_asym_id 
_pdbx_struct_sheet_hbond.range_1_label_seq_id 
_pdbx_struct_sheet_hbond.range_1_PDB_ins_code 
_pdbx_struct_sheet_hbond.range_1_auth_atom_id 
_pdbx_struct_sheet_hbond.range_1_auth_comp_id 
_pdbx_struct_sheet_hbond.range_1_auth_asym_id 
_pdbx_struct_sheet_hbond.range_1_auth_seq_id 
_pdbx_struct_sheet_hbond.range_2_label_atom_id 
_pdbx_struct_sheet_hbond.range_2_label_comp_id 
_pdbx_struct_sheet_hbond.range_2_label_asym_id 
_pdbx_struct_sheet_hbond.range_2_label_seq_id 
_pdbx_struct_sheet_hbond.range_2_PDB_ins_code 
_pdbx_struct_sheet_hbond.range_2_auth_atom_id 
_pdbx_struct_sheet_hbond.range_2_auth_comp_id 
_pdbx_struct_sheet_hbond.range_2_auth_asym_id 
_pdbx_struct_sheet_hbond.range_2_auth_seq_id 
AA1 1 2 O GLY A 51 ? O GLY A 51 N VAL A 44 ? N VAL A 44 
AA1 2 3 O LYS A 43 ? O LYS A 43 N LEU A 34 ? N LEU A 34 
AA1 3 4 O LEU A 31 ? O LEU A 31 N VAL A 9  ? N VAL A 9  
AA1 4 5 N LEU A 10 ? N LEU A 10 O LYS A 59 ? O LYS A 59 
# 
loop_
_struct_site.id 
_struct_site.pdbx_evidence_code 
_struct_site.pdbx_auth_asym_id 
_struct_site.pdbx_auth_comp_id 
_struct_site.pdbx_auth_seq_id 
_struct_site.pdbx_auth_ins_code 
_struct_site.pdbx_num_residues 
_struct_site.details 
AC1 Software A SO4 101 ? 5 'binding site for residue SO4 A 101' 
AC2 Software A PRO 102 ? 7 'binding site for residue PRO A 102' 
AC3 Software A ACT 103 ? 2 'binding site for residue ACT A 103' 
# 
loop_
_struct_site_gen.id 
_struct_site_gen.site_id 
_struct_site_gen.pdbx_num_res 
_struct_site_gen.label_comp_id 
_struct_site_gen.label_asym_id 
_struct_site_gen.label_seq_id 
_struct_site_gen.pdbx_auth_ins_code 
_struct_site_gen.auth_comp_id 
_struct_site_gen.auth_asym_id 
_struct_site_gen.auth_seq_id 
_struct_site_gen.label_atom_id 
_struct_site_gen.label_alt_id 
_struct_site_gen.symmetry 
_struct_site_gen.details 
1  AC1 5 TRP A 42 ? TRP A 42  . ? 1_555 ? 
2  AC1 5 LYS A 59 ? LYS A 59  . ? 1_555 ? 
3  AC1 5 LYS A 60 ? LYS A 60  . ? 1_555 ? 
4  AC1 5 HOH E .  ? HOH A 203 . ? 1_555 ? 
5  AC1 5 HOH E .  ? HOH A 225 . ? 1_555 ? 
6  AC2 7 LYS A 6  ? LYS A 6   . ? 3_755 ? 
7  AC2 7 GLU A 7  ? GLU A 7   . ? 3_755 ? 
8  AC2 7 SER A 19 ? SER A 19  . ? 1_555 ? 
9  AC2 7 GLU A 22 ? GLU A 22  . ? 1_555 ? 
10 AC2 7 TRP A 41 ? TRP A 41  . ? 1_555 ? 
11 AC2 7 HOH E .  ? HOH A 205 . ? 1_555 ? 
12 AC2 7 HOH E .  ? HOH A 223 . ? 1_555 ? 
13 AC3 2 LYS A 43 ? LYS A 43  . ? 1_555 ? 
14 AC3 2 HOH E .  ? HOH A 242 . ? 1_555 ? 
# 
_pdbx_validate_torsion.id              1 
_pdbx_validate_torsion.PDB_model_num   1 
_pdbx_validate_torsion.auth_comp_id    ALA 
_pdbx_validate_torsion.auth_asym_id    A 
_pdbx_validate_torsion.auth_seq_id     47 
_pdbx_validate_torsion.PDB_ins_code    ? 
_pdbx_validate_torsion.label_alt_id    ? 
_pdbx_validate_torsion.phi             50.49 
_pdbx_validate_torsion.psi             -118.71 
# 
_phasing.method   MR 
# 
loop_
_pdbx_unobs_or_zero_occ_residues.id 
_pdbx_unobs_or_zero_occ_residues.PDB_model_num 
_pdbx_unobs_or_zero_occ_residues.polymer_flag 
_pdbx_unobs_or_zero_occ_residues.occupancy_flag 
_pdbx_unobs_or_zero_occ_residues.auth_asym_id 
_pdbx_unobs_or_zero_occ_residues.auth_comp_id 
_pdbx_unobs_or_zero_occ_residues.auth_seq_id 
_pdbx_unobs_or_zero_occ_residues.PDB_ins_code 
_pdbx_unobs_or_zero_occ_residues.label_asym_id 
_pdbx_unobs_or_zero_occ_residues.label_comp_id 
_pdbx_unobs_or_zero_occ_residues.label_seq_id 
1 1 Y 1 A MET 1  ? A MET 1  
2 1 Y 1 A ASP 2  ? A ASP 2  
3 1 Y 1 A GLU 3  ? A GLU 3  
4 1 Y 1 A THR 4  ? A THR 4  
5 1 Y 1 A GLY 5  ? A GLY 5  
6 1 Y 1 A ASP 62 ? A ASP 62 
# 
loop_
_chem_comp_atom.comp_id 
_chem_comp_atom.atom_id 
_chem_comp_atom.type_symbol 
_chem_comp_atom.pdbx_aromatic_flag 
_chem_comp_atom.pdbx_stereo_config 
_chem_comp_atom.pdbx_ordinal 
ACT C    C N N 1   
ACT O    O N N 2   
ACT OXT  O N N 3   
ACT CH3  C N N 4   
ACT H1   H N N 5   
ACT H2   H N N 6   
ACT H3   H N N 7   
ALA N    N N N 8   
ALA CA   C N S 9   
ALA C    C N N 10  
ALA O    O N N 11  
ALA CB   C N N 12  
ALA OXT  O N N 13  
ALA H    H N N 14  
ALA H2   H N N 15  
ALA HA   H N N 16  
ALA HB1  H N N 17  
ALA HB2  H N N 18  
ALA HB3  H N N 19  
ALA HXT  H N N 20  
ARG N    N N N 21  
ARG CA   C N S 22  
ARG C    C N N 23  
ARG O    O N N 24  
ARG CB   C N N 25  
ARG CG   C N N 26  
ARG CD   C N N 27  
ARG NE   N N N 28  
ARG CZ   C N N 29  
ARG NH1  N N N 30  
ARG NH2  N N N 31  
ARG OXT  O N N 32  
ARG H    H N N 33  
ARG H2   H N N 34  
ARG HA   H N N 35  
ARG HB2  H N N 36  
ARG HB3  H N N 37  
ARG HG2  H N N 38  
ARG HG3  H N N 39  
ARG HD2  H N N 40  
ARG HD3  H N N 41  
ARG HE   H N N 42  
ARG HH11 H N N 43  
ARG HH12 H N N 44  
ARG HH21 H N N 45  
ARG HH22 H N N 46  
ARG HXT  H N N 47  
ASN N    N N N 48  
ASN CA   C N S 49  
ASN C    C N N 50  
ASN O    O N N 51  
ASN CB   C N N 52  
ASN CG   C N N 53  
ASN OD1  O N N 54  
ASN ND2  N N N 55  
ASN OXT  O N N 56  
ASN H    H N N 57  
ASN H2   H N N 58  
ASN HA   H N N 59  
ASN HB2  H N N 60  
ASN HB3  H N N 61  
ASN HD21 H N N 62  
ASN HD22 H N N 63  
ASN HXT  H N N 64  
ASP N    N N N 65  
ASP CA   C N S 66  
ASP C    C N N 67  
ASP O    O N N 68  
ASP CB   C N N 69  
ASP CG   C N N 70  
ASP OD1  O N N 71  
ASP OD2  O N N 72  
ASP OXT  O N N 73  
ASP H    H N N 74  
ASP H2   H N N 75  
ASP HA   H N N 76  
ASP HB2  H N N 77  
ASP HB3  H N N 78  
ASP HD2  H N N 79  
ASP HXT  H N N 80  
GLN N    N N N 81  
GLN CA   C N S 82  
GLN C    C N N 83  
GLN O    O N N 84  
GLN CB   C N N 85  
GLN CG   C N N 86  
GLN CD   C N N 87  
GLN OE1  O N N 88  
GLN NE2  N N N 89  
GLN OXT  O N N 90  
GLN H    H N N 91  
GLN H2   H N N 92  
GLN HA   H N N 93  
GLN HB2  H N N 94  
GLN HB3  H N N 95  
GLN HG2  H N N 96  
GLN HG3  H N N 97  
GLN HE21 H N N 98  
GLN HE22 H N N 99  
GLN HXT  H N N 100 
GLU N    N N N 101 
GLU CA   C N S 102 
GLU C    C N N 103 
GLU O    O N N 104 
GLU CB   C N N 105 
GLU CG   C N N 106 
GLU CD   C N N 107 
GLU OE1  O N N 108 
GLU OE2  O N N 109 
GLU OXT  O N N 110 
GLU H    H N N 111 
GLU H2   H N N 112 
GLU HA   H N N 113 
GLU HB2  H N N 114 
GLU HB3  H N N 115 
GLU HG2  H N N 116 
GLU HG3  H N N 117 
GLU HE2  H N N 118 
GLU HXT  H N N 119 
GLY N    N N N 120 
GLY CA   C N N 121 
GLY C    C N N 122 
GLY O    O N N 123 
GLY OXT  O N N 124 
GLY H    H N N 125 
GLY H2   H N N 126 
GLY HA2  H N N 127 
GLY HA3  H N N 128 
GLY HXT  H N N 129 
HOH O    O N N 130 
HOH H1   H N N 131 
HOH H2   H N N 132 
ILE N    N N N 133 
ILE CA   C N S 134 
ILE C    C N N 135 
ILE O    O N N 136 
ILE CB   C N S 137 
ILE CG1  C N N 138 
ILE CG2  C N N 139 
ILE CD1  C N N 140 
ILE OXT  O N N 141 
ILE H    H N N 142 
ILE H2   H N N 143 
ILE HA   H N N 144 
ILE HB   H N N 145 
ILE HG12 H N N 146 
ILE HG13 H N N 147 
ILE HG21 H N N 148 
ILE HG22 H N N 149 
ILE HG23 H N N 150 
ILE HD11 H N N 151 
ILE HD12 H N N 152 
ILE HD13 H N N 153 
ILE HXT  H N N 154 
LEU N    N N N 155 
LEU CA   C N S 156 
LEU C    C N N 157 
LEU O    O N N 158 
LEU CB   C N N 159 
LEU CG   C N N 160 
LEU CD1  C N N 161 
LEU CD2  C N N 162 
LEU OXT  O N N 163 
LEU H    H N N 164 
LEU H2   H N N 165 
LEU HA   H N N 166 
LEU HB2  H N N 167 
LEU HB3  H N N 168 
LEU HG   H N N 169 
LEU HD11 H N N 170 
LEU HD12 H N N 171 
LEU HD13 H N N 172 
LEU HD21 H N N 173 
LEU HD22 H N N 174 
LEU HD23 H N N 175 
LEU HXT  H N N 176 
LYS N    N N N 177 
LYS CA   C N S 178 
LYS C    C N N 179 
LYS O    O N N 180 
LYS CB   C N N 181 
LYS CG   C N N 182 
LYS CD   C N N 183 
LYS CE   C N N 184 
LYS NZ   N N N 185 
LYS OXT  O N N 186 
LYS H    H N N 187 
LYS H2   H N N 188 
LYS HA   H N N 189 
LYS HB2  H N N 190 
LYS HB3  H N N 191 
LYS HG2  H N N 192 
LYS HG3  H N N 193 
LYS HD2  H N N 194 
LYS HD3  H N N 195 
LYS HE2  H N N 196 
LYS HE3  H N N 197 
LYS HZ1  H N N 198 
LYS HZ2  H N N 199 
LYS HZ3  H N N 200 
LYS HXT  H N N 201 
MET N    N N N 202 
MET CA   C N S 203 
MET C    C N N 204 
MET O    O N N 205 
MET CB   C N N 206 
MET CG   C N N 207 
MET SD   S N N 208 
MET CE   C N N 209 
MET OXT  O N N 210 
MET H    H N N 211 
MET H2   H N N 212 
MET HA   H N N 213 
MET HB2  H N N 214 
MET HB3  H N N 215 
MET HG2  H N N 216 
MET HG3  H N N 217 
MET HE1  H N N 218 
MET HE2  H N N 219 
MET HE3  H N N 220 
MET HXT  H N N 221 
PHE N    N N N 222 
PHE CA   C N S 223 
PHE C    C N N 224 
PHE O    O N N 225 
PHE CB   C N N 226 
PHE CG   C Y N 227 
PHE CD1  C Y N 228 
PHE CD2  C Y N 229 
PHE CE1  C Y N 230 
PHE CE2  C Y N 231 
PHE CZ   C Y N 232 
PHE OXT  O N N 233 
PHE H    H N N 234 
PHE H2   H N N 235 
PHE HA   H N N 236 
PHE HB2  H N N 237 
PHE HB3  H N N 238 
PHE HD1  H N N 239 
PHE HD2  H N N 240 
PHE HE1  H N N 241 
PHE HE2  H N N 242 
PHE HZ   H N N 243 
PHE HXT  H N N 244 
PRO N    N N N 245 
PRO CA   C N S 246 
PRO C    C N N 247 
PRO O    O N N 248 
PRO CB   C N N 249 
PRO CG   C N N 250 
PRO CD   C N N 251 
PRO OXT  O N N 252 
PRO H    H N N 253 
PRO HA   H N N 254 
PRO HB2  H N N 255 
PRO HB3  H N N 256 
PRO HG2  H N N 257 
PRO HG3  H N N 258 
PRO HD2  H N N 259 
PRO HD3  H N N 260 
PRO HXT  H N N 261 
SER N    N N N 262 
SER CA   C N S 263 
SER C    C N N 264 
SER O    O N N 265 
SER CB   C N N 266 
SER OG   O N N 267 
SER OXT  O N N 268 
SER H    H N N 269 
SER H2   H N N 270 
SER HA   H N N 271 
SER HB2  H N N 272 
SER HB3  H N N 273 
SER HG   H N N 274 
SER HXT  H N N 275 
SO4 S    S N N 276 
SO4 O1   O N N 277 
SO4 O2   O N N 278 
SO4 O3   O N N 279 
SO4 O4   O N N 280 
THR N    N N N 281 
THR CA   C N S 282 
THR C    C N N 283 
THR O    O N N 284 
THR CB   C N R 285 
THR OG1  O N N 286 
THR CG2  C N N 287 
THR OXT  O N N 288 
THR H    H N N 289 
THR H2   H N N 290 
THR HA   H N N 291 
THR HB   H N N 292 
THR HG1  H N N 293 
THR HG21 H N N 294 
THR HG22 H N N 295 
THR HG23 H N N 296 
THR HXT  H N N 297 
TRP N    N N N 298 
TRP CA   C N S 299 
TRP C    C N N 300 
TRP O    O N N 301 
TRP CB   C N N 302 
TRP CG   C Y N 303 
TRP CD1  C Y N 304 
TRP CD2  C Y N 305 
TRP NE1  N Y N 306 
TRP CE2  C Y N 307 
TRP CE3  C Y N 308 
TRP CZ2  C Y N 309 
TRP CZ3  C Y N 310 
TRP CH2  C Y N 311 
TRP OXT  O N N 312 
TRP H    H N N 313 
TRP H2   H N N 314 
TRP HA   H N N 315 
TRP HB2  H N N 316 
TRP HB3  H N N 317 
TRP HD1  H N N 318 
TRP HE1  H N N 319 
TRP HE3  H N N 320 
TRP HZ2  H N N 321 
TRP HZ3  H N N 322 
TRP HH2  H N N 323 
TRP HXT  H N N 324 
TYR N    N N N 325 
TYR CA   C N S 326 
TYR C    C N N 327 
TYR O    O N N 328 
TYR CB   C N N 329 
TYR CG   C Y N 330 
TYR CD1  C Y N 331 
TYR CD2  C Y N 332 
TYR CE1  C Y N 333 
TYR CE2  C Y N 334 
TYR CZ   C Y N 335 
TYR OH   O N N 336 
TYR OXT  O N N 337 
TYR H    H N N 338 
TYR H2   H N N 339 
TYR HA   H N N 340 
TYR HB2  H N N 341 
TYR HB3  H N N 342 
TYR HD1  H N N 343 
TYR HD2  H N N 344 
TYR HE1  H N N 345 
TYR HE2  H N N 346 
TYR HH   H N N 347 
TYR HXT  H N N 348 
VAL N    N N N 349 
VAL CA   C N S 350 
VAL C    C N N 351 
VAL O    O N N 352 
VAL CB   C N N 353 
VAL CG1  C N N 354 
VAL CG2  C N N 355 
VAL OXT  O N N 356 
VAL H    H N N 357 
VAL H2   H N N 358 
VAL HA   H N N 359 
VAL HB   H N N 360 
VAL HG11 H N N 361 
VAL HG12 H N N 362 
VAL HG13 H N N 363 
VAL HG21 H N N 364 
VAL HG22 H N N 365 
VAL HG23 H N N 366 
VAL HXT  H N N 367 
# 
loop_
_chem_comp_bond.comp_id 
_chem_comp_bond.atom_id_1 
_chem_comp_bond.atom_id_2 
_chem_comp_bond.value_order 
_chem_comp_bond.pdbx_aromatic_flag 
_chem_comp_bond.pdbx_stereo_config 
_chem_comp_bond.pdbx_ordinal 
ACT C   O    doub N N 1   
ACT C   OXT  sing N N 2   
ACT C   CH3  sing N N 3   
ACT CH3 H1   sing N N 4   
ACT CH3 H2   sing N N 5   
ACT CH3 H3   sing N N 6   
ALA N   CA   sing N N 7   
ALA N   H    sing N N 8   
ALA N   H2   sing N N 9   
ALA CA  C    sing N N 10  
ALA CA  CB   sing N N 11  
ALA CA  HA   sing N N 12  
ALA C   O    doub N N 13  
ALA C   OXT  sing N N 14  
ALA CB  HB1  sing N N 15  
ALA CB  HB2  sing N N 16  
ALA CB  HB3  sing N N 17  
ALA OXT HXT  sing N N 18  
ARG N   CA   sing N N 19  
ARG N   H    sing N N 20  
ARG N   H2   sing N N 21  
ARG CA  C    sing N N 22  
ARG CA  CB   sing N N 23  
ARG CA  HA   sing N N 24  
ARG C   O    doub N N 25  
ARG C   OXT  sing N N 26  
ARG CB  CG   sing N N 27  
ARG CB  HB2  sing N N 28  
ARG CB  HB3  sing N N 29  
ARG CG  CD   sing N N 30  
ARG CG  HG2  sing N N 31  
ARG CG  HG3  sing N N 32  
ARG CD  NE   sing N N 33  
ARG CD  HD2  sing N N 34  
ARG CD  HD3  sing N N 35  
ARG NE  CZ   sing N N 36  
ARG NE  HE   sing N N 37  
ARG CZ  NH1  sing N N 38  
ARG CZ  NH2  doub N N 39  
ARG NH1 HH11 sing N N 40  
ARG NH1 HH12 sing N N 41  
ARG NH2 HH21 sing N N 42  
ARG NH2 HH22 sing N N 43  
ARG OXT HXT  sing N N 44  
ASN N   CA   sing N N 45  
ASN N   H    sing N N 46  
ASN N   H2   sing N N 47  
ASN CA  C    sing N N 48  
ASN CA  CB   sing N N 49  
ASN CA  HA   sing N N 50  
ASN C   O    doub N N 51  
ASN C   OXT  sing N N 52  
ASN CB  CG   sing N N 53  
ASN CB  HB2  sing N N 54  
ASN CB  HB3  sing N N 55  
ASN CG  OD1  doub N N 56  
ASN CG  ND2  sing N N 57  
ASN ND2 HD21 sing N N 58  
ASN ND2 HD22 sing N N 59  
ASN OXT HXT  sing N N 60  
ASP N   CA   sing N N 61  
ASP N   H    sing N N 62  
ASP N   H2   sing N N 63  
ASP CA  C    sing N N 64  
ASP CA  CB   sing N N 65  
ASP CA  HA   sing N N 66  
ASP C   O    doub N N 67  
ASP C   OXT  sing N N 68  
ASP CB  CG   sing N N 69  
ASP CB  HB2  sing N N 70  
ASP CB  HB3  sing N N 71  
ASP CG  OD1  doub N N 72  
ASP CG  OD2  sing N N 73  
ASP OD2 HD2  sing N N 74  
ASP OXT HXT  sing N N 75  
GLN N   CA   sing N N 76  
GLN N   H    sing N N 77  
GLN N   H2   sing N N 78  
GLN CA  C    sing N N 79  
GLN CA  CB   sing N N 80  
GLN CA  HA   sing N N 81  
GLN C   O    doub N N 82  
GLN C   OXT  sing N N 83  
GLN CB  CG   sing N N 84  
GLN CB  HB2  sing N N 85  
GLN CB  HB3  sing N N 86  
GLN CG  CD   sing N N 87  
GLN CG  HG2  sing N N 88  
GLN CG  HG3  sing N N 89  
GLN CD  OE1  doub N N 90  
GLN CD  NE2  sing N N 91  
GLN NE2 HE21 sing N N 92  
GLN NE2 HE22 sing N N 93  
GLN OXT HXT  sing N N 94  
GLU N   CA   sing N N 95  
GLU N   H    sing N N 96  
GLU N   H2   sing N N 97  
GLU CA  C    sing N N 98  
GLU CA  CB   sing N N 99  
GLU CA  HA   sing N N 100 
GLU C   O    doub N N 101 
GLU C   OXT  sing N N 102 
GLU CB  CG   sing N N 103 
GLU CB  HB2  sing N N 104 
GLU CB  HB3  sing N N 105 
GLU CG  CD   sing N N 106 
GLU CG  HG2  sing N N 107 
GLU CG  HG3  sing N N 108 
GLU CD  OE1  doub N N 109 
GLU CD  OE2  sing N N 110 
GLU OE2 HE2  sing N N 111 
GLU OXT HXT  sing N N 112 
GLY N   CA   sing N N 113 
GLY N   H    sing N N 114 
GLY N   H2   sing N N 115 
GLY CA  C    sing N N 116 
GLY CA  HA2  sing N N 117 
GLY CA  HA3  sing N N 118 
GLY C   O    doub N N 119 
GLY C   OXT  sing N N 120 
GLY OXT HXT  sing N N 121 
HOH O   H1   sing N N 122 
HOH O   H2   sing N N 123 
ILE N   CA   sing N N 124 
ILE N   H    sing N N 125 
ILE N   H2   sing N N 126 
ILE CA  C    sing N N 127 
ILE CA  CB   sing N N 128 
ILE CA  HA   sing N N 129 
ILE C   O    doub N N 130 
ILE C   OXT  sing N N 131 
ILE CB  CG1  sing N N 132 
ILE CB  CG2  sing N N 133 
ILE CB  HB   sing N N 134 
ILE CG1 CD1  sing N N 135 
ILE CG1 HG12 sing N N 136 
ILE CG1 HG13 sing N N 137 
ILE CG2 HG21 sing N N 138 
ILE CG2 HG22 sing N N 139 
ILE CG2 HG23 sing N N 140 
ILE CD1 HD11 sing N N 141 
ILE CD1 HD12 sing N N 142 
ILE CD1 HD13 sing N N 143 
ILE OXT HXT  sing N N 144 
LEU N   CA   sing N N 145 
LEU N   H    sing N N 146 
LEU N   H2   sing N N 147 
LEU CA  C    sing N N 148 
LEU CA  CB   sing N N 149 
LEU CA  HA   sing N N 150 
LEU C   O    doub N N 151 
LEU C   OXT  sing N N 152 
LEU CB  CG   sing N N 153 
LEU CB  HB2  sing N N 154 
LEU CB  HB3  sing N N 155 
LEU CG  CD1  sing N N 156 
LEU CG  CD2  sing N N 157 
LEU CG  HG   sing N N 158 
LEU CD1 HD11 sing N N 159 
LEU CD1 HD12 sing N N 160 
LEU CD1 HD13 sing N N 161 
LEU CD2 HD21 sing N N 162 
LEU CD2 HD22 sing N N 163 
LEU CD2 HD23 sing N N 164 
LEU OXT HXT  sing N N 165 
LYS N   CA   sing N N 166 
LYS N   H    sing N N 167 
LYS N   H2   sing N N 168 
LYS CA  C    sing N N 169 
LYS CA  CB   sing N N 170 
LYS CA  HA   sing N N 171 
LYS C   O    doub N N 172 
LYS C   OXT  sing N N 173 
LYS CB  CG   sing N N 174 
LYS CB  HB2  sing N N 175 
LYS CB  HB3  sing N N 176 
LYS CG  CD   sing N N 177 
LYS CG  HG2  sing N N 178 
LYS CG  HG3  sing N N 179 
LYS CD  CE   sing N N 180 
LYS CD  HD2  sing N N 181 
LYS CD  HD3  sing N N 182 
LYS CE  NZ   sing N N 183 
LYS CE  HE2  sing N N 184 
LYS CE  HE3  sing N N 185 
LYS NZ  HZ1  sing N N 186 
LYS NZ  HZ2  sing N N 187 
LYS NZ  HZ3  sing N N 188 
LYS OXT HXT  sing N N 189 
MET N   CA   sing N N 190 
MET N   H    sing N N 191 
MET N   H2   sing N N 192 
MET CA  C    sing N N 193 
MET CA  CB   sing N N 194 
MET CA  HA   sing N N 195 
MET C   O    doub N N 196 
MET C   OXT  sing N N 197 
MET CB  CG   sing N N 198 
MET CB  HB2  sing N N 199 
MET CB  HB3  sing N N 200 
MET CG  SD   sing N N 201 
MET CG  HG2  sing N N 202 
MET CG  HG3  sing N N 203 
MET SD  CE   sing N N 204 
MET CE  HE1  sing N N 205 
MET CE  HE2  sing N N 206 
MET CE  HE3  sing N N 207 
MET OXT HXT  sing N N 208 
PHE N   CA   sing N N 209 
PHE N   H    sing N N 210 
PHE N   H2   sing N N 211 
PHE CA  C    sing N N 212 
PHE CA  CB   sing N N 213 
PHE CA  HA   sing N N 214 
PHE C   O    doub N N 215 
PHE C   OXT  sing N N 216 
PHE CB  CG   sing N N 217 
PHE CB  HB2  sing N N 218 
PHE CB  HB3  sing N N 219 
PHE CG  CD1  doub Y N 220 
PHE CG  CD2  sing Y N 221 
PHE CD1 CE1  sing Y N 222 
PHE CD1 HD1  sing N N 223 
PHE CD2 CE2  doub Y N 224 
PHE CD2 HD2  sing N N 225 
PHE CE1 CZ   doub Y N 226 
PHE CE1 HE1  sing N N 227 
PHE CE2 CZ   sing Y N 228 
PHE CE2 HE2  sing N N 229 
PHE CZ  HZ   sing N N 230 
PHE OXT HXT  sing N N 231 
PRO N   CA   sing N N 232 
PRO N   CD   sing N N 233 
PRO N   H    sing N N 234 
PRO CA  C    sing N N 235 
PRO CA  CB   sing N N 236 
PRO CA  HA   sing N N 237 
PRO C   O    doub N N 238 
PRO C   OXT  sing N N 239 
PRO CB  CG   sing N N 240 
PRO CB  HB2  sing N N 241 
PRO CB  HB3  sing N N 242 
PRO CG  CD   sing N N 243 
PRO CG  HG2  sing N N 244 
PRO CG  HG3  sing N N 245 
PRO CD  HD2  sing N N 246 
PRO CD  HD3  sing N N 247 
PRO OXT HXT  sing N N 248 
SER N   CA   sing N N 249 
SER N   H    sing N N 250 
SER N   H2   sing N N 251 
SER CA  C    sing N N 252 
SER CA  CB   sing N N 253 
SER CA  HA   sing N N 254 
SER C   O    doub N N 255 
SER C   OXT  sing N N 256 
SER CB  OG   sing N N 257 
SER CB  HB2  sing N N 258 
SER CB  HB3  sing N N 259 
SER OG  HG   sing N N 260 
SER OXT HXT  sing N N 261 
SO4 S   O1   doub N N 262 
SO4 S   O2   doub N N 263 
SO4 S   O3   sing N N 264 
SO4 S   O4   sing N N 265 
THR N   CA   sing N N 266 
THR N   H    sing N N 267 
THR N   H2   sing N N 268 
THR CA  C    sing N N 269 
THR CA  CB   sing N N 270 
THR CA  HA   sing N N 271 
THR C   O    doub N N 272 
THR C   OXT  sing N N 273 
THR CB  OG1  sing N N 274 
THR CB  CG2  sing N N 275 
THR CB  HB   sing N N 276 
THR OG1 HG1  sing N N 277 
THR CG2 HG21 sing N N 278 
THR CG2 HG22 sing N N 279 
THR CG2 HG23 sing N N 280 
THR OXT HXT  sing N N 281 
TRP N   CA   sing N N 282 
TRP N   H    sing N N 283 
TRP N   H2   sing N N 284 
TRP CA  C    sing N N 285 
TRP CA  CB   sing N N 286 
TRP CA  HA   sing N N 287 
TRP C   O    doub N N 288 
TRP C   OXT  sing N N 289 
TRP CB  CG   sing N N 290 
TRP CB  HB2  sing N N 291 
TRP CB  HB3  sing N N 292 
TRP CG  CD1  doub Y N 293 
TRP CG  CD2  sing Y N 294 
TRP CD1 NE1  sing Y N 295 
TRP CD1 HD1  sing N N 296 
TRP CD2 CE2  doub Y N 297 
TRP CD2 CE3  sing Y N 298 
TRP NE1 CE2  sing Y N 299 
TRP NE1 HE1  sing N N 300 
TRP CE2 CZ2  sing Y N 301 
TRP CE3 CZ3  doub Y N 302 
TRP CE3 HE3  sing N N 303 
TRP CZ2 CH2  doub Y N 304 
TRP CZ2 HZ2  sing N N 305 
TRP CZ3 CH2  sing Y N 306 
TRP CZ3 HZ3  sing N N 307 
TRP CH2 HH2  sing N N 308 
TRP OXT HXT  sing N N 309 
TYR N   CA   sing N N 310 
TYR N   H    sing N N 311 
TYR N   H2   sing N N 312 
TYR CA  C    sing N N 313 
TYR CA  CB   sing N N 314 
TYR CA  HA   sing N N 315 
TYR C   O    doub N N 316 
TYR C   OXT  sing N N 317 
TYR CB  CG   sing N N 318 
TYR CB  HB2  sing N N 319 
TYR CB  HB3  sing N N 320 
TYR CG  CD1  doub Y N 321 
TYR CG  CD2  sing Y N 322 
TYR CD1 CE1  sing Y N 323 
TYR CD1 HD1  sing N N 324 
TYR CD2 CE2  doub Y N 325 
TYR CD2 HD2  sing N N 326 
TYR CE1 CZ   doub Y N 327 
TYR CE1 HE1  sing N N 328 
TYR CE2 CZ   sing Y N 329 
TYR CE2 HE2  sing N N 330 
TYR CZ  OH   sing N N 331 
TYR OH  HH   sing N N 332 
TYR OXT HXT  sing N N 333 
VAL N   CA   sing N N 334 
VAL N   H    sing N N 335 
VAL N   H2   sing N N 336 
VAL CA  C    sing N N 337 
VAL CA  CB   sing N N 338 
VAL CA  HA   sing N N 339 
VAL C   O    doub N N 340 
VAL C   OXT  sing N N 341 
VAL CB  CG1  sing N N 342 
VAL CB  CG2  sing N N 343 
VAL CB  HB   sing N N 344 
VAL CG1 HG11 sing N N 345 
VAL CG1 HG12 sing N N 346 
VAL CG1 HG13 sing N N 347 
VAL CG2 HG21 sing N N 348 
VAL CG2 HG22 sing N N 349 
VAL CG2 HG23 sing N N 350 
VAL OXT HXT  sing N N 351 
# 
_pdbx_initial_refinement_model.id               1 
_pdbx_initial_refinement_model.entity_id_list   ? 
_pdbx_initial_refinement_model.type             'experimental model' 
_pdbx_initial_refinement_model.source_name      PDB 
_pdbx_initial_refinement_model.accession_code   3M0R 
_pdbx_initial_refinement_model.details          ? 
# 
_atom_sites.entry_id                    5IHK 
_atom_sites.fract_transf_matrix[1][1]   0.00521236 
_atom_sites.fract_transf_matrix[1][2]   -0.01562497 
_atom_sites.fract_transf_matrix[1][3]   0.02484128 
_atom_sites.fract_transf_matrix[2][1]   -0.02323404 
_atom_sites.fract_transf_matrix[2][2]   -0.00253279 
_atom_sites.fract_transf_matrix[2][3]   0.00328201 
_atom_sites.fract_transf_matrix[3][1]   0.00033388 
_atom_sites.fract_transf_matrix[3][2]   -0.01705129 
_atom_sites.fract_transf_matrix[3][3]   -0.01079518 
_atom_sites.fract_transf_vector[1]      0.995754 
_atom_sites.fract_transf_vector[2]      1.117566 
_atom_sites.fract_transf_vector[3]      0.335549 
# 
loop_
_atom_type.symbol 
C 
H 
N 
O 
S 
# 
loop_
_atom_site.group_PDB 
_atom_site.id 
_atom_site.type_symbol 
_atom_site.label_atom_id 
_atom_site.label_alt_id 
_atom_site.label_comp_id 
_atom_site.label_asym_id 
_atom_site.label_entity_id 
_atom_site.label_seq_id 
_atom_site.pdbx_PDB_ins_code 
_atom_site.Cartn_x 
_atom_site.Cartn_y 
_atom_site.Cartn_z 
_atom_site.occupancy 
_atom_site.B_iso_or_equiv 
_atom_site.pdbx_formal_charge 
_atom_site.auth_seq_id 
_atom_site.auth_comp_id 
_atom_site.auth_asym_id 
_atom_site.auth_atom_id 
_atom_site.pdbx_PDB_model_num 
ATOM   1   N N    . LYS A 1 6  ? 2.730   10.927  5.893   1.00 39.99 ? 6   LYS A N    1 
ATOM   2   C CA   . LYS A 1 6  ? 4.130   11.074  5.536   0.95 36.29 ? 6   LYS A CA   1 
ATOM   3   C C    . LYS A 1 6  ? 4.997   9.930   6.081   0.80 30.59 ? 6   LYS A C    1 
ATOM   4   O O    . LYS A 1 6  ? 6.182   9.847   5.766   0.75 30.40 ? 6   LYS A O    1 
ATOM   5   C CB   . LYS A 1 6  ? 4.680   12.419  6.019   1.00 37.17 ? 6   LYS A CB   1 
ATOM   6   H H    . LYS A 1 6  ? 2.398   11.608  6.299   1.00 47.99 ? 6   LYS A H    1 
ATOM   7   H HA   . LYS A 1 6  ? 4.203   11.059  4.568   1.00 43.55 ? 6   LYS A HA   1 
ATOM   8   N N    . GLU A 1 7  ? 4.428   9.041   6.889   1.00 28.34 ? 7   GLU A N    1 
ATOM   9   C CA   . GLU A 1 7  ? 5.230   7.920   7.328   1.00 26.72 ? 7   GLU A CA   1 
ATOM   10  C C    . GLU A 1 7  ? 5.377   6.907   6.205   1.00 22.80 ? 7   GLU A C    1 
ATOM   11  O O    . GLU A 1 7  ? 4.657   6.932   5.200   1.00 25.30 ? 7   GLU A O    1 
ATOM   12  C CB   . GLU A 1 7  ? 4.701   7.301   8.618   1.00 35.46 ? 7   GLU A CB   1 
ATOM   13  C CG   . GLU A 1 7  ? 3.492   6.451   8.519   1.00 38.99 ? 7   GLU A CG   1 
ATOM   14  C CD   . GLU A 1 7  ? 2.931   6.135   9.903   1.00 43.23 ? 7   GLU A CD   1 
ATOM   15  O OE1  . GLU A 1 7  ? 3.577   5.364   10.652  1.00 44.92 ? 7   GLU A OE1  1 
ATOM   16  O OE2  . GLU A 1 7  ? 1.863   6.688   10.256  1.00 44.72 ? 7   GLU A OE2  1 
ATOM   17  H H    . GLU A 1 7  ? 3.620   9.064   7.181   1.00 34.00 ? 7   GLU A H    1 
ATOM   18  H HA   . GLU A 1 7  ? 6.120   8.252   7.523   1.00 32.06 ? 7   GLU A HA   1 
ATOM   19  H HB2  . GLU A 1 7  ? 5.405   6.751   8.998   1.00 42.56 ? 7   GLU A HB2  1 
ATOM   20  H HB3  . GLU A 1 7  ? 4.494   8.021   9.233   1.00 42.56 ? 7   GLU A HB3  1 
ATOM   21  H HG2  . GLU A 1 7  ? 2.811   6.919   8.013   1.00 46.79 ? 7   GLU A HG2  1 
ATOM   22  H HG3  . GLU A 1 7  ? 3.722   5.615   8.083   1.00 46.79 ? 7   GLU A HG3  1 
ATOM   23  N N    . LEU A 1 8  ? 6.358   6.034   6.375   1.00 21.91 ? 8   LEU A N    1 
ATOM   24  C CA   . LEU A 1 8  ? 6.711   5.031   5.386   1.00 21.39 ? 8   LEU A CA   1 
ATOM   25  C C    . LEU A 1 8  ? 6.259   3.659   5.863   1.00 21.69 ? 8   LEU A C    1 
ATOM   26  O O    . LEU A 1 8  ? 6.210   3.378   7.066   1.00 24.60 ? 8   LEU A O    1 
ATOM   27  C CB   . LEU A 1 8  ? 8.226   5.003   5.168   1.00 23.44 ? 8   LEU A CB   1 
ATOM   28  C CG   . LEU A 1 8  ? 8.800   6.339   4.724   1.00 22.92 ? 8   LEU A CG   1 
ATOM   29  C CD1  . LEU A 1 8  ? 10.306  6.242   4.609   1.00 25.61 ? 8   LEU A CD1  1 
ATOM   30  C CD2  . LEU A 1 8  ? 8.183   6.775   3.401   1.00 24.08 ? 8   LEU A CD2  1 
ATOM   31  H H    . LEU A 1 8  ? 6.849   6.003   7.080   1.00 26.30 ? 8   LEU A H    1 
ATOM   32  H HA   . LEU A 1 8  ? 6.276   5.230   4.543   1.00 25.67 ? 8   LEU A HA   1 
ATOM   33  H HB2  . LEU A 1 8  ? 8.658   4.756   6.001   1.00 28.13 ? 8   LEU A HB2  1 
ATOM   34  H HB3  . LEU A 1 8  ? 8.433   4.348   4.484   1.00 28.13 ? 8   LEU A HB3  1 
ATOM   35  H HG   . LEU A 1 8  ? 8.591   7.012   5.390   1.00 27.50 ? 8   LEU A HG   1 
ATOM   36  H HD11 . LEU A 1 8  ? 10.657  7.100   4.324   1.00 30.74 ? 8   LEU A HD11 1 
ATOM   37  H HD12 . LEU A 1 8  ? 10.673  6.004   5.474   1.00 30.74 ? 8   LEU A HD12 1 
ATOM   38  H HD13 . LEU A 1 8  ? 10.528  5.561   3.955   1.00 30.74 ? 8   LEU A HD13 1 
ATOM   39  H HD21 . LEU A 1 8  ? 8.565   7.628   3.141   1.00 28.90 ? 8   LEU A HD21 1 
ATOM   40  H HD22 . LEU A 1 8  ? 8.376   6.105   2.727   1.00 28.90 ? 8   LEU A HD22 1 
ATOM   41  H HD23 . LEU A 1 8  ? 7.223   6.863   3.515   1.00 28.90 ? 8   LEU A HD23 1 
ATOM   42  N N    . VAL A 1 9  ? 5.922   2.817   4.900   1.00 19.93 ? 9   VAL A N    1 
ATOM   43  C CA   . VAL A 1 9  ? 5.640   1.411   5.148   1.00 20.46 ? 9   VAL A CA   1 
ATOM   44  C C    . VAL A 1 9  ? 6.460   0.571   4.187   1.00 20.69 ? 9   VAL A C    1 
ATOM   45  O O    . VAL A 1 9  ? 6.817   1.006   3.088   1.00 20.66 ? 9   VAL A O    1 
ATOM   46  C CB   . VAL A 1 9  ? 4.132   1.065   5.032   1.00 20.91 ? 9   VAL A CB   1 
ATOM   47  C CG1  . VAL A 1 9  ? 3.317   1.937   5.966   1.00 22.88 ? 9   VAL A CG1  1 
ATOM   48  C CG2  . VAL A 1 9  ? 3.611   1.217   3.600   1.00 22.13 ? 9   VAL A CG2  1 
ATOM   49  H H    . VAL A 1 9  ? 5.848   3.041   4.073   1.00 23.92 ? 9   VAL A H    1 
ATOM   50  H HA   . VAL A 1 9  ? 5.924   1.192   6.050   1.00 24.55 ? 9   VAL A HA   1 
ATOM   51  H HB   . VAL A 1 9  ? 4.002   0.142   5.299   1.00 25.10 ? 9   VAL A HB   1 
ATOM   52  H HG11 . VAL A 1 9  ? 2.379   1.703   5.877   1.00 27.46 ? 9   VAL A HG11 1 
ATOM   53  H HG12 . VAL A 1 9  ? 3.611   1.785   6.878   1.00 27.46 ? 9   VAL A HG12 1 
ATOM   54  H HG13 . VAL A 1 9  ? 3.451   2.867   5.726   1.00 27.46 ? 9   VAL A HG13 1 
ATOM   55  H HG21 . VAL A 1 9  ? 2.668   0.989   3.583   1.00 26.55 ? 9   VAL A HG21 1 
ATOM   56  H HG22 . VAL A 1 9  ? 3.735   2.135   3.314   1.00 26.55 ? 9   VAL A HG22 1 
ATOM   57  H HG23 . VAL A 1 9  ? 4.106   0.619   3.019   1.00 26.55 ? 9   VAL A HG23 1 
ATOM   58  N N    . LEU A 1 10 ? 6.735   -0.656  4.611   1.00 20.07 ? 10  LEU A N    1 
ATOM   59  C CA   . LEU A 1 10 ? 7.451   -1.645  3.818   1.00 20.77 ? 10  LEU A CA   1 
ATOM   60  C C    . LEU A 1 10 ? 6.451   -2.633  3.241   1.00 20.20 ? 10  LEU A C    1 
ATOM   61  O O    . LEU A 1 10 ? 5.628   -3.182  3.981   1.00 20.83 ? 10  LEU A O    1 
ATOM   62  C CB   . LEU A 1 10 ? 8.416   -2.415  4.719   1.00 22.79 ? 10  LEU A CB   1 
ATOM   63  C CG   . LEU A 1 10 ? 9.127   -3.620  4.116   1.00 25.10 ? 10  LEU A CG   1 
ATOM   64  C CD1  . LEU A 1 10 ? 10.046  -3.177  3.002   1.00 25.56 ? 10  LEU A CD1  1 
ATOM   65  C CD2  . LEU A 1 10 ? 9.876   -4.396  5.180   1.00 26.22 ? 10  LEU A CD2  1 
ATOM   66  H H    . LEU A 1 10 ? 6.505   -0.949  5.386   1.00 24.09 ? 10  LEU A H    1 
ATOM   67  H HA   . LEU A 1 10 ? 7.944   -1.219  3.099   1.00 24.93 ? 10  LEU A HA   1 
ATOM   68  H HB2  . LEU A 1 10 ? 9.103   -1.800  5.019   1.00 27.35 ? 10  LEU A HB2  1 
ATOM   69  H HB3  . LEU A 1 10 ? 7.918   -2.734  5.488   1.00 27.35 ? 10  LEU A HB3  1 
ATOM   70  H HG   . LEU A 1 10 ? 8.463   -4.213  3.732   1.00 30.12 ? 10  LEU A HG   1 
ATOM   71  H HD11 . LEU A 1 10 ? 10.489  -3.955  2.631   1.00 30.67 ? 10  LEU A HD11 1 
ATOM   72  H HD12 . LEU A 1 10 ? 9.520   -2.736  2.317   1.00 30.67 ? 10  LEU A HD12 1 
ATOM   73  H HD13 . LEU A 1 10 ? 10.703  -2.562  3.363   1.00 30.67 ? 10  LEU A HD13 1 
ATOM   74  H HD21 . LEU A 1 10 ? 10.317  -5.154  4.765   1.00 31.46 ? 10  LEU A HD21 1 
ATOM   75  H HD22 . LEU A 1 10 ? 10.535  -3.813  5.589   1.00 31.46 ? 10  LEU A HD22 1 
ATOM   76  H HD23 . LEU A 1 10 ? 9.245   -4.704  5.847   1.00 31.46 ? 10  LEU A HD23 1 
ATOM   77  N N    . ALA A 1 11 ? 6.537   -2.884  1.930   1.00 19.35 ? 11  ALA A N    1 
ATOM   78  C CA   . ALA A 1 11 ? 5.726   -3.931  1.316   1.00 18.82 ? 11  ALA A CA   1 
ATOM   79  C C    . ALA A 1 11 ? 6.275   -5.293  1.724   1.00 19.40 ? 11  ALA A C    1 
ATOM   80  O O    . ALA A 1 11 ? 7.433   -5.619  1.426   1.00 21.40 ? 11  ALA A O    1 
ATOM   81  C CB   . ALA A 1 11 ? 5.757   -3.800  -0.204  1.00 20.18 ? 11  ALA A CB   1 
ATOM   82  H H    . ALA A 1 11 ? 7.052   -2.465  1.382   1.00 23.22 ? 11  ALA A H    1 
ATOM   83  H HA   . ALA A 1 11 ? 4.809   -3.858  1.620   1.00 22.59 ? 11  ALA A HA   1 
ATOM   84  H HB1  . ALA A 1 11 ? 5.214   -4.504  -0.591  1.00 24.22 ? 11  ALA A HB1  1 
ATOM   85  H HB2  . ALA A 1 11 ? 5.402   -2.932  -0.452  1.00 24.22 ? 11  ALA A HB2  1 
ATOM   86  H HB3  . ALA A 1 11 ? 6.674   -3.884  -0.509  1.00 24.22 ? 11  ALA A HB3  1 
ATOM   87  N N    . LEU A 1 12 ? 5.437   -6.102  2.372   1.00 19.92 ? 12  LEU A N    1 
ATOM   88  C CA   . LEU A 1 12 ? 5.830   -7.430  2.818   1.00 22.06 ? 12  LEU A CA   1 
ATOM   89  C C    . LEU A 1 12 ? 5.642   -8.493  1.749   1.00 22.79 ? 12  LEU A C    1 
ATOM   90  O O    . LEU A 1 12 ? 6.267   -9.561  1.847   1.00 24.92 ? 12  LEU A O    1 
ATOM   91  C CB   . LEU A 1 12 ? 5.020   -7.838  4.049   1.00 23.42 ? 12  LEU A CB   1 
ATOM   92  C CG   . LEU A 1 12 ? 5.190   -6.971  5.288   1.00 25.22 ? 12  LEU A CG   1 
ATOM   93  C CD1  . LEU A 1 12 ? 4.212   -7.424  6.348   1.00 25.97 ? 12  LEU A CD1  1 
ATOM   94  C CD2  . LEU A 1 12 ? 6.627   -7.022  5.802   1.00 26.59 ? 12  LEU A CD2  1 
ATOM   95  H H    . LEU A 1 12 ? 4.624   -5.899  2.564   1.00 23.90 ? 12  LEU A H    1 
ATOM   96  H HA   . LEU A 1 12 ? 6.769   -7.414  3.066   1.00 26.48 ? 12  LEU A HA   1 
ATOM   97  H HB2  . LEU A 1 12 ? 4.080   -7.822  3.812   1.00 28.11 ? 12  LEU A HB2  1 
ATOM   98  H HB3  . LEU A 1 12 ? 5.274   -8.742  4.293   1.00 28.11 ? 12  LEU A HB3  1 
ATOM   99  H HG   . LEU A 1 12 ? 4.983   -6.051  5.062   1.00 30.27 ? 12  LEU A HG   1 
ATOM   100 H HD11 . LEU A 1 12 ? 4.322   -6.870  7.136   1.00 31.16 ? 12  LEU A HD11 1 
ATOM   101 H HD12 . LEU A 1 12 ? 3.310   -7.335  6.004   1.00 31.16 ? 12  LEU A HD12 1 
ATOM   102 H HD13 . LEU A 1 12 ? 4.393   -8.352  6.568   1.00 31.16 ? 12  LEU A HD13 1 
ATOM   103 H HD21 . LEU A 1 12 ? 6.701   -6.460  6.588   1.00 31.91 ? 12  LEU A HD21 1 
ATOM   104 H HD22 . LEU A 1 12 ? 6.849   -7.939  6.027   1.00 31.91 ? 12  LEU A HD22 1 
ATOM   105 H HD23 . LEU A 1 12 ? 7.222   -6.698  5.107   1.00 31.91 ? 12  LEU A HD23 1 
ATOM   106 N N    . TYR A 1 13 ? 4.815   -8.214  0.738   1.00 21.61 ? 13  TYR A N    1 
ATOM   107 C CA   . TYR A 1 13 ? 4.472   -9.157  -0.322  1.00 23.38 ? 13  TYR A CA   1 
ATOM   108 C C    . TYR A 1 13 ? 4.245   -8.378  -1.604  1.00 22.70 ? 13  TYR A C    1 
ATOM   109 O O    . TYR A 1 13 ? 3.862   -7.206  -1.565  1.00 23.76 ? 13  TYR A O    1 
ATOM   110 C CB   . TYR A 1 13 ? 3.179   -9.930  0.011   1.00 24.59 ? 13  TYR A CB   1 
ATOM   111 C CG   . TYR A 1 13 ? 3.252   -10.688 1.319   1.00 22.88 ? 13  TYR A CG   1 
ATOM   112 C CD1  . TYR A 1 13 ? 3.966   -11.879 1.411   1.00 25.00 ? 13  TYR A CD1  1 
ATOM   113 C CD2  . TYR A 1 13 ? 2.626   -10.203 2.471   1.00 24.06 ? 13  TYR A CD2  1 
ATOM   114 C CE1  . TYR A 1 13 ? 4.060   -12.558 2.598   1.00 26.38 ? 13  TYR A CE1  1 
ATOM   115 C CE2  . TYR A 1 13 ? 2.727   -10.875 3.659   1.00 27.05 ? 13  TYR A CE2  1 
ATOM   116 C CZ   . TYR A 1 13 ? 3.458   -12.046 3.719   1.00 28.05 ? 13  TYR A CZ   1 
ATOM   117 O OH   . TYR A 1 13 ? 3.554   -12.744 4.893   1.00 31.75 ? 13  TYR A OH   1 
ATOM   118 H H    . TYR A 1 13 ? 4.425   -7.453  0.645   1.00 25.93 ? 13  TYR A H    1 
ATOM   119 H HA   . TYR A 1 13 ? 5.196   -9.788  -0.456  1.00 28.06 ? 13  TYR A HA   1 
ATOM   120 H HB2  . TYR A 1 13 ? 2.443   -9.300  0.072   1.00 29.51 ? 13  TYR A HB2  1 
ATOM   121 H HB3  . TYR A 1 13 ? 3.006   -10.571 -0.696  1.00 29.51 ? 13  TYR A HB3  1 
ATOM   122 H HD1  . TYR A 1 13 ? 4.394   -12.215 0.658   1.00 30.00 ? 13  TYR A HD1  1 
ATOM   123 H HD2  . TYR A 1 13 ? 2.154   -9.403  2.434   1.00 28.87 ? 13  TYR A HD2  1 
ATOM   124 H HE1  . TYR A 1 13 ? 4.546   -13.349 2.647   1.00 31.66 ? 13  TYR A HE1  1 
ATOM   125 H HE2  . TYR A 1 13 ? 2.311   -10.543 4.422   1.00 32.46 ? 13  TYR A HE2  1 
ATOM   126 H HH   . TYR A 1 13 ? 3.149   -12.334 5.505   1.00 38.09 ? 13  TYR A HH   1 
ATOM   127 N N    . ASP A 1 14 ? 4.459   -9.034  -2.746  1.00 23.71 ? 14  ASP A N    1 
ATOM   128 C CA   . ASP A 1 14 ? 3.943   -8.507  -3.999  1.00 24.70 ? 14  ASP A CA   1 
ATOM   129 C C    . ASP A 1 14 ? 2.419   -8.441  -3.907  1.00 24.60 ? 14  ASP A C    1 
ATOM   130 O O    . ASP A 1 14 ? 1.779   -9.296  -3.287  1.00 26.59 ? 14  ASP A O    1 
ATOM   131 C CB   . ASP A 1 14 ? 4.263   -9.443  -5.170  1.00 27.31 ? 14  ASP A CB   1 
ATOM   132 C CG   . ASP A 1 14 ? 5.741   -9.535  -5.516  1.00 30.43 ? 14  ASP A CG   1 
ATOM   133 O OD1  . ASP A 1 14 ? 6.550   -8.726  -5.044  1.00 29.05 ? 14  ASP A OD1  1 
ATOM   134 O OD2  . ASP A 1 14 ? 6.090   -10.434 -6.317  1.00 34.82 ? 14  ASP A OD2  1 
ATOM   135 H H    . ASP A 1 14 ? 4.890   -9.775  -2.817  1.00 28.45 ? 14  ASP A H    1 
ATOM   136 H HA   . ASP A 1 14 ? 4.301   -7.622  -4.175  1.00 29.64 ? 14  ASP A HA   1 
ATOM   137 H HB2  . ASP A 1 14 ? 3.956   -10.335 -4.947  1.00 32.78 ? 14  ASP A HB2  1 
ATOM   138 H HB3  . ASP A 1 14 ? 3.796   -9.125  -5.959  1.00 32.78 ? 14  ASP A HB3  1 
ATOM   139 N N    . TYR A 1 15 ? 1.834   -7.425  -4.539  1.00 23.79 ? 15  TYR A N    1 
ATOM   140 C CA   . TYR A 1 15 ? 0.376   -7.338  -4.628  1.00 22.72 ? 15  TYR A CA   1 
ATOM   141 C C    . TYR A 1 15 ? 0.017   -6.673  -5.945  1.00 22.72 ? 15  TYR A C    1 
ATOM   142 O O    . TYR A 1 15 ? 0.458   -5.555  -6.209  1.00 22.82 ? 15  TYR A O    1 
ATOM   143 C CB   . TYR A 1 15 ? -0.237  -6.553  -3.442  1.00 21.27 ? 15  TYR A CB   1 
ATOM   144 C CG   . TYR A 1 15 ? -1.739  -6.493  -3.540  1.00 20.75 ? 15  TYR A CG   1 
ATOM   145 C CD1  . TYR A 1 15 ? -2.490  -7.600  -3.237  1.00 21.67 ? 15  TYR A CD1  1 
ATOM   146 C CD2  . TYR A 1 15 ? -2.398  -5.355  -4.001  1.00 19.65 ? 15  TYR A CD2  1 
ATOM   147 C CE1  . TYR A 1 15 ? -3.853  -7.588  -3.359  1.00 21.84 ? 15  TYR A CE1  1 
ATOM   148 C CE2  . TYR A 1 15 ? -3.782  -5.347  -4.149  1.00 19.58 ? 15  TYR A CE2  1 
ATOM   149 C CZ   . TYR A 1 15 ? -4.484  -6.487  -3.844  1.00 21.73 ? 15  TYR A CZ   1 
ATOM   150 O OH   . TYR A 1 15 ? -5.862  -6.523  -3.960  1.00 23.77 ? 15  TYR A OH   1 
ATOM   151 H H    . TYR A 1 15 ? 2.253   -6.778  -4.920  1.00 28.55 ? 15  TYR A H    1 
ATOM   152 H HA   . TYR A 1 15 ? 0.001   -8.233  -4.626  1.00 27.26 ? 15  TYR A HA   1 
ATOM   153 H HB2  . TYR A 1 15 ? -0.003  -6.995  -2.611  1.00 25.53 ? 15  TYR A HB2  1 
ATOM   154 H HB3  . TYR A 1 15 ? 0.105   -5.645  -3.448  1.00 25.53 ? 15  TYR A HB3  1 
ATOM   155 H HD1  . TYR A 1 15 ? -2.066  -8.372  -2.936  1.00 26.01 ? 15  TYR A HD1  1 
ATOM   156 H HD2  . TYR A 1 15 ? -1.905  -4.603  -4.236  1.00 23.58 ? 15  TYR A HD2  1 
ATOM   157 H HE1  . TYR A 1 15 ? -4.344  -8.352  -3.157  1.00 26.21 ? 15  TYR A HE1  1 
ATOM   158 H HE2  . TYR A 1 15 ? -4.221  -4.589  -4.460  1.00 23.49 ? 15  TYR A HE2  1 
ATOM   159 H HH   . TYR A 1 15 ? -6.144  -5.794  -4.268  1.00 28.52 ? 15  TYR A HH   1 
ATOM   160 N N    . GLN A 1 16 ? -0.784  -7.348  -6.767  1.00 24.49 ? 16  GLN A N    1 
ATOM   161 C CA   . GLN A 1 16 ? -1.251  -6.794  -8.028  1.00 25.80 ? 16  GLN A CA   1 
ATOM   162 C C    . GLN A 1 16 ? -2.623  -6.182  -7.806  1.00 23.92 ? 16  GLN A C    1 
ATOM   163 O O    . GLN A 1 16 ? -3.527  -6.847  -7.288  1.00 24.93 ? 16  GLN A O    1 
ATOM   164 C CB   . GLN A 1 16 ? -1.376  -7.881  -9.104  1.00 30.02 ? 16  GLN A CB   1 
ATOM   165 H H    . GLN A 1 16 ? -1.074  -8.142  -6.611  1.00 29.39 ? 16  GLN A H    1 
ATOM   166 H HA   . GLN A 1 16 ? -0.642  -6.107  -8.338  1.00 30.96 ? 16  GLN A HA   1 
ATOM   167 N N    . GLU A 1 17 ? -2.794  -4.951  -8.262  1.00 23.53 ? 17  GLU A N    1 
ATOM   168 C CA   . GLU A 1 17 ? -4.077  -4.286  -8.120  1.00 23.50 ? 17  GLU A CA   1 
ATOM   169 C C    . GLU A 1 17 ? -5.173  -5.088  -8.815  1.00 24.03 ? 17  GLU A C    1 
ATOM   170 O O    . GLU A 1 17 ? -4.998  -5.580  -9.934  1.00 25.86 ? 17  GLU A O    1 
ATOM   171 C CB   . GLU A 1 17 ? -4.007  -2.889  -8.739  1.00 25.27 ? 17  GLU A CB   1 
ATOM   172 C CG   . GLU A 1 17 ? -3.676  -2.871  -10.194 1.00 25.13 ? 17  GLU A CG   1 
ATOM   173 C CD   . GLU A 1 17 ? -3.198  -1.514  -10.638 1.00 29.65 ? 17  GLU A CD   1 
ATOM   174 O OE1  . GLU A 1 17 ? -3.927  -0.879  -11.431 1.00 35.53 ? 17  GLU A OE1  1 
ATOM   175 O OE2  . GLU A 1 17 ? -2.115  -1.086  -10.175 1.00 30.74 ? 17  GLU A OE2  1 
ATOM   176 H H    . GLU A 1 17 ? -2.189  -4.482  -8.653  1.00 28.24 ? 17  GLU A H    1 
ATOM   177 H HA   . GLU A 1 17 ? -4.301  -4.200  -7.181  1.00 28.20 ? 17  GLU A HA   1 
ATOM   178 H HB2  . GLU A 1 17 ? -4.868  -2.457  -8.629  1.00 30.33 ? 17  GLU A HB2  1 
ATOM   179 H HB3  . GLU A 1 17 ? -3.325  -2.379  -8.276  1.00 30.33 ? 17  GLU A HB3  1 
ATOM   180 H HG2  . GLU A 1 17 ? -2.971  -3.514  -10.370 1.00 30.16 ? 17  GLU A HG2  1 
ATOM   181 H HG3  . GLU A 1 17 ? -4.469  -3.095  -10.705 1.00 30.16 ? 17  GLU A HG3  1 
ATOM   182 N N    . LYS A 1 18 ? -6.332  -5.172  -8.154  1.00 22.85 ? 18  LYS A N    1 
ATOM   183 C CA   . LYS A 1 18 ? -7.458  -5.966  -8.626  1.00 24.76 ? 18  LYS A CA   1 
ATOM   184 C C    . LYS A 1 18 ? -8.725  -5.140  -8.798  1.00 21.80 ? 18  LYS A C    1 
ATOM   185 O O    . LYS A 1 18 ? -9.771  -5.705  -9.138  1.00 23.43 ? 18  LYS A O    1 
ATOM   186 C CB   . LYS A 1 18 ? -7.733  -7.103  -7.637  1.00 29.28 ? 18  LYS A CB   1 
ATOM   187 H H    . LYS A 1 18 ? -6.489  -4.767  -7.411  1.00 27.42 ? 18  LYS A H    1 
ATOM   188 H HA   . LYS A 1 18 ? -7.234  -6.358  -9.485  1.00 29.72 ? 18  LYS A HA   1 
ATOM   189 N N    . SER A 1 19 ? -8.670  -3.835  -8.585  1.00 21.94 ? 19  SER A N    1 
ATOM   190 C CA   . SER A 1 19 ? -9.814  -2.966  -8.799  1.00 22.47 ? 19  SER A CA   1 
ATOM   191 C C    . SER A 1 19 ? -9.313  -1.562  -9.078  1.00 22.98 ? 19  SER A C    1 
ATOM   192 O O    . SER A 1 19 ? -8.156  -1.241  -8.779  1.00 23.03 ? 19  SER A O    1 
ATOM   193 C CB   . SER A 1 19 ? -10.766 -2.980  -7.598  1.00 25.68 ? 19  SER A CB   1 
ATOM   194 O OG   . SER A 1 19 ? -10.283 -2.197  -6.534  1.00 27.78 ? 19  SER A OG   1 
ATOM   195 H H    . SER A 1 19 ? -7.967  -3.421  -8.310  1.00 26.33 ? 19  SER A H    1 
ATOM   196 H HA   . SER A 1 19 ? -10.305 -3.272  -9.577  1.00 26.97 ? 19  SER A HA   1 
ATOM   197 H HB2  . SER A 1 19 ? -11.627 -2.629  -7.877  1.00 30.81 ? 19  SER A HB2  1 
ATOM   198 H HB3  . SER A 1 19 ? -10.869 -3.893  -7.291  1.00 30.81 ? 19  SER A HB3  1 
ATOM   199 H HG   . SER A 1 19 ? -10.192 -1.399  -6.782  1.00 33.33 ? 19  SER A HG   1 
ATOM   200 N N    . PRO A 1 20 ? -10.164 -0.689  -9.617  1.00 22.61 ? 20  PRO A N    1 
ATOM   201 C CA   . PRO A 1 20 ? -9.689  0.646   -10.030 1.00 23.68 ? 20  PRO A CA   1 
ATOM   202 C C    . PRO A 1 20 ? -8.990  1.458   -8.960  1.00 23.91 ? 20  PRO A C    1 
ATOM   203 O O    . PRO A 1 20 ? -8.053  2.198   -9.284  1.00 27.18 ? 20  PRO A O    1 
ATOM   204 C CB   . PRO A 1 20 ? -10.974 1.325   -10.509 1.00 25.43 ? 20  PRO A CB   1 
ATOM   205 C CG   . PRO A 1 20 ? -11.807 0.190   -11.041 1.00 25.82 ? 20  PRO A CG   1 
ATOM   206 C CD   . PRO A 1 20 ? -11.511 -0.984  -10.139 1.00 25.64 ? 20  PRO A CD   1 
ATOM   207 H HA   . PRO A 1 20 ? -9.089  0.555   -10.787 1.00 28.42 ? 20  PRO A HA   1 
ATOM   208 H HB2  . PRO A 1 20 ? -11.415 1.759   -9.763  1.00 30.51 ? 20  PRO A HB2  1 
ATOM   209 H HB3  . PRO A 1 20 ? -10.768 1.963   -11.210 1.00 30.51 ? 20  PRO A HB3  1 
ATOM   210 H HG2  . PRO A 1 20 ? -12.747 0.426   -10.996 1.00 30.99 ? 20  PRO A HG2  1 
ATOM   211 H HG3  . PRO A 1 20 ? -11.546 -0.007  -11.954 1.00 30.99 ? 20  PRO A HG3  1 
ATOM   212 H HD2  . PRO A 1 20 ? -12.154 -1.023  -9.414  1.00 30.76 ? 20  PRO A HD2  1 
ATOM   213 H HD3  . PRO A 1 20 ? -11.501 -1.808  -10.650 1.00 30.76 ? 20  PRO A HD3  1 
ATOM   214 N N    . ARG A 1 21 ? -9.403  1.371   -7.703  1.00 23.18 ? 21  ARG A N    1 
ATOM   215 C CA   . ARG A 1 21 ? -8.778  2.197   -6.675  1.00 24.23 ? 21  ARG A CA   1 
ATOM   216 C C    . ARG A 1 21 ? -7.617  1.527   -5.955  1.00 20.69 ? 21  ARG A C    1 
ATOM   217 O O    . ARG A 1 21 ? -7.041  2.119   -5.041  1.00 20.71 ? 21  ARG A O    1 
ATOM   218 C CB   . ARG A 1 21 ? -9.823  2.675   -5.681  1.00 30.74 ? 21  ARG A CB   1 
ATOM   219 C CG   . ARG A 1 21 ? -10.758 3.665   -6.349  1.00 36.41 ? 21  ARG A CG   1 
ATOM   220 C CD   . ARG A 1 21 ? -11.722 4.249   -5.406  1.00 41.50 ? 21  ARG A CD   1 
ATOM   221 N NE   . ARG A 1 21 ? -12.683 5.115   -6.081  1.00 43.11 ? 21  ARG A NE   1 
ATOM   222 C CZ   . ARG A 1 21 ? -12.575 6.439   -6.188  1.00 42.27 ? 21  ARG A CZ   1 
ATOM   223 N NH1  . ARG A 1 21 ? -11.535 7.079   -5.663  1.00 43.73 ? 21  ARG A NH1  1 
ATOM   224 N NH2  . ARG A 1 21 ? -13.519 7.129   -6.818  1.00 40.43 ? 21  ARG A NH2  1 
ATOM   225 H H    . ARG A 1 21 ? -10.030 0.853   -7.422  1.00 27.82 ? 21  ARG A H    1 
ATOM   226 H HA   . ARG A 1 21 ? -8.421  2.988   -7.108  1.00 29.08 ? 21  ARG A HA   1 
ATOM   227 H HB2  . ARG A 1 21 ? -10.345 1.919   -5.369  1.00 36.89 ? 21  ARG A HB2  1 
ATOM   228 H HB3  . ARG A 1 21 ? -9.385  3.117   -4.937  1.00 36.89 ? 21  ARG A HB3  1 
ATOM   229 H HG2  . ARG A 1 21 ? -10.236 4.387   -6.731  1.00 43.70 ? 21  ARG A HG2  1 
ATOM   230 H HG3  . ARG A 1 21 ? -11.257 3.210   -7.045  1.00 43.70 ? 21  ARG A HG3  1 
ATOM   231 H HD2  . ARG A 1 21 ? -12.212 3.536   -4.967  1.00 49.80 ? 21  ARG A HD2  1 
ATOM   232 H HD3  . ARG A 1 21 ? -11.244 4.781   -4.750  1.00 49.80 ? 21  ARG A HD3  1 
ATOM   233 H HE   . ARG A 1 21 ? -13.372 4.743   -6.437  1.00 51.74 ? 21  ARG A HE   1 
ATOM   234 H HH11 . ARG A 1 21 ? -10.922 6.639   -5.250  1.00 52.47 ? 21  ARG A HH11 1 
ATOM   235 H HH12 . ARG A 1 21 ? -11.474 7.934   -5.736  1.00 52.47 ? 21  ARG A HH12 1 
ATOM   236 H HH21 . ARG A 1 21 ? -14.194 6.720   -7.160  1.00 48.51 ? 21  ARG A HH21 1 
ATOM   237 H HH22 . ARG A 1 21 ? -13.452 7.984   -6.891  1.00 48.51 ? 21  ARG A HH22 1 
ATOM   238 N N    . GLU A 1 22 ? -7.233  0.332   -6.357  1.00 19.93 ? 22  GLU A N    1 
ATOM   239 C CA   . GLU A 1 22 ? -6.076  -0.330  -5.783  1.00 19.23 ? 22  GLU A CA   1 
ATOM   240 C C    . GLU A 1 22 ? -4.824  0.083   -6.538  1.00 19.20 ? 22  GLU A C    1 
ATOM   241 O O    . GLU A 1 22 ? -4.888  0.708   -7.594  1.00 21.77 ? 22  GLU A O    1 
ATOM   242 C CB   . GLU A 1 22 ? -6.282  -1.847  -5.851  1.00 20.22 ? 22  GLU A CB   1 
ATOM   243 C CG   . GLU A 1 22 ? -7.421  -2.308  -4.963  1.00 21.47 ? 22  GLU A CG   1 
ATOM   244 C CD   . GLU A 1 22 ? -7.685  -3.792  -5.027  1.00 22.48 ? 22  GLU A CD   1 
ATOM   245 O OE1  . GLU A 1 22 ? -6.755  -4.554  -5.361  1.00 23.89 ? 22  GLU A OE1  1 
ATOM   246 O OE2  . GLU A 1 22 ? -8.818  -4.197  -4.715  1.00 25.15 ? 22  GLU A OE2  1 
ATOM   247 H H    . GLU A 1 22 ? -7.629  -0.124  -6.968  1.00 23.92 ? 22  GLU A H    1 
ATOM   248 H HA   . GLU A 1 22 ? -5.979  -0.072  -4.853  1.00 23.07 ? 22  GLU A HA   1 
ATOM   249 H HB2  . GLU A 1 22 ? -6.489  -2.099  -6.764  1.00 24.26 ? 22  GLU A HB2  1 
ATOM   250 H HB3  . GLU A 1 22 ? -5.470  -2.291  -5.557  1.00 24.26 ? 22  GLU A HB3  1 
ATOM   251 H HG2  . GLU A 1 22 ? -7.211  -2.084  -4.043  1.00 25.77 ? 22  GLU A HG2  1 
ATOM   252 H HG3  . GLU A 1 22 ? -8.233  -1.851  -5.234  1.00 25.77 ? 22  GLU A HG3  1 
ATOM   253 N N    . VAL A 1 23 ? -3.671  -0.270  -5.974  1.00 19.05 ? 23  VAL A N    1 
ATOM   254 C CA   . VAL A 1 23 ? -2.386  -0.021  -6.611  1.00 19.52 ? 23  VAL A CA   1 
ATOM   255 C C    . VAL A 1 23 ? -1.515  -1.263  -6.447  1.00 19.12 ? 23  VAL A C    1 
ATOM   256 O O    . VAL A 1 23 ? -1.655  -2.026  -5.486  1.00 21.17 ? 23  VAL A O    1 
ATOM   257 C CB   . VAL A 1 23 ? -1.734  1.261   -6.021  1.00 19.90 ? 23  VAL A CB   1 
ATOM   258 C CG1  . VAL A 1 23 ? -1.402  1.093   -4.559  1.00 18.91 ? 23  VAL A CG1  1 
ATOM   259 C CG2  . VAL A 1 23 ? -0.510  1.701   -6.787  1.00 23.43 ? 23  VAL A CG2  1 
ATOM   260 H H    . VAL A 1 23 ? -3.609  -0.662  -5.212  1.00 22.86 ? 23  VAL A H    1 
ATOM   261 H HA   . VAL A 1 23 ? -2.525  0.124   -7.559  1.00 23.42 ? 23  VAL A HA   1 
ATOM   262 H HB   . VAL A 1 23 ? -2.381  1.981   -6.085  1.00 23.88 ? 23  VAL A HB   1 
ATOM   263 H HG11 . VAL A 1 23 ? -0.999  1.912   -4.230  1.00 22.70 ? 23  VAL A HG11 1 
ATOM   264 H HG12 . VAL A 1 23 ? -2.218  0.907   -4.069  1.00 22.70 ? 23  VAL A HG12 1 
ATOM   265 H HG13 . VAL A 1 23 ? -0.781  0.355   -4.459  1.00 22.70 ? 23  VAL A HG13 1 
ATOM   266 H HG21 . VAL A 1 23 ? -0.150  2.501   -6.373  1.00 28.12 ? 23  VAL A HG21 1 
ATOM   267 H HG22 . VAL A 1 23 ? 0.150   0.990   -6.761  1.00 28.12 ? 23  VAL A HG22 1 
ATOM   268 H HG23 . VAL A 1 23 ? -0.761  1.887   -7.705  1.00 28.12 ? 23  VAL A HG23 1 
ATOM   269 N N    . THR A 1 24 ? -0.605  -1.465  -7.392  1.00 20.12 ? 24  THR A N    1 
ATOM   270 C CA   . THR A 1 24 ? 0.315   -2.598  -7.362  1.00 19.86 ? 24  THR A CA   1 
ATOM   271 C C    . THR A 1 24 ? 1.597   -2.247  -6.599  1.00 19.75 ? 24  THR A C    1 
ATOM   272 O O    . THR A 1 24 ? 2.119   -1.127  -6.691  1.00 21.48 ? 24  THR A O    1 
ATOM   273 C CB   . THR A 1 24 ? 0.663   -2.982  -8.800  1.00 23.05 ? 24  THR A CB   1 
ATOM   274 O OG1  . THR A 1 24 ? -0.511  -3.497  -9.421  1.00 24.42 ? 24  THR A OG1  1 
ATOM   275 C CG2  . THR A 1 24 ? 1.745   -4.047  -8.881  1.00 24.72 ? 24  THR A CG2  1 
ATOM   276 H H    . THR A 1 24 ? -0.498  -0.951  -8.073  1.00 24.15 ? 24  THR A H    1 
ATOM   277 H HA   . THR A 1 24 ? -0.109  -3.356  -6.930  1.00 23.83 ? 24  THR A HA   1 
ATOM   278 H HB   . THR A 1 24 ? 0.967   -2.196  -9.281  1.00 27.66 ? 24  THR A HB   1 
ATOM   279 H HG1  . THR A 1 24 ? -1.116  -2.914  -9.420  1.00 29.30 ? 24  THR A HG1  1 
ATOM   280 H HG21 . THR A 1 24 ? 1.932   -4.258  -9.809  1.00 29.66 ? 24  THR A HG21 1 
ATOM   281 H HG22 . THR A 1 24 ? 2.558   -3.727  -8.460  1.00 29.66 ? 24  THR A HG22 1 
ATOM   282 H HG23 . THR A 1 24 ? 1.452   -4.852  -8.427  1.00 29.66 ? 24  THR A HG23 1 
ATOM   283 N N    . MET A 1 25 ? 2.117   -3.218  -5.853  1.00 20.39 ? 25  MET A N    1 
ATOM   284 C CA   . MET A 1 25 ? 3.405   -3.038  -5.179  1.00 19.73 ? 25  MET A CA   1 
ATOM   285 C C    . MET A 1 25 ? 4.221   -4.317  -5.296  1.00 21.42 ? 25  MET A C    1 
ATOM   286 O O    . MET A 1 25 ? 3.684   -5.403  -5.531  1.00 21.84 ? 25  MET A O    1 
ATOM   287 C CB   . MET A 1 25 ? 3.236   -2.650  -3.693  1.00 20.02 ? 25  MET A CB   1 
ATOM   288 C CG   . MET A 1 25 ? 2.563   -3.727  -2.873  1.00 21.20 ? 25  MET A CG   1 
ATOM   289 S SD   . MET A 1 25 ? 2.199   -3.198  -1.206  1.00 20.38 ? 25  MET A SD   1 
ATOM   290 C CE   . MET A 1 25 ? 1.497   -4.692  -0.526  1.00 21.86 ? 25  MET A CE   1 
ATOM   291 H H    . MET A 1 25 ? 1.749   -3.984  -5.720  1.00 24.47 ? 25  MET A H    1 
ATOM   292 H HA   . MET A 1 25 ? 3.888   -2.320  -5.617  1.00 23.67 ? 25  MET A HA   1 
ATOM   293 H HB2  . MET A 1 25 ? 4.111   -2.485  -3.308  1.00 24.03 ? 25  MET A HB2  1 
ATOM   294 H HB3  . MET A 1 25 ? 2.693   -1.849  -3.637  1.00 24.03 ? 25  MET A HB3  1 
ATOM   295 H HG2  . MET A 1 25 ? 1.727   -3.973  -3.299  1.00 25.44 ? 25  MET A HG2  1 
ATOM   296 H HG3  . MET A 1 25 ? 3.150   -4.498  -2.823  1.00 25.44 ? 25  MET A HG3  1 
ATOM   297 H HE1  . MET A 1 25 ? 1.252   -4.532  0.399   1.00 26.23 ? 25  MET A HE1  1 
ATOM   298 H HE2  . MET A 1 25 ? 0.711   -4.933  -1.040  1.00 26.23 ? 25  MET A HE2  1 
ATOM   299 H HE3  . MET A 1 25 ? 2.157   -5.401  -0.576  1.00 26.23 ? 25  MET A HE3  1 
ATOM   300 N N    . LYS A 1 26 ? 5.530   -4.170  -5.136  1.00 21.29 ? 26  LYS A N    1 
ATOM   301 C CA   . LYS A 1 26 ? 6.439   -5.297  -5.124  1.00 21.65 ? 26  LYS A CA   1 
ATOM   302 C C    . LYS A 1 26 ? 7.025   -5.442  -3.727  1.00 22.12 ? 26  LYS A C    1 
ATOM   303 O O    . LYS A 1 26 ? 7.330   -4.444  -3.072  1.00 23.23 ? 26  LYS A O    1 
ATOM   304 C CB   . LYS A 1 26 ? 7.548   -5.097  -6.154  1.00 26.77 ? 26  LYS A CB   1 
ATOM   305 H H    . LYS A 1 26 ? 5.918   -3.410  -5.030  1.00 25.55 ? 26  LYS A H    1 
ATOM   306 H HA   . LYS A 1 26 ? 5.957   -6.109  -5.343  1.00 25.98 ? 26  LYS A HA   1 
ATOM   307 N N    . LYS A 1 27 ? 7.236   -6.685  -3.298  1.00 22.73 ? 27  LYS A N    1 
ATOM   308 C CA   . LYS A 1 27 ? 7.888   -6.950  -2.019  1.00 23.46 ? 27  LYS A CA   1 
ATOM   309 C C    . LYS A 1 27 ? 9.167   -6.136  -1.902  1.00 23.36 ? 27  LYS A C    1 
ATOM   310 O O    . LYS A 1 27 ? 9.983   -6.108  -2.824  1.00 23.84 ? 27  LYS A O    1 
ATOM   311 C CB   . LYS A 1 27 ? 8.214   -8.438  -1.913  1.00 25.80 ? 27  LYS A CB   1 
ATOM   312 C CG   . LYS A 1 27 ? 8.800   -8.851  -0.588  1.00 28.36 ? 27  LYS A CG   1 
ATOM   313 C CD   . LYS A 1 27 ? 9.134   -10.327 -0.606  1.00 33.52 ? 27  LYS A CD   1 
ATOM   314 C CE   . LYS A 1 27 ? 9.366   -10.891 0.780   1.00 39.56 ? 27  LYS A CE   1 
ATOM   315 N NZ   . LYS A 1 27 ? 10.182  -10.001 1.638   1.00 41.88 ? 27  LYS A NZ   1 
ATOM   316 H H    . LYS A 1 27 ? 7.009   -7.393  -3.730  1.00 27.28 ? 27  LYS A H    1 
ATOM   317 H HA   . LYS A 1 27 ? 7.295   -6.707  -1.290  1.00 28.15 ? 27  LYS A HA   1 
ATOM   318 H HB2  . LYS A 1 27 ? 7.397   -8.946  -2.045  1.00 30.96 ? 27  LYS A HB2  1 
ATOM   319 H HB3  . LYS A 1 27 ? 8.856   -8.667  -2.604  1.00 30.96 ? 27  LYS A HB3  1 
ATOM   320 H HG2  . LYS A 1 27 ? 9.616   -8.353  -0.425  1.00 34.04 ? 27  LYS A HG2  1 
ATOM   321 H HG3  . LYS A 1 27 ? 8.155   -8.688  0.118   1.00 34.04 ? 27  LYS A HG3  1 
ATOM   322 H HD2  . LYS A 1 27 ? 8.396   -10.813 -1.007  1.00 40.22 ? 27  LYS A HD2  1 
ATOM   323 H HD3  . LYS A 1 27 ? 9.943   -10.462 -1.125  1.00 40.22 ? 27  LYS A HD3  1 
ATOM   324 H HE2  . LYS A 1 27 ? 8.509   -11.021 1.215   1.00 47.47 ? 27  LYS A HE2  1 
ATOM   325 H HE3  . LYS A 1 27 ? 9.830   -11.739 0.701   1.00 47.47 ? 27  LYS A HE3  1 
ATOM   326 H HZ1  . LYS A 1 27 ? 10.293  -10.371 2.440   1.00 50.25 ? 27  LYS A HZ1  1 
ATOM   327 H HZ2  . LYS A 1 27 ? 10.981  -9.870  1.267   1.00 50.25 ? 27  LYS A HZ2  1 
ATOM   328 H HZ3  . LYS A 1 27 ? 9.775   -9.216  1.735   1.00 50.25 ? 27  LYS A HZ3  1 
ATOM   329 N N    . GLY A 1 28 ? 9.355   -5.493  -0.749  1.00 21.99 ? 28  GLY A N    1 
ATOM   330 C CA   . GLY A 1 28 ? 10.535  -4.676  -0.509  1.00 22.66 ? 28  GLY A CA   1 
ATOM   331 C C    . GLY A 1 28 ? 10.373  -3.211  -0.855  1.00 20.98 ? 28  GLY A C    1 
ATOM   332 O O    . GLY A 1 28 ? 11.246  -2.399  -0.495  1.00 22.08 ? 28  GLY A O    1 
ATOM   333 H H    . GLY A 1 28 ? 8.806   -5.517  -0.086  1.00 26.38 ? 28  GLY A H    1 
ATOM   334 H HA2  . GLY A 1 28 ? 10.776  -4.738  0.428   1.00 27.19 ? 28  GLY A HA2  1 
ATOM   335 H HA3  . GLY A 1 28 ? 11.273  -5.027  -1.033  1.00 27.19 ? 28  GLY A HA3  1 
ATOM   336 N N    . ASP A 1 29 ? 9.316   -2.850  -1.580  1.00 20.42 ? 29  ASP A N    1 
ATOM   337 C CA   . ASP A 1 29 ? 9.080   -1.456  -1.911  1.00 21.08 ? 29  ASP A CA   1 
ATOM   338 C C    . ASP A 1 29 ? 8.851   -0.668  -0.629  1.00 19.22 ? 29  ASP A C    1 
ATOM   339 O O    . ASP A 1 29 ? 8.257   -1.166  0.340   1.00 19.90 ? 29  ASP A O    1 
ATOM   340 C CB   . ASP A 1 29 ? 7.824   -1.293  -2.769  1.00 20.40 ? 29  ASP A CB   1 
ATOM   341 C CG   . ASP A 1 29 ? 7.995   -1.663  -4.232  1.00 24.55 ? 29  ASP A CG   1 
ATOM   342 O OD1  . ASP A 1 29 ? 9.122   -1.894  -4.707  1.00 26.83 ? 29  ASP A OD1  1 
ATOM   343 O OD2  . ASP A 1 29 ? 6.929   -1.697  -4.935  1.00 25.96 ? 29  ASP A OD2  1 
ATOM   344 H H    . ASP A 1 29 ? 8.726   -3.393  -1.890  1.00 24.51 ? 29  ASP A H    1 
ATOM   345 H HA   . ASP A 1 29 ? 9.843   -1.086  -2.384  1.00 25.30 ? 29  ASP A HA   1 
ATOM   346 H HB2  . ASP A 1 29 ? 7.125   -1.858  -2.404  1.00 24.48 ? 29  ASP A HB2  1 
ATOM   347 H HB3  . ASP A 1 29 ? 7.544   -0.365  -2.733  1.00 24.48 ? 29  ASP A HB3  1 
ATOM   348 N N    . ILE A 1 30 ? 9.262   0.596   -0.658  1.00 18.95 ? 30  ILE A N    1 
ATOM   349 C CA   . ILE A 1 30 ? 9.052   1.536   0.434   1.00 18.08 ? 30  ILE A CA   1 
ATOM   350 C C    . ILE A 1 30 ? 7.959   2.487   -0.029  1.00 17.18 ? 30  ILE A C    1 
ATOM   351 O O    . ILE A 1 30 ? 8.150   3.243   -0.992  1.00 18.80 ? 30  ILE A O    1 
ATOM   352 C CB   . ILE A 1 30 ? 10.342  2.288   0.793   1.00 18.50 ? 30  ILE A CB   1 
ATOM   353 C CG1  . ILE A 1 30 ? 11.459  1.292   1.155   1.00 20.99 ? 30  ILE A CG1  1 
ATOM   354 C CG2  . ILE A 1 30 ? 10.069  3.298   1.876   1.00 20.02 ? 30  ILE A CG2  1 
ATOM   355 C CD1  . ILE A 1 30 ? 11.198  0.451   2.362   1.00 23.38 ? 30  ILE A CD1  1 
ATOM   356 H H    . ILE A 1 30 ? 9.680   0.943   -1.325  1.00 22.74 ? 30  ILE A H    1 
ATOM   357 H HA   . ILE A 1 30 ? 8.739   1.061   1.219   1.00 21.70 ? 30  ILE A HA   1 
ATOM   358 H HB   . ILE A 1 30 ? 10.629  2.774   0.004   1.00 22.20 ? 30  ILE A HB   1 
ATOM   359 H HG12 . ILE A 1 30 ? 11.589  0.691   0.404   1.00 25.19 ? 30  ILE A HG12 1 
ATOM   360 H HG13 . ILE A 1 30 ? 12.274  1.790   1.316   1.00 25.19 ? 30  ILE A HG13 1 
ATOM   361 H HG21 . ILE A 1 30 ? 10.894  3.761   2.089   1.00 24.02 ? 30  ILE A HG21 1 
ATOM   362 H HG22 . ILE A 1 30 ? 9.406   3.930   1.556   1.00 24.02 ? 30  ILE A HG22 1 
ATOM   363 H HG23 . ILE A 1 30 ? 9.736   2.836   2.660   1.00 24.02 ? 30  ILE A HG23 1 
ATOM   364 H HD11 . ILE A 1 30 ? 11.955  -0.139  2.505   1.00 28.05 ? 30  ILE A HD11 1 
ATOM   365 H HD12 . ILE A 1 30 ? 11.080  1.031   3.131   1.00 28.05 ? 30  ILE A HD12 1 
ATOM   366 H HD13 . ILE A 1 30 ? 10.394  -0.071  2.216   1.00 28.05 ? 30  ILE A HD13 1 
ATOM   367 N N    . LEU A 1 31 ? 6.821   2.451   0.659   1.00 16.93 ? 31  LEU A N    1 
ATOM   368 C CA   . LEU A 1 31 ? 5.637   3.198   0.260   1.00 17.74 ? 31  LEU A CA   1 
ATOM   369 C C    . LEU A 1 31 ? 5.386   4.321   1.255   1.00 18.16 ? 31  LEU A C    1 
ATOM   370 O O    . LEU A 1 31 ? 5.722   4.211   2.436   1.00 20.95 ? 31  LEU A O    1 
ATOM   371 C CB   . LEU A 1 31 ? 4.409   2.288   0.216   1.00 18.70 ? 31  LEU A CB   1 
ATOM   372 C CG   . LEU A 1 31 ? 4.594   0.861   -0.312  1.00 22.44 ? 31  LEU A CG   1 
ATOM   373 C CD1  . LEU A 1 31 ? 3.268   0.157   -0.352  1.00 22.61 ? 31  LEU A CD1  1 
ATOM   374 C CD2  . LEU A 1 31 ? 5.256   0.823   -1.648  1.00 24.72 ? 31  LEU A CD2  1 
ATOM   375 H H    . LEU A 1 31 ? 6.711   1.990   1.376   1.00 20.31 ? 31  LEU A H    1 
ATOM   376 H HA   . LEU A 1 31 ? 5.771   3.584   -0.620  1.00 21.29 ? 31  LEU A HA   1 
ATOM   377 H HB2  . LEU A 1 31 ? 4.060   2.213   1.118   1.00 22.44 ? 31  LEU A HB2  1 
ATOM   378 H HB3  . LEU A 1 31 ? 3.743   2.713   -0.347  1.00 22.44 ? 31  LEU A HB3  1 
ATOM   379 H HG   . LEU A 1 31 ? 5.162   0.376   0.308   1.00 26.92 ? 31  LEU A HG   1 
ATOM   380 H HD11 . LEU A 1 31 ? 3.399   -0.744  -0.686  1.00 27.14 ? 31  LEU A HD11 1 
ATOM   381 H HD12 . LEU A 1 31 ? 2.900   0.127   0.545   1.00 27.14 ? 31  LEU A HD12 1 
ATOM   382 H HD13 . LEU A 1 31 ? 2.669   0.645   -0.939  1.00 27.14 ? 31  LEU A HD13 1 
ATOM   383 H HD21 . LEU A 1 31 ? 5.346   -0.101  -1.929  1.00 29.67 ? 31  LEU A HD21 1 
ATOM   384 H HD22 . LEU A 1 31 ? 4.710   1.311   -2.284  1.00 29.67 ? 31  LEU A HD22 1 
ATOM   385 H HD23 . LEU A 1 31 ? 6.132   1.234   -1.578  1.00 29.67 ? 31  LEU A HD23 1 
ATOM   386 N N    . THR A 1 32 ? 4.801   5.407   0.771   1.00 18.43 ? 32  THR A N    1 
ATOM   387 C CA   . THR A 1 32 ? 4.325   6.465   1.653   1.00 18.81 ? 32  THR A CA   1 
ATOM   388 C C    . THR A 1 32 ? 2.884   6.171   2.054   1.00 19.13 ? 32  THR A C    1 
ATOM   389 O O    . THR A 1 32 ? 2.036   5.863   1.203   1.00 19.45 ? 32  THR A O    1 
ATOM   390 C CB   . THR A 1 32 ? 4.428   7.822   0.970   1.00 20.26 ? 32  THR A CB   1 
ATOM   391 O OG1  . THR A 1 32 ? 5.807   8.099   0.676   1.00 21.22 ? 32  THR A OG1  1 
ATOM   392 C CG2  . THR A 1 32 ? 3.836   8.902   1.856   1.00 22.49 ? 32  THR A CG2  1 
ATOM   393 H H    . THR A 1 32 ? 4.667   5.555   -0.064  1.00 22.12 ? 32  THR A H    1 
ATOM   394 H HA   . THR A 1 32 ? 4.868   6.485   2.456   1.00 22.58 ? 32  THR A HA   1 
ATOM   395 H HB   . THR A 1 32 ? 3.923   7.801   0.141   1.00 24.31 ? 32  THR A HB   1 
ATOM   396 H HG1  . THR A 1 32 ? 5.876   8.846   0.299   1.00 25.47 ? 32  THR A HG1  1 
ATOM   397 H HG21 . THR A 1 32 ? 3.903   9.764   1.417   1.00 26.99 ? 32  THR A HG21 1 
ATOM   398 H HG22 . THR A 1 32 ? 2.902   8.710   2.032   1.00 26.99 ? 32  THR A HG22 1 
ATOM   399 H HG23 . THR A 1 32 ? 4.315   8.938   2.698   1.00 26.99 ? 32  THR A HG23 1 
ATOM   400 N N    . LEU A 1 33 ? 2.620   6.230   3.349   1.00 19.46 ? 33  LEU A N    1 
ATOM   401 C CA   . LEU A 1 33 ? 1.293   5.939   3.879   1.00 18.87 ? 33  LEU A CA   1 
ATOM   402 C C    . LEU A 1 33 ? 0.435   7.200   3.821   1.00 20.93 ? 33  LEU A C    1 
ATOM   403 O O    . LEU A 1 33 ? 0.784   8.221   4.420   1.00 25.61 ? 33  LEU A O    1 
ATOM   404 C CB   . LEU A 1 33 ? 1.416   5.414   5.308   1.00 22.22 ? 33  LEU A CB   1 
ATOM   405 C CG   . LEU A 1 33 ? 0.116   4.997   5.996   1.00 21.16 ? 33  LEU A CG   1 
ATOM   406 C CD1  . LEU A 1 33 ? -0.627  3.940   5.208   1.00 22.57 ? 33  LEU A CD1  1 
ATOM   407 C CD2  . LEU A 1 33 ? 0.464   4.480   7.377   1.00 23.25 ? 33  LEU A CD2  1 
ATOM   408 H H    . LEU A 1 33 ? 3.198   6.439   3.950   1.00 23.35 ? 33  LEU A H    1 
ATOM   409 H HA   . LEU A 1 33 ? 0.871   5.255   3.336   1.00 22.64 ? 33  LEU A HA   1 
ATOM   410 H HB2  . LEU A 1 33 ? 1.996   4.638   5.296   1.00 26.66 ? 33  LEU A HB2  1 
ATOM   411 H HB3  . LEU A 1 33 ? 1.820   6.108   5.852   1.00 26.66 ? 33  LEU A HB3  1 
ATOM   412 H HG   . LEU A 1 33 ? -0.462  5.771   6.094   1.00 25.39 ? 33  LEU A HG   1 
ATOM   413 H HD11 . LEU A 1 33 ? -1.441  3.708   5.681   1.00 27.08 ? 33  LEU A HD11 1 
ATOM   414 H HD12 . LEU A 1 33 ? -0.842  4.294   4.331   1.00 27.08 ? 33  LEU A HD12 1 
ATOM   415 H HD13 . LEU A 1 33 ? -0.060  3.157   5.120   1.00 27.08 ? 33  LEU A HD13 1 
ATOM   416 H HD21 . LEU A 1 33 ? -0.351  4.211   7.829   1.00 27.90 ? 33  LEU A HD21 1 
ATOM   417 H HD22 . LEU A 1 33 ? 1.059   3.719   7.289   1.00 27.90 ? 33  LEU A HD22 1 
ATOM   418 H HD23 . LEU A 1 33 ? 0.902   5.186   7.877   1.00 27.90 ? 33  LEU A HD23 1 
ATOM   419 N N    . LEU A 1 34 ? -0.668  7.141   3.078   1.00 19.02 ? 34  LEU A N    1 
ATOM   420 C CA   . LEU A 1 34 ? -1.563  8.277   2.909   1.00 19.77 ? 34  LEU A CA   1 
ATOM   421 C C    . LEU A 1 34 ? -2.771  8.227   3.821   1.00 21.75 ? 34  LEU A C    1 
ATOM   422 O O    . LEU A 1 34 ? -3.200  9.269   4.327   1.00 23.91 ? 34  LEU A O    1 
ATOM   423 C CB   . LEU A 1 34 ? -2.030  8.370   1.462   1.00 21.28 ? 34  LEU A CB   1 
ATOM   424 C CG   . LEU A 1 34 ? -0.913  8.515   0.435   1.00 22.47 ? 34  LEU A CG   1 
ATOM   425 C CD1  . LEU A 1 34 ? -1.529  8.503   -0.966  1.00 24.43 ? 34  LEU A CD1  1 
ATOM   426 C CD2  . LEU A 1 34 ? -0.105  9.773   0.678   1.00 25.43 ? 34  LEU A CD2  1 
ATOM   427 H H    . LEU A 1 34 ? -0.923  6.438   2.654   1.00 22.82 ? 34  LEU A H    1 
ATOM   428 H HA   . LEU A 1 34 ? -1.074  9.090   3.114   1.00 23.73 ? 34  LEU A HA   1 
ATOM   429 H HB2  . LEU A 1 34 ? -2.525  7.565   1.245   1.00 25.54 ? 34  LEU A HB2  1 
ATOM   430 H HB3  . LEU A 1 34 ? -2.611  9.142   1.374   1.00 25.54 ? 34  LEU A HB3  1 
ATOM   431 H HG   . LEU A 1 34 ? -0.315  7.755   0.508   1.00 26.96 ? 34  LEU A HG   1 
ATOM   432 H HD11 . LEU A 1 34 ? -0.821  8.595   -1.623  1.00 29.32 ? 34  LEU A HD11 1 
ATOM   433 H HD12 . LEU A 1 34 ? -1.997  7.663   -1.098  1.00 29.32 ? 34  LEU A HD12 1 
ATOM   434 H HD13 . LEU A 1 34 ? -2.152  9.243   -1.044  1.00 29.32 ? 34  LEU A HD13 1 
ATOM   435 H HD21 . LEU A 1 34 ? 0.595   9.833   0.009   1.00 30.51 ? 34  LEU A HD21 1 
ATOM   436 H HD22 . LEU A 1 34 ? -0.692  10.542  0.613   1.00 30.51 ? 34  LEU A HD22 1 
ATOM   437 H HD23 . LEU A 1 34 ? 0.287   9.730   1.564   1.00 30.51 ? 34  LEU A HD23 1 
ATOM   438 N N    . ASN A 1 35 ? -3.336  7.043   4.045   1.00 19.34 ? 35  ASN A N    1 
ATOM   439 C CA   . ASN A 1 35 ? -4.538  6.929   4.879   1.00 19.52 ? 35  ASN A CA   1 
ATOM   440 C C    . ASN A 1 35 ? -4.624  5.518   5.434   1.00 19.24 ? 35  ASN A C    1 
ATOM   441 O O    . ASN A 1 35 ? -4.745  4.560   4.664   1.00 19.75 ? 35  ASN A O    1 
ATOM   442 C CB   . ASN A 1 35 ? -5.783  7.247   4.050   1.00 20.59 ? 35  ASN A CB   1 
ATOM   443 C CG   . ASN A 1 35 ? -7.020  7.388   4.907   1.00 20.88 ? 35  ASN A CG   1 
ATOM   444 O OD1  . ASN A 1 35 ? -7.349  6.487   5.680   1.00 22.53 ? 35  ASN A OD1  1 
ATOM   445 N ND2  . ASN A 1 35 ? -7.727  8.492   4.756   1.00 24.64 ? 35  ASN A ND2  1 
ATOM   446 H H    . ASN A 1 35 ? -3.048  6.295   3.732   1.00 23.20 ? 35  ASN A H    1 
ATOM   447 H HA   . ASN A 1 35 ? -4.486  7.555   5.619   1.00 23.42 ? 35  ASN A HA   1 
ATOM   448 H HB2  . ASN A 1 35 ? -5.646  8.083   3.578   1.00 24.70 ? 35  ASN A HB2  1 
ATOM   449 H HB3  . ASN A 1 35 ? -5.934  6.527   3.417   1.00 24.70 ? 35  ASN A HB3  1 
ATOM   450 H HD21 . ASN A 1 35 ? -8.438  8.615   5.223   1.00 29.57 ? 35  ASN A HD21 1 
ATOM   451 H HD22 . ASN A 1 35 ? -7.475  9.090   4.191   1.00 29.57 ? 35  ASN A HD22 1 
ATOM   452 N N    . SER A 1 36 ? -4.572  5.387   6.753   1.00 18.92 ? 36  SER A N    1 
ATOM   453 C CA   . SER A 1 36 ? -4.653  4.110   7.447   1.00 19.69 ? 36  SER A CA   1 
ATOM   454 C C    . SER A 1 36 ? -5.876  4.040   8.351   1.00 20.12 ? 36  SER A C    1 
ATOM   455 O O    . SER A 1 36 ? -5.877  3.285   9.324   1.00 21.95 ? 36  SER A O    1 
ATOM   456 C CB   . SER A 1 36 ? -3.393  3.827   8.262   1.00 21.15 ? 36  SER A CB   1 
ATOM   457 O OG   . SER A 1 36 ? -3.128  4.862   9.197   1.00 23.59 ? 36  SER A OG   1 
ATOM   458 H H    . SER A 1 36 ? -4.485  6.054   7.289   1.00 22.70 ? 36  SER A H    1 
ATOM   459 H HA   . SER A 1 36 ? -4.738  3.405   6.785   1.00 23.63 ? 36  SER A HA   1 
ATOM   460 H HB2  . SER A 1 36 ? -3.512  2.993   8.744   1.00 25.38 ? 36  SER A HB2  1 
ATOM   461 H HB3  . SER A 1 36 ? -2.638  3.752   7.657   1.00 25.38 ? 36  SER A HB3  1 
ATOM   462 H HG   . SER A 1 36 ? -3.019  5.591   8.795   1.00 28.31 ? 36  SER A HG   1 
ATOM   463 N N    . THR A 1 37 ? -6.934  4.797   8.031   1.00 18.51 ? 37  THR A N    1 
ATOM   464 C CA   . THR A 1 37 ? -8.111  4.789   8.885   1.00 18.95 ? 37  THR A CA   1 
ATOM   465 C C    . THR A 1 37 ? -8.888  3.484   8.786   1.00 18.76 ? 37  THR A C    1 
ATOM   466 O O    . THR A 1 37 ? -9.576  3.115   9.738   1.00 20.91 ? 37  THR A O    1 
ATOM   467 C CB   . THR A 1 37 ? -9.039  5.978   8.582   1.00 20.19 ? 37  THR A CB   1 
ATOM   468 O OG1  . THR A 1 37 ? -9.499  5.920   7.226   1.00 19.94 ? 37  THR A OG1  1 
ATOM   469 C CG2  . THR A 1 37 ? -8.360  7.311   8.882   1.00 21.69 ? 37  THR A CG2  1 
ATOM   470 H H    . THR A 1 37 ? -6.988  5.309   7.342   1.00 22.21 ? 37  THR A H    1 
ATOM   471 H HA   . THR A 1 37 ? -7.818  4.880   9.805   1.00 22.74 ? 37  THR A HA   1 
ATOM   472 H HB   . THR A 1 37 ? -9.811  5.913   9.165   1.00 24.23 ? 37  THR A HB   1 
ATOM   473 H HG1  . THR A 1 37 ? -8.845  5.947   6.699   1.00 23.92 ? 37  THR A HG1  1 
ATOM   474 H HG21 . THR A 1 37 ? -8.964  8.043   8.684   1.00 26.02 ? 37  THR A HG21 1 
ATOM   475 H HG22 . THR A 1 37 ? -8.111  7.353   9.819   1.00 26.02 ? 37  THR A HG22 1 
ATOM   476 H HG23 . THR A 1 37 ? -7.561  7.406   8.340   1.00 26.02 ? 37  THR A HG23 1 
ATOM   477 N N    . ASN A 1 38 ? -8.838  2.802   7.652   1.00 18.29 ? 38  ASN A N    1 
ATOM   478 C CA   . ASN A 1 38 ? -9.533  1.531   7.489   1.00 17.78 ? 38  ASN A CA   1 
ATOM   479 C C    . ASN A 1 38 ? -8.643  0.400   8.001   1.00 19.14 ? 38  ASN A C    1 
ATOM   480 O O    . ASN A 1 38 ? -7.434  0.391   7.772   1.00 20.45 ? 38  ASN A O    1 
ATOM   481 C CB   . ASN A 1 38 ? -9.835  1.313   6.003   1.00 17.20 ? 38  ASN A CB   1 
ATOM   482 C CG   . ASN A 1 38 ? -10.757 0.156   5.745   1.00 18.23 ? 38  ASN A CG   1 
ATOM   483 O OD1  . ASN A 1 38 ? -10.313 -0.970  5.517   1.00 18.98 ? 38  ASN A OD1  1 
ATOM   484 N ND2  . ASN A 1 38 ? -12.046 0.432   5.751   1.00 19.21 ? 38  ASN A ND2  1 
ATOM   485 H H    . ASN A 1 38 ? -8.405  3.055   6.953   1.00 21.94 ? 38  ASN A H    1 
ATOM   486 H HA   . ASN A 1 38 ? -10.364 1.536   7.988   1.00 21.33 ? 38  ASN A HA   1 
ATOM   487 H HB2  . ASN A 1 38 ? -10.254 2.113   5.648   1.00 20.64 ? 38  ASN A HB2  1 
ATOM   488 H HB3  . ASN A 1 38 ? -9.003  1.141   5.536   1.00 20.64 ? 38  ASN A HB3  1 
ATOM   489 H HD21 . ASN A 1 38 ? -12.620 -0.192  5.610   1.00 23.05 ? 38  ASN A HD21 1 
ATOM   490 H HD22 . ASN A 1 38 ? -12.313 1.236   5.898   1.00 23.05 ? 38  ASN A HD22 1 
ATOM   491 N N    . LYS A 1 39 ? -9.269  -0.592  8.627   1.00 20.92 ? 39  LYS A N    1 
ATOM   492 C CA   . LYS A 1 39 ? -8.561  -1.714  9.225   1.00 23.98 ? 39  LYS A CA   1 
ATOM   493 C C    . LYS A 1 39 ? -7.971  -2.638  8.167   1.00 22.43 ? 39  LYS A C    1 
ATOM   494 O O    . LYS A 1 39 ? -6.938  -3.287  8.401   1.00 23.25 ? 39  LYS A O    1 
ATOM   495 C CB   . LYS A 1 39 ? -9.592  -2.465  10.080  1.00 30.33 ? 39  LYS A CB   1 
ATOM   496 C CG   . LYS A 1 39 ? -9.288  -3.885  10.448  1.00 35.72 ? 39  LYS A CG   1 
ATOM   497 C CD   . LYS A 1 39 ? -10.265 -4.373  11.504  1.00 34.84 ? 39  LYS A CD   1 
ATOM   498 C CE   . LYS A 1 39 ? -11.688 -4.465  10.991  1.00 36.07 ? 39  LYS A CE   1 
ATOM   499 N NZ   . LYS A 1 39 ? -11.792 -5.495  9.938   1.00 36.00 ? 39  LYS A NZ   1 
ATOM   500 H H    . LYS A 1 39 ? -10.123 -0.636  8.718   1.00 25.10 ? 39  LYS A H    1 
ATOM   501 H HA   . LYS A 1 39 ? -7.848  -1.391  9.799   1.00 28.78 ? 39  LYS A HA   1 
ATOM   502 H HB2  . LYS A 1 39 ? -9.707  -1.975  10.909  1.00 36.40 ? 39  LYS A HB2  1 
ATOM   503 H HB3  . LYS A 1 39 ? -10.434 -2.471  9.597   1.00 36.40 ? 39  LYS A HB3  1 
ATOM   504 H HG2  . LYS A 1 39 ? -9.375  -4.450  9.664   1.00 42.87 ? 39  LYS A HG2  1 
ATOM   505 H HG3  . LYS A 1 39 ? -8.390  -3.941  10.810  1.00 42.87 ? 39  LYS A HG3  1 
ATOM   506 H HD2  . LYS A 1 39 ? -9.996  -5.256  11.800  1.00 41.81 ? 39  LYS A HD2  1 
ATOM   507 H HD3  . LYS A 1 39 ? -10.256 -3.755  12.252  1.00 41.81 ? 39  LYS A HD3  1 
ATOM   508 H HE2  . LYS A 1 39 ? -12.278 -4.710  11.720  1.00 43.28 ? 39  LYS A HE2  1 
ATOM   509 H HE3  . LYS A 1 39 ? -11.951 -3.611  10.614  1.00 43.28 ? 39  LYS A HE3  1 
ATOM   510 H HZ1  . LYS A 1 39 ? -12.630 -5.541  9.642   1.00 43.21 ? 39  LYS A HZ1  1 
ATOM   511 H HZ2  . LYS A 1 39 ? -11.256 -5.288  9.258   1.00 43.21 ? 39  LYS A HZ2  1 
ATOM   512 H HZ3  . LYS A 1 39 ? -11.554 -6.288  10.263  1.00 43.21 ? 39  LYS A HZ3  1 
ATOM   513 N N    . ASP A 1 40 ? -8.598  -2.705  6.994   1.00 19.76 ? 40  ASP A N    1 
ATOM   514 C CA   . ASP A 1 40 ? -8.280  -3.719  6.007   1.00 20.04 ? 40  ASP A CA   1 
ATOM   515 C C    . ASP A 1 40 ? -7.540  -3.207  4.783   1.00 18.21 ? 40  ASP A C    1 
ATOM   516 O O    . ASP A 1 40 ? -6.747  -3.965  4.198   1.00 19.79 ? 40  ASP A O    1 
ATOM   517 C CB   . ASP A 1 40 ? -9.575  -4.424  5.600   1.00 22.50 ? 40  ASP A CB   1 
ATOM   518 C CG   . ASP A 1 40 ? -10.176 -5.168  6.761   1.00 27.01 ? 40  ASP A CG   1 
ATOM   519 O OD1  . ASP A 1 40 ? -9.517  -6.052  7.335   1.00 31.08 ? 40  ASP A OD1  1 
ATOM   520 O OD2  . ASP A 1 40 ? -11.284 -4.837  7.163   1.00 32.07 ? 40  ASP A OD2  1 
ATOM   521 H H    . ASP A 1 40 ? -9.220  -2.164  6.748   1.00 23.71 ? 40  ASP A H    1 
ATOM   522 H HA   . ASP A 1 40 ? -7.711  -4.383  6.428   1.00 24.05 ? 40  ASP A HA   1 
ATOM   523 H HB2  . ASP A 1 40 ? -10.217 -3.764  5.296   1.00 26.99 ? 40  ASP A HB2  1 
ATOM   524 H HB3  . ASP A 1 40 ? -9.386  -5.061  4.895   1.00 26.99 ? 40  ASP A HB3  1 
ATOM   525 N N    . TRP A 1 41 ? -7.759  -1.951  4.394   1.00 17.80 ? 41  TRP A N    1 
ATOM   526 C CA   . TRP A 1 41 ? -7.173  -1.387  3.179   1.00 17.48 ? 41  TRP A CA   1 
ATOM   527 C C    . TRP A 1 41 ? -6.541  -0.054  3.514   1.00 17.84 ? 41  TRP A C    1 
ATOM   528 O O    . TRP A 1 41 ? -7.215  0.815   4.068   1.00 18.32 ? 41  TRP A O    1 
ATOM   529 C CB   . TRP A 1 41 ? -8.246  -1.181  2.120   1.00 18.71 ? 41  TRP A CB   1 
ATOM   530 C CG   . TRP A 1 41 ? -8.790  -2.457  1.615   1.00 19.46 ? 41  TRP A CG   1 
ATOM   531 C CD1  . TRP A 1 41 ? -9.868  -3.151  2.079   1.00 21.09 ? 41  TRP A CD1  1 
ATOM   532 C CD2  . TRP A 1 41 ? -8.247  -3.226  0.527   1.00 18.81 ? 41  TRP A CD2  1 
ATOM   533 N NE1  . TRP A 1 41 ? -10.019 -4.304  1.346   1.00 22.78 ? 41  TRP A NE1  1 
ATOM   534 C CE2  . TRP A 1 41 ? -9.050  -4.370  0.379   1.00 20.85 ? 41  TRP A CE2  1 
ATOM   535 C CE3  . TRP A 1 41 ? -7.174  -3.040  -0.352  1.00 19.72 ? 41  TRP A CE3  1 
ATOM   536 C CZ2  . TRP A 1 41 ? -8.798  -5.330  -0.603  1.00 22.61 ? 41  TRP A CZ2  1 
ATOM   537 C CZ3  . TRP A 1 41 ? -6.936  -3.996  -1.323  1.00 20.66 ? 41  TRP A CZ3  1 
ATOM   538 C CH2  . TRP A 1 41 ? -7.750  -5.118  -1.440  1.00 21.24 ? 41  TRP A CH2  1 
ATOM   539 H H    . TRP A 1 41 ? -8.253  -1.395  4.827   1.00 21.37 ? 41  TRP A H    1 
ATOM   540 H HA   . TRP A 1 41 ? -6.492  -1.982  2.830   1.00 20.97 ? 41  TRP A HA   1 
ATOM   541 H HB2  . TRP A 1 41 ? -8.979  -0.673  2.505   1.00 22.45 ? 41  TRP A HB2  1 
ATOM   542 H HB3  . TRP A 1 41 ? -7.864  -0.699  1.370   1.00 22.45 ? 41  TRP A HB3  1 
ATOM   543 H HD1  . TRP A 1 41 ? -10.402 -2.896  2.797   1.00 25.31 ? 41  TRP A HD1  1 
ATOM   544 H HE1  . TRP A 1 41 ? -10.638 -4.888  1.466   1.00 27.33 ? 41  TRP A HE1  1 
ATOM   545 H HE3  . TRP A 1 41 ? -6.628  -2.290  -0.281  1.00 23.67 ? 41  TRP A HE3  1 
ATOM   546 H HZ2  . TRP A 1 41 ? -9.338  -6.082  -0.690  1.00 27.13 ? 41  TRP A HZ2  1 
ATOM   547 H HZ3  . TRP A 1 41 ? -6.222  -3.886  -1.909  1.00 24.79 ? 41  TRP A HZ3  1 
ATOM   548 H HH2  . TRP A 1 41 ? -7.562  -5.747  -2.100  1.00 25.49 ? 41  TRP A HH2  1 
ATOM   549 N N    . TRP A 1 42 ? -5.251  0.108   3.200   1.00 16.86 ? 42  TRP A N    1 
ATOM   550 C CA   . TRP A 1 42 ? -4.542  1.352   3.451   1.00 17.84 ? 42  TRP A CA   1 
ATOM   551 C C    . TRP A 1 42 ? -4.236  2.023   2.128   1.00 16.35 ? 42  TRP A C    1 
ATOM   552 O O    . TRP A 1 42 ? -3.847  1.355   1.162   1.00 17.51 ? 42  TRP A O    1 
ATOM   553 C CB   . TRP A 1 42 ? -3.254  1.114   4.237   1.00 18.33 ? 42  TRP A CB   1 
ATOM   554 C CG   . TRP A 1 42 ? -3.483  0.781   5.661   1.00 17.28 ? 42  TRP A CG   1 
ATOM   555 C CD1  . TRP A 1 42 ? -4.686  0.710   6.317   1.00 18.32 ? 42  TRP A CD1  1 
ATOM   556 C CD2  . TRP A 1 42 ? -2.482  0.528   6.642   1.00 18.76 ? 42  TRP A CD2  1 
ATOM   557 N NE1  . TRP A 1 42 ? -4.485  0.433   7.637   1.00 19.40 ? 42  TRP A NE1  1 
ATOM   558 C CE2  . TRP A 1 42 ? -3.141  0.305   7.867   1.00 19.88 ? 42  TRP A CE2  1 
ATOM   559 C CE3  . TRP A 1 42 ? -1.084  0.472   6.604   1.00 20.75 ? 42  TRP A CE3  1 
ATOM   560 C CZ2  . TRP A 1 42 ? -2.457  0.014   9.044   1.00 20.83 ? 42  TRP A CZ2  1 
ATOM   561 C CZ3  . TRP A 1 42 ? -0.398  0.174   7.766   1.00 23.84 ? 42  TRP A CZ3  1 
ATOM   562 C CH2  . TRP A 1 42 ? -1.087  -0.042  8.975   1.00 23.28 ? 42  TRP A CH2  1 
ATOM   563 H H    . TRP A 1 42 ? -4.764  -0.501  2.836   1.00 20.23 ? 42  TRP A H    1 
ATOM   564 H HA   . TRP A 1 42 ? -5.110  1.945   3.969   1.00 21.40 ? 42  TRP A HA   1 
ATOM   565 H HB2  . TRP A 1 42 ? -2.772  0.376   3.833   1.00 22.00 ? 42  TRP A HB2  1 
ATOM   566 H HB3  . TRP A 1 42 ? -2.713  1.920   4.203   1.00 22.00 ? 42  TRP A HB3  1 
ATOM   567 H HD1  . TRP A 1 42 ? -5.516  0.852   5.923   1.00 21.99 ? 42  TRP A HD1  1 
ATOM   568 H HE1  . TRP A 1 42 ? -5.104  0.331   8.225   1.00 23.28 ? 42  TRP A HE1  1 
ATOM   569 H HE3  . TRP A 1 42 ? -0.626  0.617   5.807   1.00 24.90 ? 42  TRP A HE3  1 
ATOM   570 H HZ2  . TRP A 1 42 ? -2.908  -0.137  9.842   1.00 25.00 ? 42  TRP A HZ2  1 
ATOM   571 H HZ3  . TRP A 1 42 ? 0.531   0.134   7.753   1.00 28.61 ? 42  TRP A HZ3  1 
ATOM   572 H HH2  . TRP A 1 42 ? -0.601  -0.239  9.743   1.00 27.94 ? 42  TRP A HH2  1 
ATOM   573 N N    . LYS A 1 43 ? -4.379  3.342   2.095   1.00 16.46 ? 43  LYS A N    1 
ATOM   574 C CA   . LYS A 1 43 ? -4.031  4.104   0.911   1.00 17.91 ? 43  LYS A CA   1 
ATOM   575 C C    . LYS A 1 43 ? -2.556  4.473   0.983   1.00 17.06 ? 43  LYS A C    1 
ATOM   576 O O    . LYS A 1 43 ? -2.090  5.013   1.989   1.00 17.11 ? 43  LYS A O    1 
ATOM   577 C CB   . LYS A 1 43 ? -4.879  5.364   0.753   1.00 20.50 ? 43  LYS A CB   1 
ATOM   578 C CG   . LYS A 1 43 ? -4.821  5.903   -0.668  1.00 22.65 ? 43  LYS A CG   1 
ATOM   579 C CD   . LYS A 1 43 ? -5.581  7.190   -0.852  1.00 24.72 ? 43  LYS A CD   1 
ATOM   580 C CE   . LYS A 1 43 ? -5.584  7.615   -2.324  1.00 28.96 ? 43  LYS A CE   1 
ATOM   581 N NZ   . LYS A 1 43 ? -6.415  8.827   -2.554  1.00 33.26 ? 43  LYS A NZ   1 
ATOM   582 H H    . LYS A 1 43 ? -4.675  3.818   2.748   1.00 19.76 ? 43  LYS A H    1 
ATOM   583 H HA   . LYS A 1 43 ? -4.166  3.550   0.127   1.00 21.49 ? 43  LYS A HA   1 
ATOM   584 H HB2  . LYS A 1 43 ? -5.803  5.155   0.960   1.00 24.60 ? 43  LYS A HB2  1 
ATOM   585 H HB3  . LYS A 1 43 ? -4.547  6.050   1.352   1.00 24.60 ? 43  LYS A HB3  1 
ATOM   586 H HG2  . LYS A 1 43 ? -3.894  6.070   -0.902  1.00 27.18 ? 43  LYS A HG2  1 
ATOM   587 H HG3  . LYS A 1 43 ? -5.201  5.244   -1.270  1.00 27.18 ? 43  LYS A HG3  1 
ATOM   588 H HD2  . LYS A 1 43 ? -6.500  7.064   -0.568  1.00 29.66 ? 43  LYS A HD2  1 
ATOM   589 H HD3  . LYS A 1 43 ? -5.160  7.890   -0.332  1.00 29.66 ? 43  LYS A HD3  1 
ATOM   590 H HE2  . LYS A 1 43 ? -4.675  7.814   -2.599  1.00 34.75 ? 43  LYS A HE2  1 
ATOM   591 H HE3  . LYS A 1 43 ? -5.945  6.893   -2.863  1.00 34.75 ? 43  LYS A HE3  1 
ATOM   592 H HZ1  . LYS A 1 43 ? -6.397  9.048   -3.416  1.00 39.91 ? 43  LYS A HZ1  1 
ATOM   593 H HZ2  . LYS A 1 43 ? -7.257  8.668   -2.314  1.00 39.91 ? 43  LYS A HZ2  1 
ATOM   594 H HZ3  . LYS A 1 43 ? -6.101  9.506   -2.074  1.00 39.91 ? 43  LYS A HZ3  1 
ATOM   595 N N    . VAL A 1 44 ? -1.828  4.188   -0.097  1.00 17.72 ? 44  VAL A N    1 
ATOM   596 C CA   . VAL A 1 44 ? -0.384  4.340   -0.140  1.00 18.68 ? 44  VAL A CA   1 
ATOM   597 C C    . VAL A 1 44 ? 0.021   4.960   -1.469  1.00 19.05 ? 44  VAL A C    1 
ATOM   598 O O    . VAL A 1 44 ? -0.730  4.940   -2.451  1.00 19.73 ? 44  VAL A O    1 
ATOM   599 C CB   . VAL A 1 44 ? 0.342   2.991   0.053   1.00 18.65 ? 44  VAL A CB   1 
ATOM   600 C CG1  . VAL A 1 44 ? 0.088   2.439   1.443   1.00 20.01 ? 44  VAL A CG1  1 
ATOM   601 C CG2  . VAL A 1 44 ? -0.045  1.991   -1.036  1.00 20.90 ? 44  VAL A CG2  1 
ATOM   602 H H    . VAL A 1 44 ? -2.162  3.897   -0.834  1.00 21.26 ? 44  VAL A H    1 
ATOM   603 H HA   . VAL A 1 44 ? -0.105  4.939   0.571   1.00 22.42 ? 44  VAL A HA   1 
ATOM   604 H HB   . VAL A 1 44 ? 1.297   3.145   -0.025  1.00 22.37 ? 44  VAL A HB   1 
ATOM   605 H HG11 . VAL A 1 44 ? 0.554   1.593   1.536   1.00 24.02 ? 44  VAL A HG11 1 
ATOM   606 H HG12 . VAL A 1 44 ? 0.416   3.073   2.099   1.00 24.02 ? 44  VAL A HG12 1 
ATOM   607 H HG13 . VAL A 1 44 ? -0.867  2.306   1.559   1.00 24.02 ? 44  VAL A HG13 1 
ATOM   608 H HG21 . VAL A 1 44 ? 0.429   1.158   -0.882  1.00 25.09 ? 44  VAL A HG21 1 
ATOM   609 H HG22 . VAL A 1 44 ? -1.002  1.839   -0.998  1.00 25.09 ? 44  VAL A HG22 1 
ATOM   610 H HG23 . VAL A 1 44 ? 0.199   2.356   -1.900  1.00 25.09 ? 44  VAL A HG23 1 
ATOM   611 N N    . GLU A 1 45 ? 1.240   5.505   -1.480  1.00 19.10 ? 45  GLU A N    1 
ATOM   612 C CA   . GLU A 1 45 ? 1.894   5.976   -2.686  1.00 19.71 ? 45  GLU A CA   1 
ATOM   613 C C    . GLU A 1 45 ? 3.055   5.040   -2.983  1.00 19.91 ? 45  GLU A C    1 
ATOM   614 O O    . GLU A 1 45 ? 3.925   4.834   -2.125  1.00 21.91 ? 45  GLU A O    1 
ATOM   615 C CB   . GLU A 1 45 ? 2.389   7.406   -2.518  1.00 22.36 ? 45  GLU A CB   1 
ATOM   616 C CG   . GLU A 1 45 ? 2.883   8.051   -3.786  1.00 25.22 ? 45  GLU A CG   1 
ATOM   617 C CD   . GLU A 1 45 ? 3.004   9.564   -3.645  1.00 29.47 ? 45  GLU A CD   1 
ATOM   618 O OE1  . GLU A 1 45 ? 3.742   10.027  -2.744  1.00 32.10 ? 45  GLU A OE1  1 
ATOM   619 O OE2  . GLU A 1 45 ? 2.305   10.289  -4.397  1.00 34.08 ? 45  GLU A OE2  1 
ATOM   620 H H    . GLU A 1 45 ? 1.718   5.611   -0.773  1.00 22.93 ? 45  GLU A H    1 
ATOM   621 H HA   . GLU A 1 45 ? 1.272   5.947   -3.429  1.00 23.65 ? 45  GLU A HA   1 
ATOM   622 H HB2  . GLU A 1 45 ? 1.661   7.948   -2.177  1.00 26.83 ? 45  GLU A HB2  1 
ATOM   623 H HB3  . GLU A 1 45 ? 3.122   7.408   -1.882  1.00 26.83 ? 45  GLU A HB3  1 
ATOM   624 H HG2  . GLU A 1 45 ? 3.758   7.695   -4.004  1.00 30.26 ? 45  GLU A HG2  1 
ATOM   625 H HG3  . GLU A 1 45 ? 2.258   7.863   -4.503  1.00 30.26 ? 45  GLU A HG3  1 
ATOM   626 N N    . VAL A 1 46 ? 3.029   4.465   -4.183  1.00 21.46 ? 46  VAL A N    1 
ATOM   627 C CA   . VAL A 1 46 ? 4.010   3.506   -4.694  1.00 22.58 ? 46  VAL A CA   1 
ATOM   628 C C    . VAL A 1 46 ? 4.660   4.211   -5.873  1.00 24.19 ? 46  VAL A C    1 
ATOM   629 O O    . VAL A 1 46 ? 4.012   4.443   -6.900  1.00 24.23 ? 46  VAL A O    1 
ATOM   630 C CB   . VAL A 1 46 ? 3.355   2.183   -5.156  1.00 22.51 ? 46  VAL A CB   1 
ATOM   631 C CG1  . VAL A 1 46 ? 4.434   1.159   -5.492  1.00 25.18 ? 46  VAL A CG1  1 
ATOM   632 C CG2  . VAL A 1 46 ? 2.375   1.631   -4.123  1.00 24.71 ? 46  VAL A CG2  1 
ATOM   633 H H    . VAL A 1 46 ? 2.408   4.626   -4.756  1.00 25.75 ? 46  VAL A H    1 
ATOM   634 H HA   . VAL A 1 46 ? 4.681   3.316   -4.019  1.00 27.10 ? 46  VAL A HA   1 
ATOM   635 H HB   . VAL A 1 46 ? 2.856   2.357   -5.969  1.00 27.01 ? 46  VAL A HB   1 
ATOM   636 H HG11 . VAL A 1 46 ? 4.009   0.336   -5.779  1.00 30.21 ? 46  VAL A HG11 1 
ATOM   637 H HG12 . VAL A 1 46 ? 4.994   1.510   -6.203  1.00 30.21 ? 46  VAL A HG12 1 
ATOM   638 H HG13 . VAL A 1 46 ? 4.971   0.995   -4.699  1.00 30.21 ? 46  VAL A HG13 1 
ATOM   639 H HG21 . VAL A 1 46 ? 1.994   0.805   -4.460  1.00 29.65 ? 46  VAL A HG21 1 
ATOM   640 H HG22 . VAL A 1 46 ? 2.851   1.463   -3.295  1.00 29.65 ? 46  VAL A HG22 1 
ATOM   641 H HG23 . VAL A 1 46 ? 1.672   2.284   -3.975  1.00 29.65 ? 46  VAL A HG23 1 
ATOM   642 N N    . ALA A 1 47 ? 5.941   4.558   -5.731  1.00 23.41 ? 47  ALA A N    1 
ATOM   643 C CA   . ALA A 1 47 ? 6.594   5.434   -6.698  1.00 23.26 ? 47  ALA A CA   1 
ATOM   644 C C    . ALA A 1 47 ? 5.710   6.667   -6.894  1.00 24.24 ? 47  ALA A C    1 
ATOM   645 O O    . ALA A 1 47 ? 5.459   7.385   -5.924  1.00 24.64 ? 47  ALA A O    1 
ATOM   646 C CB   . ALA A 1 47 ? 6.940   4.690   -8.000  1.00 26.57 ? 47  ALA A CB   1 
ATOM   647 H H    . ALA A 1 47 ? 6.448   4.301   -5.086  1.00 28.09 ? 47  ALA A H    1 
ATOM   648 H HA   . ALA A 1 47 ? 7.431   5.740   -6.314  1.00 27.91 ? 47  ALA A HA   1 
ATOM   649 H HB1  . ALA A 1 47 ? 7.372   5.308   -8.612  1.00 31.88 ? 47  ALA A HB1  1 
ATOM   650 H HB2  . ALA A 1 47 ? 7.540   3.957   -7.794  1.00 31.88 ? 47  ALA A HB2  1 
ATOM   651 H HB3  . ALA A 1 47 ? 6.123   4.349   -8.396  1.00 31.88 ? 47  ALA A HB3  1 
ATOM   652 N N    . ASP A 1 48 ? 5.207   6.932   -8.103  1.00 25.02 ? 48  ASP A N    1 
ATOM   653 C CA   . ASP A 1 48 ? 4.332   8.083   -8.328  1.00 27.74 ? 48  ASP A CA   1 
ATOM   654 C C    . ASP A 1 48 ? 2.888   7.672   -8.606  1.00 27.85 ? 48  ASP A C    1 
ATOM   655 O O    . ASP A 1 48 ? 2.142   8.402   -9.270  1.00 31.69 ? 48  ASP A O    1 
ATOM   656 C CB   . ASP A 1 48 ? 4.877   8.980   -9.442  0.61 29.95 ? 48  ASP A CB   1 
ATOM   657 C CG   . ASP A 1 48 ? 4.254   10.374  -9.444  0.46 33.00 ? 48  ASP A CG   1 
ATOM   658 O OD1  . ASP A 1 48 ? 3.887   10.879  -8.361  0.71 35.40 ? 48  ASP A OD1  1 
ATOM   659 O OD2  . ASP A 1 48 ? 4.146   10.974  -10.535 0.31 34.59 ? 48  ASP A OD2  1 
ATOM   660 H H    . ASP A 1 48 ? 5.357   6.461   -8.807  1.00 30.02 ? 48  ASP A H    1 
ATOM   661 H HA   . ASP A 1 48 ? 4.324   8.614   -7.516  1.00 33.29 ? 48  ASP A HA   1 
ATOM   662 H HB2  . ASP A 1 48 ? 5.835   9.081   -9.326  1.00 35.94 ? 48  ASP A HB2  1 
ATOM   663 H HB3  . ASP A 1 48 ? 4.689   8.567   -10.299 1.00 35.94 ? 48  ASP A HB3  1 
ATOM   664 N N    . ARG A 1 49 ? 2.475   6.516   -8.087  1.00 24.59 ? 49  ARG A N    1 
ATOM   665 C CA   . ARG A 1 49 ? 1.098   6.055   -8.179  1.00 24.90 ? 49  ARG A CA   1 
ATOM   666 C C    . ARG A 1 49 ? 0.515   5.958   -6.781  1.00 23.27 ? 49  ARG A C    1 
ATOM   667 O O    . ARG A 1 49 ? 1.236   5.715   -5.812  1.00 25.51 ? 49  ARG A O    1 
ATOM   668 C CB   . ARG A 1 49 ? 1.002   4.667   -8.845  1.00 26.46 ? 49  ARG A CB   1 
ATOM   669 C CG   . ARG A 1 49 ? 1.367   4.626   -10.319 1.00 31.01 ? 49  ARG A CG   1 
ATOM   670 C CD   . ARG A 1 49 ? 1.741   3.199   -10.753 1.00 37.10 ? 49  ARG A CD   1 
ATOM   671 N NE   . ARG A 1 49 ? 2.982   2.787   -10.084 1.00 40.54 ? 49  ARG A NE   1 
ATOM   672 C CZ   . ARG A 1 49 ? 3.136   1.723   -9.292  1.00 40.46 ? 49  ARG A CZ   1 
ATOM   673 N NH1  . ARG A 1 49 ? 2.147   0.855   -9.056  1.00 34.71 ? 49  ARG A NH1  1 
ATOM   674 N NH2  . ARG A 1 49 ? 4.319   1.517   -8.742  1.00 41.69 ? 49  ARG A NH2  1 
ATOM   675 H H    . ARG A 1 49 ? 2.991   5.970   -7.667  1.00 29.51 ? 49  ARG A H    1 
ATOM   676 H HA   . ARG A 1 49 ? 0.574   6.686   -8.695  1.00 29.88 ? 49  ARG A HA   1 
ATOM   677 H HB2  . ARG A 1 49 ? 1.600   4.061   -8.380  1.00 31.75 ? 49  ARG A HB2  1 
ATOM   678 H HB3  . ARG A 1 49 ? 0.090   4.349   -8.761  1.00 31.75 ? 49  ARG A HB3  1 
ATOM   679 H HG2  . ARG A 1 49 ? 0.607   4.917   -10.846 1.00 37.21 ? 49  ARG A HG2  1 
ATOM   680 H HG3  . ARG A 1 49 ? 2.130   5.203   -10.478 1.00 37.21 ? 49  ARG A HG3  1 
ATOM   681 H HD2  . ARG A 1 49 ? 1.034   2.586   -10.498 1.00 44.52 ? 49  ARG A HD2  1 
ATOM   682 H HD3  . ARG A 1 49 ? 1.884   3.178   -11.711 1.00 44.52 ? 49  ARG A HD3  1 
ATOM   683 H HE   . ARG A 1 49 ? 3.676   3.277   -10.215 1.00 48.64 ? 49  ARG A HE   1 
ATOM   684 H HH11 . ARG A 1 49 ? 1.370   0.984   -9.404  1.00 41.65 ? 49  ARG A HH11 1 
ATOM   685 H HH12 . ARG A 1 49 ? 2.282   0.175   -8.548  1.00 41.65 ? 49  ARG A HH12 1 
ATOM   686 H HH21 . ARG A 1 49 ? 4.965   2.063   -8.897  1.00 50.03 ? 49  ARG A HH21 1 
ATOM   687 H HH22 . ARG A 1 49 ? 4.447   0.829   -8.243  1.00 50.03 ? 49  ARG A HH22 1 
ATOM   688 N N    . GLN A 1 50 ? -0.805  6.146   -6.668  1.00 23.94 ? 50  GLN A N    1 
ATOM   689 C CA   . GLN A 1 50 ? -1.496  6.056   -5.389  1.00 22.28 ? 50  GLN A CA   1 
ATOM   690 C C    . GLN A 1 50 ? -2.677  5.101   -5.482  1.00 22.38 ? 50  GLN A C    1 
ATOM   691 O O    . GLN A 1 50 ? -3.306  4.961   -6.531  1.00 24.94 ? 50  GLN A O    1 
ATOM   692 C CB   . GLN A 1 50 ? -2.022  7.436   -4.940  1.00 25.36 ? 50  GLN A CB   1 
ATOM   693 C CG   . GLN A 1 50 ? -0.938  8.503   -4.721  1.00 28.25 ? 50  GLN A CG   1 
ATOM   694 C CD   . GLN A 1 50 ? -1.513  9.812   -4.189  1.00 30.60 ? 50  GLN A CD   1 
ATOM   695 O OE1  . GLN A 1 50 ? -2.734  9.975   -4.080  1.00 35.35 ? 50  GLN A OE1  1 
ATOM   696 N NE2  . GLN A 1 50 ? -0.631  10.756  -3.855  1.00 34.63 ? 50  GLN A NE2  1 
ATOM   697 H H    . GLN A 1 50 ? -1.324  6.329   -7.329  1.00 28.73 ? 50  GLN A H    1 
ATOM   698 H HA   . GLN A 1 50 ? -0.885  5.725   -4.713  1.00 26.73 ? 50  GLN A HA   1 
ATOM   699 H HB2  . GLN A 1 50 ? -2.630  7.771   -5.618  1.00 30.43 ? 50  GLN A HB2  1 
ATOM   700 H HB3  . GLN A 1 50 ? -2.498  7.327   -4.101  1.00 30.43 ? 50  GLN A HB3  1 
ATOM   701 H HG2  . GLN A 1 50 ? -0.294  8.172   -4.076  1.00 33.90 ? 50  GLN A HG2  1 
ATOM   702 H HG3  . GLN A 1 50 ? -0.499  8.686   -5.566  1.00 33.90 ? 50  GLN A HG3  1 
ATOM   703 H HE21 . GLN A 1 50 ? 0.212   10.609  -3.944  1.00 41.56 ? 50  GLN A HE21 1 
ATOM   704 H HE22 . GLN A 1 50 ? -0.906  11.512  -3.551  1.00 41.56 ? 50  GLN A HE22 1 
ATOM   705 N N    . GLY A 1 51 ? -2.981  4.452   -4.367  1.00 19.46 ? 51  GLY A N    1 
ATOM   706 C CA   . GLY A 1 51 ? -4.163  3.608   -4.298  1.00 18.08 ? 51  GLY A CA   1 
ATOM   707 C C    . GLY A 1 51 ? -4.138  2.775   -3.030  1.00 16.69 ? 51  GLY A C    1 
ATOM   708 O O    . GLY A 1 51 ? -3.263  2.930   -2.177  1.00 18.48 ? 51  GLY A O    1 
ATOM   709 H H    . GLY A 1 51 ? -2.522  4.482   -3.640  1.00 23.35 ? 51  GLY A H    1 
ATOM   710 H HA2  . GLY A 1 51 ? -4.962  4.159   -4.298  1.00 21.70 ? 51  GLY A HA2  1 
ATOM   711 H HA3  . GLY A 1 51 ? -4.190  3.015   -5.064  1.00 21.70 ? 51  GLY A HA3  1 
ATOM   712 N N    . PHE A 1 52 ? -5.103  1.872   -2.936  1.00 17.60 ? 52  PHE A N    1 
ATOM   713 C CA   . PHE A 1 52 ? -5.248  1.024   -1.764  1.00 17.04 ? 52  PHE A CA   1 
ATOM   714 C C    . PHE A 1 52 ? -4.542  -0.314  -1.947  1.00 17.22 ? 52  PHE A C    1 
ATOM   715 O O    . PHE A 1 52 ? -4.555  -0.906  -3.034  1.00 17.66 ? 52  PHE A O    1 
ATOM   716 C CB   . PHE A 1 52 ? -6.723  0.789   -1.455  1.00 17.70 ? 52  PHE A CB   1 
ATOM   717 C CG   . PHE A 1 52 ? -7.420  2.020   -0.924  1.00 18.33 ? 52  PHE A CG   1 
ATOM   718 C CD1  . PHE A 1 52 ? -8.001  2.926   -1.782  1.00 21.44 ? 52  PHE A CD1  1 
ATOM   719 C CD2  . PHE A 1 52 ? -7.393  2.317   0.423   1.00 18.62 ? 52  PHE A CD2  1 
ATOM   720 C CE1  . PHE A 1 52 ? -8.624  4.072   -1.291  1.00 23.03 ? 52  PHE A CE1  1 
ATOM   721 C CE2  . PHE A 1 52 ? -8.013  3.448   0.916   1.00 20.62 ? 52  PHE A CE2  1 
ATOM   722 C CZ   . PHE A 1 52 ? -8.614  4.329   0.059   1.00 21.47 ? 52  PHE A CZ   1 
ATOM   723 H H    . PHE A 1 52 ? -5.694  1.730   -3.546  1.00 21.13 ? 52  PHE A H    1 
ATOM   724 H HA   . PHE A 1 52 ? -4.850  1.471   -1.001  1.00 20.45 ? 52  PHE A HA   1 
ATOM   725 H HB2  . PHE A 1 52 ? -7.177  0.515   -2.267  1.00 21.24 ? 52  PHE A HB2  1 
ATOM   726 H HB3  . PHE A 1 52 ? -6.797  0.091   -0.784  1.00 21.24 ? 52  PHE A HB3  1 
ATOM   727 H HD1  . PHE A 1 52 ? -8.015  2.750   -2.695  1.00 25.73 ? 52  PHE A HD1  1 
ATOM   728 H HD2  . PHE A 1 52 ? -6.995  1.720   1.014   1.00 22.35 ? 52  PHE A HD2  1 
ATOM   729 H HE1  . PHE A 1 52 ? -9.032  4.669   -1.876  1.00 27.63 ? 52  PHE A HE1  1 
ATOM   730 H HE2  . PHE A 1 52 ? -8.003  3.622   1.829   1.00 24.75 ? 52  PHE A HE2  1 
ATOM   731 H HZ   . PHE A 1 52 ? -9.024  5.095   0.390   1.00 25.76 ? 52  PHE A HZ   1 
ATOM   732 N N    . VAL A 1 53 ? -3.935  -0.778  -0.859  1.00 17.46 ? 53  VAL A N    1 
ATOM   733 C CA   . VAL A 1 53 ? -3.408  -2.137  -0.754  1.00 17.53 ? 53  VAL A CA   1 
ATOM   734 C C    . VAL A 1 53 ? -3.889  -2.731  0.561   1.00 17.90 ? 53  VAL A C    1 
ATOM   735 O O    . VAL A 1 53 ? -4.300  -2.007  1.481   1.00 17.62 ? 53  VAL A O    1 
ATOM   736 C CB   . VAL A 1 53 ? -1.862  -2.171  -0.813  1.00 19.01 ? 53  VAL A CB   1 
ATOM   737 C CG1  . VAL A 1 53 ? -1.331  -1.541  -2.102  1.00 20.80 ? 53  VAL A CG1  1 
ATOM   738 C CG2  . VAL A 1 53 ? -1.235  -1.506  0.421   1.00 20.03 ? 53  VAL A CG2  1 
ATOM   739 H H    . VAL A 1 53 ? -3.811  -0.311  -0.147  1.00 20.95 ? 53  VAL A H    1 
ATOM   740 H HA   . VAL A 1 53 ? -3.756  -2.676  -1.482  1.00 21.04 ? 53  VAL A HA   1 
ATOM   741 H HB   . VAL A 1 53 ? -1.579  -3.099  -0.811  1.00 22.82 ? 53  VAL A HB   1 
ATOM   742 H HG11 . VAL A 1 53 ? -0.362  -1.582  -2.098  1.00 24.96 ? 53  VAL A HG11 1 
ATOM   743 H HG12 . VAL A 1 53 ? -1.681  -2.033  -2.860  1.00 24.96 ? 53  VAL A HG12 1 
ATOM   744 H HG13 . VAL A 1 53 ? -1.624  -0.616  -2.144  1.00 24.96 ? 53  VAL A HG13 1 
ATOM   745 H HG21 . VAL A 1 53 ? -0.269  -1.548  0.345   1.00 24.03 ? 53  VAL A HG21 1 
ATOM   746 H HG22 . VAL A 1 53 ? -1.524  -0.580  0.461   1.00 24.03 ? 53  VAL A HG22 1 
ATOM   747 H HG23 . VAL A 1 53 ? -1.526  -1.979  1.216   1.00 24.03 ? 53  VAL A HG23 1 
ATOM   748 N N    . PRO A 1 54 ? -3.826  -4.050  0.696   1.00 17.60 ? 54  PRO A N    1 
ATOM   749 C CA   . PRO A 1 54 ? -4.230  -4.658  1.969   1.00 18.09 ? 54  PRO A CA   1 
ATOM   750 C C    . PRO A 1 54 ? -3.286  -4.237  3.093   1.00 18.25 ? 54  PRO A C    1 
ATOM   751 O O    . PRO A 1 54 ? -2.074  -4.387  2.988   1.00 18.93 ? 54  PRO A O    1 
ATOM   752 C CB   . PRO A 1 54 ? -4.165  -6.163  1.682   1.00 20.69 ? 54  PRO A CB   1 
ATOM   753 C CG   . PRO A 1 54 ? -4.313  -6.255  0.202   1.00 21.92 ? 54  PRO A CG   1 
ATOM   754 C CD   . PRO A 1 54 ? -3.538  -5.075  -0.321  1.00 19.93 ? 54  PRO A CD   1 
ATOM   755 H HA   . PRO A 1 54 ? -5.139  -4.407  2.194   1.00 21.71 ? 54  PRO A HA   1 
ATOM   756 H HB2  . PRO A 1 54 ? -3.308  -6.518  1.967   1.00 24.83 ? 54  PRO A HB2  1 
ATOM   757 H HB3  . PRO A 1 54 ? -4.895  -6.617  2.132   1.00 24.83 ? 54  PRO A HB3  1 
ATOM   758 H HG2  . PRO A 1 54 ? -3.932  -7.089  -0.116  1.00 26.30 ? 54  PRO A HG2  1 
ATOM   759 H HG3  . PRO A 1 54 ? -5.251  -6.188  -0.040  1.00 26.30 ? 54  PRO A HG3  1 
ATOM   760 H HD2  . PRO A 1 54 ? -2.588  -5.274  -0.348  1.00 23.91 ? 54  PRO A HD2  1 
ATOM   761 H HD3  . PRO A 1 54 ? -3.874  -4.801  -1.188  1.00 23.91 ? 54  PRO A HD3  1 
ATOM   762 N N    . ALA A 1 55 ? -3.867  -3.764  4.189   1.00 18.04 ? 55  ALA A N    1 
ATOM   763 C CA   . ALA A 1 55 ? -3.082  -3.306  5.328   1.00 18.64 ? 55  ALA A CA   1 
ATOM   764 C C    . ALA A 1 55 ? -2.175  -4.411  5.864   1.00 18.16 ? 55  ALA A C    1 
ATOM   765 O O    . ALA A 1 55 ? -1.059  -4.141  6.322   1.00 20.74 ? 55  ALA A O    1 
ATOM   766 C CB   . ALA A 1 55 ? -4.021  -2.817  6.418   1.00 19.60 ? 55  ALA A CB   1 
ATOM   767 H H    . ALA A 1 55 ? -4.718  -3.697  4.298   1.00 21.65 ? 55  ALA A H    1 
ATOM   768 H HA   . ALA A 1 55 ? -2.523  -2.563  5.052   1.00 22.37 ? 55  ALA A HA   1 
ATOM   769 H HB1  . ALA A 1 55 ? -3.495  -2.514  7.175   1.00 23.53 ? 55  ALA A HB1  1 
ATOM   770 H HB2  . ALA A 1 55 ? -4.554  -2.085  6.070   1.00 23.53 ? 55  ALA A HB2  1 
ATOM   771 H HB3  . ALA A 1 55 ? -4.599  -3.547  6.688   1.00 23.53 ? 55  ALA A HB3  1 
ATOM   772 N N    . ALA A 1 56 ? -2.644  -5.656  5.832   1.00 18.26 ? 56  ALA A N    1 
ATOM   773 C CA   . ALA A 1 56 ? -1.855  -6.758  6.355   1.00 20.55 ? 56  ALA A CA   1 
ATOM   774 C C    . ALA A 1 56 ? -0.574  -6.978  5.563   1.00 21.19 ? 56  ALA A C    1 
ATOM   775 O O    . ALA A 1 56 ? 0.342   -7.646  6.069   1.00 24.56 ? 56  ALA A O    1 
ATOM   776 C CB   . ALA A 1 56 ? -2.663  -8.050  6.325   1.00 25.40 ? 56  ALA A CB   1 
ATOM   777 H H    . ALA A 1 56 ? -3.410  -5.884  5.514   1.00 21.91 ? 56  ALA A H    1 
ATOM   778 H HA   . ALA A 1 56 ? -1.615  -6.570  7.277   1.00 24.66 ? 56  ALA A HA   1 
ATOM   779 H HB1  . ALA A 1 56 ? -2.119  -8.771  6.678   1.00 30.48 ? 56  ALA A HB1  1 
ATOM   780 H HB2  . ALA A 1 56 ? -3.458  -7.938  6.870   1.00 30.48 ? 56  ALA A HB2  1 
ATOM   781 H HB3  . ALA A 1 56 ? -2.914  -8.243  5.409   1.00 30.48 ? 56  ALA A HB3  1 
ATOM   782 N N    . TYR A 1 57 ? -0.494  -6.472  4.328   1.00 18.56 ? 57  TYR A N    1 
ATOM   783 C CA   . TYR A 1 57 ? 0.641   -6.778  3.464   1.00 18.33 ? 57  TYR A CA   1 
ATOM   784 C C    . TYR A 1 57 ? 1.712   -5.709  3.526   1.00 19.33 ? 57  TYR A C    1 
ATOM   785 O O    . TYR A 1 57 ? 2.671   -5.773  2.748   1.00 20.64 ? 57  TYR A O    1 
ATOM   786 C CB   . TYR A 1 57 ? 0.207   -6.978  2.004   1.00 19.78 ? 57  TYR A CB   1 
ATOM   787 C CG   . TYR A 1 57 ? -0.792  -8.076  1.739   1.00 19.73 ? 57  TYR A CG   1 
ATOM   788 C CD1  . TYR A 1 57 ? -1.256  -8.935  2.755   1.00 20.76 ? 57  TYR A CD1  1 
ATOM   789 C CD2  . TYR A 1 57 ? -1.319  -8.242  0.459   1.00 22.58 ? 57  TYR A CD2  1 
ATOM   790 C CE1  . TYR A 1 57 ? -2.238  -9.889  2.491   1.00 23.68 ? 57  TYR A CE1  1 
ATOM   791 C CE2  . TYR A 1 57 ? -2.279  -9.207  0.192   1.00 24.26 ? 57  TYR A CE2  1 
ATOM   792 C CZ   . TYR A 1 57 ? -2.725  -10.025 1.209   1.00 23.79 ? 57  TYR A CZ   1 
ATOM   793 O OH   . TYR A 1 57 ? -3.698  -10.953 0.943   1.00 26.67 ? 57  TYR A OH   1 
ATOM   794 H H    . TYR A 1 57 ? -1.080  -5.953  3.972   1.00 22.28 ? 57  TYR A H    1 
ATOM   795 H HA   . TYR A 1 57 ? 1.040   -7.609  3.766   1.00 21.99 ? 57  TYR A HA   1 
ATOM   796 H HB2  . TYR A 1 57 ? -0.186  -6.149  1.688   1.00 23.74 ? 57  TYR A HB2  1 
ATOM   797 H HB3  . TYR A 1 57 ? 0.998   -7.178  1.478   1.00 23.74 ? 57  TYR A HB3  1 
ATOM   798 H HD1  . TYR A 1 57 ? -0.938  -8.832  3.623   1.00 24.92 ? 57  TYR A HD1  1 
ATOM   799 H HD2  . TYR A 1 57 ? -1.033  -7.682  -0.227  1.00 27.10 ? 57  TYR A HD2  1 
ATOM   800 H HE1  . TYR A 1 57 ? -2.540  -10.449 3.170   1.00 28.42 ? 57  TYR A HE1  1 
ATOM   801 H HE2  . TYR A 1 57 ? -2.626  -9.296  -0.667  1.00 29.11 ? 57  TYR A HE2  1 
ATOM   802 H HH   . TYR A 1 57 ? -3.903  -11.364 1.647   1.00 32.00 ? 57  TYR A HH   1 
ATOM   803 N N    . VAL A 1 58 ? 1.584   -4.737  4.437   1.00 19.37 ? 58  VAL A N    1 
ATOM   804 C CA   . VAL A 1 58 ? 2.614   -3.731  4.633   1.00 19.88 ? 58  VAL A CA   1 
ATOM   805 C C    . VAL A 1 58 ? 2.913   -3.645  6.124   1.00 21.66 ? 58  VAL A C    1 
ATOM   806 O O    . VAL A 1 58 ? 2.112   -4.048  6.976   1.00 24.32 ? 58  VAL A O    1 
ATOM   807 C CB   . VAL A 1 58 ? 2.242   -2.343  4.055   1.00 20.13 ? 58  VAL A CB   1 
ATOM   808 C CG1  . VAL A 1 58 ? 1.879   -2.416  2.582   1.00 20.27 ? 58  VAL A CG1  1 
ATOM   809 C CG2  . VAL A 1 58 ? 1.123   -1.710  4.837   1.00 22.68 ? 58  VAL A CG2  1 
ATOM   810 H H    . VAL A 1 58 ? 0.903   -4.644  4.954   1.00 23.24 ? 58  VAL A H    1 
ATOM   811 H HA   . VAL A 1 58 ? 3.423   -4.027  4.187   1.00 23.86 ? 58  VAL A HA   1 
ATOM   812 H HB   . VAL A 1 58 ? 3.015   -1.761  4.133   1.00 24.15 ? 58  VAL A HB   1 
ATOM   813 H HG11 . VAL A 1 58 ? 1.654   -1.527  2.267   1.00 24.33 ? 58  VAL A HG11 1 
ATOM   814 H HG12 . VAL A 1 58 ? 2.638   -2.762  2.088   1.00 24.33 ? 58  VAL A HG12 1 
ATOM   815 H HG13 . VAL A 1 58 ? 1.117   -3.008  2.475   1.00 24.33 ? 58  VAL A HG13 1 
ATOM   816 H HG21 . VAL A 1 58 ? 0.917   -0.845  4.450   1.00 27.21 ? 58  VAL A HG21 1 
ATOM   817 H HG22 . VAL A 1 58 ? 0.344   -2.286  4.795   1.00 27.21 ? 58  VAL A HG22 1 
ATOM   818 H HG23 . VAL A 1 58 ? 1.406   -1.601  5.758   1.00 27.21 ? 58  VAL A HG23 1 
ATOM   819 N N    . LYS A 1 59 ? 4.078   -3.072  6.434   1.00 21.53 ? 59  LYS A N    1 
ATOM   820 C CA   . LYS A 1 59 ? 4.541   -2.914  7.805   1.00 23.52 ? 59  LYS A CA   1 
ATOM   821 C C    . LYS A 1 59 ? 5.002   -1.479  8.000   1.00 23.59 ? 59  LYS A C    1 
ATOM   822 O O    . LYS A 1 59 ? 5.888   -1.006  7.276   1.00 24.04 ? 59  LYS A O    1 
ATOM   823 C CB   . LYS A 1 59 ? 5.701   -3.877  8.096   1.00 27.03 ? 59  LYS A CB   1 
ATOM   824 H H    . LYS A 1 59 ? 4.627   -2.761  5.850   1.00 25.84 ? 59  LYS A H    1 
ATOM   825 H HA   . LYS A 1 59 ? 3.817   -3.098  8.423   1.00 28.23 ? 59  LYS A HA   1 
ATOM   826 N N    . LYS A 1 60 ? 4.447   -0.798  8.999   1.00 24.57 ? 60  LYS A N    1 
ATOM   827 C CA   . LYS A 1 60 ? 4.908   0.551   9.296   1.00 26.20 ? 60  LYS A CA   1 
ATOM   828 C C    . LYS A 1 60 ? 6.375   0.542   9.688   1.00 28.17 ? 60  LYS A C    1 
ATOM   829 O O    . LYS A 1 60 ? 6.830   -0.331  10.432  1.00 30.14 ? 60  LYS A O    1 
ATOM   830 C CB   . LYS A 1 60 ? 4.110   1.156   10.445  1.00 28.65 ? 60  LYS A CB   1 
ATOM   831 C CG   . LYS A 1 60 ? 2.708   1.546   10.080  1.00 29.85 ? 60  LYS A CG   1 
ATOM   832 C CD   . LYS A 1 60 ? 1.998   2.222   11.249  1.00 33.92 ? 60  LYS A CD   1 
ATOM   833 C CE   . LYS A 1 60 ? 0.637   2.714   10.830  1.00 36.47 ? 60  LYS A CE   1 
ATOM   834 N NZ   . LYS A 1 60 ? -0.091  3.338   11.964  1.00 36.97 ? 60  LYS A NZ   1 
ATOM   835 H H    . LYS A 1 60 ? 3.817   -1.087  9.509   1.00 29.48 ? 60  LYS A H    1 
ATOM   836 H HA   . LYS A 1 60 ? 4.799   1.114   8.513   1.00 31.44 ? 60  LYS A HA   1 
ATOM   837 H HB2  . LYS A 1 60 ? 4.058   0.507   11.164  1.00 34.38 ? 60  LYS A HB2  1 
ATOM   838 H HB3  . LYS A 1 60 ? 4.567   1.953   10.757  1.00 34.38 ? 60  LYS A HB3  1 
ATOM   839 H HG2  . LYS A 1 60 ? 2.733   2.170   9.337   1.00 35.82 ? 60  LYS A HG2  1 
ATOM   840 H HG3  . LYS A 1 60 ? 2.207   0.752   9.837   1.00 35.82 ? 60  LYS A HG3  1 
ATOM   841 H HD2  . LYS A 1 60 ? 1.885   1.584   11.971  1.00 40.70 ? 60  LYS A HD2  1 
ATOM   842 H HD3  . LYS A 1 60 ? 2.521   2.983   11.548  1.00 40.70 ? 60  LYS A HD3  1 
ATOM   843 H HE2  . LYS A 1 60 ? 0.738   3.379   10.132  1.00 43.76 ? 60  LYS A HE2  1 
ATOM   844 H HE3  . LYS A 1 60 ? 0.113   1.965   10.508  1.00 43.76 ? 60  LYS A HE3  1 
ATOM   845 H HZ1  . LYS A 1 60 ? -0.891  3.620   11.694  1.00 44.36 ? 60  LYS A HZ1  1 
ATOM   846 H HZ2  . LYS A 1 60 ? -0.201  2.745   12.619  1.00 44.36 ? 60  LYS A HZ2  1 
ATOM   847 H HZ3  . LYS A 1 60 ? 0.370   4.032   12.277  1.00 44.36 ? 60  LYS A HZ3  1 
ATOM   848 N N    . LEU A 1 61 ? 7.104   1.536   9.192   1.00 28.08 ? 61  LEU A N    1 
ATOM   849 C CA   . LEU A 1 61 ? 8.510   1.750   9.555   1.00 31.33 ? 61  LEU A CA   1 
ATOM   850 C C    . LEU A 1 61 ? 8.630   2.844   10.614  1.00 36.74 ? 61  LEU A C    1 
ATOM   851 O O    . LEU A 1 61 ? 8.133   2.676   11.714  1.00 41.88 ? 61  LEU A O    1 
ATOM   852 C CB   . LEU A 1 61 ? 9.327   2.116   8.312   1.00 31.15 ? 61  LEU A CB   1 
ATOM   853 C CG   . LEU A 1 61 ? 9.278   1.076   7.185   1.00 33.97 ? 61  LEU A CG   1 
ATOM   854 C CD1  . LEU A 1 61 ? 9.956   1.615   5.939   1.00 36.48 ? 61  LEU A CD1  1 
ATOM   855 C CD2  . LEU A 1 61 ? 9.923   -0.227  7.629   1.00 35.78 ? 61  LEU A CD2  1 
ATOM   856 H H    . LEU A 1 61 ? 6.805   2.114   8.631   1.00 33.70 ? 61  LEU A H    1 
ATOM   857 H HA   . LEU A 1 61 ? 8.872   0.930   9.926   1.00 37.59 ? 61  LEU A HA   1 
ATOM   858 H HB2  . LEU A 1 61 ? 8.991   2.952   7.954   1.00 37.38 ? 61  LEU A HB2  1 
ATOM   859 H HB3  . LEU A 1 61 ? 10.255  2.223   8.572   1.00 37.38 ? 61  LEU A HB3  1 
ATOM   860 H HG   . LEU A 1 61 ? 8.352   0.892   6.964   1.00 40.76 ? 61  LEU A HG   1 
ATOM   861 H HD11 . LEU A 1 61 ? 9.913   0.942   5.242   1.00 43.77 ? 61  LEU A HD11 1 
ATOM   862 H HD12 . LEU A 1 61 ? 9.497   2.419   5.652   1.00 43.77 ? 61  LEU A HD12 1 
ATOM   863 H HD13 . LEU A 1 61 ? 10.881  1.818   6.146   1.00 43.77 ? 61  LEU A HD13 1 
ATOM   864 H HD21 . LEU A 1 61 ? 9.879   -0.865  6.899   1.00 42.93 ? 61  LEU A HD21 1 
ATOM   865 H HD22 . LEU A 1 61 ? 10.849  -0.057  7.864   1.00 42.93 ? 61  LEU A HD22 1 
ATOM   866 H HD23 . LEU A 1 61 ? 9.442   -0.570  8.399   1.00 42.93 ? 61  LEU A HD23 1 
HETATM 867 S S    . SO4 B 2 .  ? 1.874   -2.080  11.575  0.65 42.60 ? 101 SO4 A S    1 
HETATM 868 O O1   . SO4 B 2 .  ? 0.752   -1.215  11.945  0.65 42.17 ? 101 SO4 A O1   1 
HETATM 869 O O2   . SO4 B 2 .  ? 3.082   -1.609  12.253  0.65 45.10 ? 101 SO4 A O2   1 
HETATM 870 O O3   . SO4 B 2 .  ? 2.071   -2.034  10.129  0.65 35.59 ? 101 SO4 A O3   1 
HETATM 871 O O4   . SO4 B 2 .  ? 1.545   -3.449  11.982  0.65 44.12 ? 101 SO4 A O4   1 
HETATM 872 N N    . PRO C 3 .  ? -10.890 -2.839  -3.676  0.78 36.52 ? 102 PRO A N    1 
HETATM 873 C CA   . PRO C 3 .  ? -12.243 -3.405  -3.711  0.78 38.70 ? 102 PRO A CA   1 
HETATM 874 C C    . PRO C 3 .  ? -13.276 -2.383  -4.188  0.78 41.24 ? 102 PRO A C    1 
HETATM 875 O O    . PRO C 3 .  ? -12.901 -1.308  -4.666  0.78 43.16 ? 102 PRO A O    1 
HETATM 876 C CB   . PRO C 3 .  ? -12.483 -3.795  -2.255  0.78 37.40 ? 102 PRO A CB   1 
HETATM 877 C CG   . PRO C 3 .  ? -11.697 -2.796  -1.481  0.78 36.02 ? 102 PRO A CG   1 
HETATM 878 C CD   . PRO C 3 .  ? -10.518 -2.395  -2.319  0.78 36.29 ? 102 PRO A CD   1 
HETATM 879 O OXT  . PRO C 3 .  ? -14.495 -2.592  -4.126  0.78 42.55 ? 102 PRO A OXT  1 
HETATM 880 H H2   . PRO C 3 .  ? -10.801 -2.182  -4.371  0.78 43.82 ? 102 PRO A H2   1 
HETATM 881 H H3   . PRO C 3 .  ? -10.383 -3.621  -3.908  0.78 43.82 ? 102 PRO A H3   1 
HETATM 882 H HA   . PRO C 3 .  ? -12.273 -4.195  -4.273  0.78 46.44 ? 102 PRO A HA   1 
HETATM 883 H HB2  . PRO C 3 .  ? -13.428 -3.728  -2.047  0.78 44.88 ? 102 PRO A HB2  1 
HETATM 884 H HB3  . PRO C 3 .  ? -12.154 -4.693  -2.096  0.78 44.88 ? 102 PRO A HB3  1 
HETATM 885 H HG2  . PRO C 3 .  ? -12.255 -2.025  -1.295  0.78 43.23 ? 102 PRO A HG2  1 
HETATM 886 H HG3  . PRO C 3 .  ? -11.397 -3.200  -0.651  0.78 43.23 ? 102 PRO A HG3  1 
HETATM 887 H HD2  . PRO C 3 .  ? -10.401 -1.432  -2.300  0.78 43.54 ? 102 PRO A HD2  1 
HETATM 888 H HD3  . PRO C 3 .  ? -9.718  -2.856  -2.020  0.78 43.54 ? 102 PRO A HD3  1 
HETATM 889 C C    . ACT D 4 .  ? -4.753  10.940  0.410   1.00 50.18 ? 103 ACT A C    1 
HETATM 890 O O    . ACT D 4 .  ? -5.531  10.285  1.148   1.00 46.57 ? 103 ACT A O    1 
HETATM 891 O OXT  . ACT D 4 .  ? -4.881  10.766  -0.827  1.00 48.74 ? 103 ACT A OXT  1 
HETATM 892 C CH3  . ACT D 4 .  ? -3.720  11.876  0.971   1.00 49.17 ? 103 ACT A CH3  1 
HETATM 893 H H1   . ACT D 4 .  ? -3.778  11.871  2.059   1.00 59.01 ? 103 ACT A H1   1 
HETATM 894 H H2   . ACT D 4 .  ? -3.904  12.885  0.602   1.00 59.01 ? 103 ACT A H2   1 
HETATM 895 H H3   . ACT D 4 .  ? -2.727  11.551  0.659   1.00 59.01 ? 103 ACT A H3   1 
HETATM 896 O O    . HOH E 5 .  ? -0.636  0.655   -10.151 1.00 33.03 ? 201 HOH A O    1 
HETATM 897 O O    . HOH E 5 .  ? 0.345   7.934   9.077   1.00 38.11 ? 202 HOH A O    1 
HETATM 898 O O    . HOH E 5 .  ? 5.470   -1.904  12.453  1.00 42.63 ? 203 HOH A O    1 
HETATM 899 O O    . HOH E 5 .  ? 5.006   3.382   -11.383 1.00 43.99 ? 204 HOH A O    1 
HETATM 900 O O    . HOH E 5 .  ? -14.397 0.148   -3.122  1.00 44.49 ? 205 HOH A O    1 
HETATM 901 O O    . HOH E 5 .  ? -5.939  0.278   -10.264 1.00 29.37 ? 206 HOH A O    1 
HETATM 902 O O    . HOH E 5 .  ? -9.864  -6.580  -4.520  1.00 36.85 ? 207 HOH A O    1 
HETATM 903 O O    . HOH E 5 .  ? 5.980   8.989   -1.842  1.00 22.93 ? 208 HOH A O    1 
HETATM 904 O O    . HOH E 5 .  ? 0.967   -9.903  7.333   1.00 41.18 ? 209 HOH A O    1 
HETATM 905 O O    . HOH E 5 .  ? 10.919  -3.841  -4.253  1.00 26.40 ? 210 HOH A O    1 
HETATM 906 O O    . HOH E 5 .  ? 6.856   -1.454  -7.613  1.00 42.93 ? 211 HOH A O    1 
HETATM 907 O O    . HOH E 5 .  ? 6.789   6.931   -3.599  1.00 22.11 ? 212 HOH A O    1 
HETATM 908 O O    . HOH E 5 .  ? 7.500   -10.715 3.976   1.00 37.29 ? 213 HOH A O    1 
HETATM 909 O O    . HOH E 5 .  ? 9.060   -9.282  -5.959  1.00 43.07 ? 214 HOH A O    1 
HETATM 910 O O    . HOH E 5 .  ? -3.774  -9.459  -6.514  1.00 41.91 ? 215 HOH A O    1 
HETATM 911 O O    . HOH E 5 .  ? -5.106  9.325   -5.281  1.00 46.75 ? 216 HOH A O    1 
HETATM 912 O O    . HOH E 5 .  ? -5.220  -2.252  10.286  1.00 32.28 ? 217 HOH A O    1 
HETATM 913 O O    . HOH E 5 .  ? 10.821  -7.895  -4.744  1.00 35.85 ? 218 HOH A O    1 
HETATM 914 O O    . HOH E 5 .  ? 13.229  -3.032  1.313   1.00 28.18 ? 219 HOH A O    1 
HETATM 915 O O    . HOH E 5 .  ? -0.327  -10.842 -4.173  1.00 37.44 ? 220 HOH A O    1 
HETATM 916 O O    . HOH E 5 .  ? -0.217  -3.289  -12.169 1.00 47.42 ? 221 HOH A O    1 
HETATM 917 O O    . HOH E 5 .  ? -5.861  -5.834  8.209   1.00 34.06 ? 222 HOH A O    1 
HETATM 918 O O    . HOH E 5 .  ? -11.907 0.158   -6.826  1.00 34.78 ? 223 HOH A O    1 
HETATM 919 O O    . HOH E 5 .  ? -12.307 3.378   9.191   1.00 25.85 ? 224 HOH A O    1 
HETATM 920 O O    . HOH E 5 .  ? -0.009  -3.530  8.843   1.00 31.32 ? 225 HOH A O    1 
HETATM 921 O O    . HOH E 5 .  ? -7.522  3.413   5.117   1.00 17.52 ? 226 HOH A O    1 
HETATM 922 O O    . HOH E 5 .  ? -9.358  6.659   -3.913  1.00 41.74 ? 227 HOH A O    1 
HETATM 923 O O    . HOH E 5 .  ? 6.984   10.020  2.412   1.00 28.51 ? 228 HOH A O    1 
HETATM 924 O O    . HOH E 5 .  ? -4.397  7.858   8.170   1.00 24.31 ? 229 HOH A O    1 
HETATM 925 O O    . HOH E 5 .  ? -4.967  -10.861 -1.618  1.00 35.94 ? 230 HOH A O    1 
HETATM 926 O O    . HOH E 5 .  ? 4.156   -6.956  -7.893  1.00 38.90 ? 231 HOH A O    1 
HETATM 927 O O    . HOH E 5 .  ? -7.375  4.945   -4.659  1.00 28.44 ? 232 HOH A O    1 
HETATM 928 O O    . HOH E 5 .  ? -5.659  0.701   10.567  1.00 26.78 ? 233 HOH A O    1 
HETATM 929 O O    . HOH E 5 .  ? 9.621   -7.111  2.575   1.00 27.59 ? 234 HOH A O    1 
HETATM 930 O O    . HOH E 5 .  ? -7.557  -6.487  2.970   1.00 31.13 ? 235 HOH A O    1 
HETATM 931 O O    . HOH E 5 .  ? 5.187   5.919   -10.852 1.00 35.85 ? 236 HOH A O    1 
HETATM 932 O O    . HOH E 5 .  ? -8.192  1.224   11.510  1.00 30.17 ? 237 HOH A O    1 
HETATM 933 O O    . HOH E 5 .  ? -5.461  -6.410  5.331   1.00 22.35 ? 238 HOH A O    1 
HETATM 934 O O    . HOH E 5 .  ? -2.110  7.398   -9.025  1.00 41.74 ? 239 HOH A O    1 
HETATM 935 O O    . HOH E 5 .  ? 5.529   -11.788 -2.380  1.00 35.37 ? 240 HOH A O    1 
HETATM 936 O O    . HOH E 5 .  ? -9.079  8.231   -1.228  1.00 36.23 ? 241 HOH A O    1 
HETATM 937 O O    . HOH E 5 .  ? -7.973  8.478   1.265   1.00 34.81 ? 242 HOH A O    1 
HETATM 938 O O    . HOH E 5 .  ? -11.950 -7.840  7.978   1.00 42.90 ? 243 HOH A O    1 
HETATM 939 O O    . HOH E 5 .  ? -9.768  5.128   12.092  1.00 44.30 ? 244 HOH A O    1 
HETATM 940 O O    . HOH E 5 .  ? -6.825  -8.533  -1.762  1.00 35.35 ? 245 HOH A O    1 
HETATM 941 O O    . HOH E 5 .  ? 9.580   -9.046  4.616   1.00 46.17 ? 246 HOH A O    1 
HETATM 942 O O    . HOH E 5 .  ? 6.127   -11.150 6.396   1.00 44.16 ? 247 HOH A O    1 
HETATM 943 O O    . HOH E 5 .  ? 12.049  -7.123  1.267   1.00 44.53 ? 248 HOH A O    1 
HETATM 944 O O    . HOH E 5 .  ? 8.657   7.949   -8.512  1.00 38.06 ? 249 HOH A O    1 
HETATM 945 O O    . HOH E 5 .  ? -3.341  -5.847  9.382   1.00 43.12 ? 250 HOH A O    1 
HETATM 946 O O    . HOH E 5 .  ? -5.891  10.134  7.883   1.00 31.33 ? 251 HOH A O    1 
HETATM 947 O O    . HOH E 5 .  ? 1.482   -11.017 -7.150  1.00 51.02 ? 252 HOH A O    1 
HETATM 948 O O    . HOH E 5 .  ? -7.100  -8.424  1.075   1.00 38.14 ? 253 HOH A O    1 
HETATM 949 O O    . HOH E 5 .  ? -2.676  -3.351  10.234  1.00 36.03 ? 254 HOH A O    1 
HETATM 950 O O    . HOH E 5 .  ? -3.672  0.965   12.504  1.00 42.07 ? 255 HOH A O    1 
HETATM 951 O O    . HOH E 5 .  ? -3.142  -11.097 -3.802  1.00 37.97 ? 256 HOH A O    1 
# 
loop_
_atom_site_anisotrop.id 
_atom_site_anisotrop.type_symbol 
_atom_site_anisotrop.pdbx_label_atom_id 
_atom_site_anisotrop.pdbx_label_alt_id 
_atom_site_anisotrop.pdbx_label_comp_id 
_atom_site_anisotrop.pdbx_label_asym_id 
_atom_site_anisotrop.pdbx_label_seq_id 
_atom_site_anisotrop.pdbx_PDB_ins_code 
_atom_site_anisotrop.U[1][1] 
_atom_site_anisotrop.U[2][2] 
_atom_site_anisotrop.U[3][3] 
_atom_site_anisotrop.U[1][2] 
_atom_site_anisotrop.U[1][3] 
_atom_site_anisotrop.U[2][3] 
_atom_site_anisotrop.pdbx_auth_seq_id 
_atom_site_anisotrop.pdbx_auth_comp_id 
_atom_site_anisotrop.pdbx_auth_asym_id 
_atom_site_anisotrop.pdbx_auth_atom_id 
1   N N   . LYS A 6  ? 0.5455 0.4127 0.5612 -0.0283 0.0132  -0.0473 6   LYS A N   
2   C CA  . LYS A 6  ? 0.4777 0.3953 0.5060 -0.0214 0.0214  -0.0427 6   LYS A CA  
3   C C   . LYS A 6  ? 0.3557 0.3744 0.4319 0.0041  -0.0070 -0.0663 6   LYS A C   
4   O O   . LYS A 6  ? 0.3133 0.3868 0.4551 -0.0309 -0.0340 -0.0554 6   LYS A O   
5   C CB  . LYS A 6  ? 0.4855 0.4230 0.5040 -0.0385 0.0328  -0.0338 6   LYS A CB  
8   N N   . GLU A 7  ? 0.3220 0.3991 0.3555 0.0380  -0.0387 -0.1150 7   GLU A N   
9   C CA  . GLU A 7  ? 0.3274 0.3683 0.3195 -0.0358 0.0302  -0.0907 7   GLU A CA  
10  C C   . GLU A 7  ? 0.2248 0.3430 0.2984 -0.0655 -0.0021 -0.0985 7   GLU A C   
11  O O   . GLU A 7  ? 0.2323 0.4079 0.3211 -0.0365 -0.0440 -0.1413 7   GLU A O   
12  C CB  . GLU A 7  ? 0.4714 0.4709 0.4052 0.0334  0.0490  -0.0777 7   GLU A CB  
13  C CG  . GLU A 7  ? 0.5285 0.5462 0.4069 0.0422  0.0283  -0.0644 7   GLU A CG  
14  C CD  . GLU A 7  ? 0.5891 0.5814 0.4720 0.0414  0.0041  -0.0262 7   GLU A CD  
15  O OE1 . GLU A 7  ? 0.6175 0.5522 0.5371 0.0412  -0.0017 0.0058  7   GLU A OE1 
16  O OE2 . GLU A 7  ? 0.6107 0.6106 0.4777 0.0242  0.0113  -0.0313 7   GLU A OE2 
23  N N   . LEU A 8  ? 0.2669 0.2885 0.2771 -0.0458 0.0326  -0.0743 8   LEU A N   
24  C CA  . LEU A 8  ? 0.2799 0.2742 0.2586 -0.0603 0.0488  -0.0609 8   LEU A CA  
25  C C   . LEU A 8  ? 0.2743 0.2755 0.2744 -0.0571 0.0481  -0.0406 8   LEU A C   
26  O O   . LEU A 8  ? 0.3086 0.3104 0.3155 -0.0778 0.0358  -0.0545 8   LEU A O   
27  C CB  . LEU A 8  ? 0.3150 0.2793 0.2965 -0.0828 0.0518  -0.0681 8   LEU A CB  
28  C CG  . LEU A 8  ? 0.3121 0.2900 0.2686 -0.1073 0.0289  -0.0739 8   LEU A CG  
29  C CD1 . LEU A 8  ? 0.3180 0.3075 0.3477 -0.0774 0.0686  -0.0804 8   LEU A CD1 
30  C CD2 . LEU A 8  ? 0.3242 0.2916 0.2992 -0.1044 -0.0051 -0.0372 8   LEU A CD2 
42  N N   . VAL A 9  ? 0.2467 0.2480 0.2626 -0.0336 0.0257  -0.0429 9   VAL A N   
43  C CA  . VAL A 9  ? 0.2449 0.2655 0.2669 -0.0581 0.0161  -0.0274 9   VAL A CA  
44  C C   . VAL A 9  ? 0.2294 0.2606 0.2963 -0.0454 0.0106  -0.0315 9   VAL A C   
45  O O   . VAL A 9  ? 0.2467 0.2434 0.2948 -0.0021 0.0026  -0.0160 9   VAL A O   
46  C CB  . VAL A 9  ? 0.2261 0.2905 0.2780 -0.0280 0.0013  -0.0212 9   VAL A CB  
47  C CG1 . VAL A 9  ? 0.2687 0.3083 0.2925 -0.0262 0.0383  -0.0311 9   VAL A CG1 
48  C CG2 . VAL A 9  ? 0.2140 0.2879 0.3388 -0.0496 0.0154  -0.0251 9   VAL A CG2 
58  N N   . LEU A 10 ? 0.2251 0.2325 0.3050 -0.0436 -0.0141 -0.0167 10  LEU A N   
59  C CA  . LEU A 10 ? 0.1871 0.2542 0.3479 -0.0203 -0.0083 -0.0308 10  LEU A CA  
60  C C   . LEU A 10 ? 0.1970 0.2262 0.3443 -0.0105 0.0046  -0.0060 10  LEU A C   
61  O O   . LEU A 10 ? 0.2235 0.2524 0.3157 -0.0368 -0.0142 -0.0134 10  LEU A O   
62  C CB  . LEU A 10 ? 0.2154 0.2991 0.3516 -0.0140 -0.0339 -0.0320 10  LEU A CB  
63  C CG  . LEU A 10 ? 0.2419 0.3330 0.3788 -0.0094 -0.0333 -0.0206 10  LEU A CG  
64  C CD1 . LEU A 10 ? 0.2483 0.3481 0.3747 -0.0057 0.0099  -0.0195 10  LEU A CD1 
65  C CD2 . LEU A 10 ? 0.2432 0.3294 0.4235 0.0086  -0.0180 0.0156  10  LEU A CD2 
77  N N   . ALA A 11 ? 0.1978 0.2251 0.3124 -0.0157 0.0074  -0.0135 11  ALA A N   
78  C CA  . ALA A 11 ? 0.2054 0.2050 0.3046 -0.0063 0.0158  -0.0169 11  ALA A CA  
79  C C   . ALA A 11 ? 0.1983 0.2171 0.3216 -0.0147 0.0099  -0.0135 11  ALA A C   
80  O O   . ALA A 11 ? 0.2074 0.2319 0.3738 -0.0067 0.0256  -0.0052 11  ALA A O   
81  C CB  . ALA A 11 ? 0.1968 0.2368 0.3333 -0.0235 -0.0069 -0.0365 11  ALA A CB  
87  N N   . LEU A 12 ? 0.1934 0.2276 0.3357 -0.0157 -0.0024 -0.0072 12  LEU A N   
88  C CA  . LEU A 12 ? 0.2211 0.2416 0.3756 -0.0063 0.0052  0.0014  12  LEU A CA  
89  C C   . LEU A 12 ? 0.2244 0.2212 0.4204 0.0113  -0.0099 -0.0004 12  LEU A C   
90  O O   . LEU A 12 ? 0.2208 0.2428 0.4832 0.0118  -0.0077 0.0028  12  LEU A O   
91  C CB  . LEU A 12 ? 0.2449 0.2618 0.3832 -0.0029 -0.0203 -0.0064 12  LEU A CB  
92  C CG  . LEU A 12 ? 0.2724 0.3104 0.3755 -0.0061 -0.0051 -0.0024 12  LEU A CG  
93  C CD1 . LEU A 12 ? 0.2595 0.3303 0.3968 0.0095  -0.0067 -0.0146 12  LEU A CD1 
94  C CD2 . LEU A 12 ? 0.2885 0.3526 0.3692 -0.0237 -0.0271 -0.0134 12  LEU A CD2 
106 N N   . TYR A 13 ? 0.2121 0.2095 0.3996 0.0105  0.0045  -0.0178 13  TYR A N   
107 C CA  . TYR A 13 ? 0.2214 0.2057 0.4613 0.0044  0.0001  -0.0578 13  TYR A CA  
108 C C   . TYR A 13 ? 0.2098 0.2250 0.4275 0.0072  0.0113  -0.0586 13  TYR A C   
109 O O   . TYR A 13 ? 0.2697 0.2264 0.4068 0.0162  0.0056  -0.0441 13  TYR A O   
110 C CB  . TYR A 13 ? 0.2161 0.2317 0.4864 -0.0235 0.0156  -0.0607 13  TYR A CB  
111 C CG  . TYR A 13 ? 0.2239 0.2139 0.4315 -0.0251 0.0399  -0.0369 13  TYR A CG  
112 C CD1 . TYR A 13 ? 0.2442 0.2483 0.4573 -0.0042 0.0056  -0.0016 13  TYR A CD1 
113 C CD2 . TYR A 13 ? 0.2327 0.2203 0.4610 -0.0218 0.0155  -0.0130 13  TYR A CD2 
114 C CE1 . TYR A 13 ? 0.2625 0.2836 0.4562 0.0176  0.0186  0.0085  13  TYR A CE1 
115 C CE2 . TYR A 13 ? 0.2864 0.2675 0.4738 -0.0380 0.0195  -0.0171 13  TYR A CE2 
116 C CZ  . TYR A 13 ? 0.3073 0.3170 0.4416 -0.0002 0.0012  -0.0060 13  TYR A CZ  
117 O OH  . TYR A 13 ? 0.3795 0.3987 0.4280 -0.0137 0.0141  -0.0045 13  TYR A OH  
127 N N   . ASP A 14 ? 0.2169 0.2196 0.4644 0.0165  0.0070  -0.0481 14  ASP A N   
128 C CA  . ASP A 14 ? 0.2295 0.2455 0.4635 -0.0140 -0.0115 -0.0512 14  ASP A CA  
129 C C   . ASP A 14 ? 0.2290 0.2877 0.4178 -0.0357 -0.0292 -0.0469 14  ASP A C   
130 O O   . ASP A 14 ? 0.2373 0.3145 0.4584 -0.0391 -0.0350 0.0133  14  ASP A O   
131 C CB  . ASP A 14 ? 0.2937 0.2676 0.4764 -0.0069 0.0072  -0.1093 14  ASP A CB  
132 C CG  . ASP A 14 ? 0.3444 0.3078 0.5039 -0.0080 0.0228  -0.1515 14  ASP A CG  
133 O OD1 . ASP A 14 ? 0.3007 0.2905 0.5126 -0.0047 0.0139  -0.1275 14  ASP A OD1 
134 O OD2 . ASP A 14 ? 0.3997 0.3902 0.5331 -0.0283 0.0121  -0.1955 14  ASP A OD2 
139 N N   . TYR A 15 ? 0.2164 0.2771 0.4104 -0.0173 -0.0647 -0.0697 15  TYR A N   
140 C CA  . TYR A 15 ? 0.2447 0.2653 0.3531 -0.0256 -0.0318 -0.0584 15  TYR A CA  
141 C C   . TYR A 15 ? 0.2330 0.2787 0.3516 0.0068  -0.0134 -0.0975 15  TYR A C   
142 O O   . TYR A 15 ? 0.2501 0.2968 0.3202 -0.0305 -0.0088 -0.0738 15  TYR A O   
143 C CB  . TYR A 15 ? 0.2546 0.2493 0.3042 -0.0316 -0.0245 -0.0483 15  TYR A CB  
144 C CG  . TYR A 15 ? 0.2474 0.2267 0.3142 -0.0151 -0.0166 -0.0479 15  TYR A CG  
145 C CD1 . TYR A 15 ? 0.2556 0.2166 0.3512 -0.0220 0.0112  -0.0602 15  TYR A CD1 
146 C CD2 . TYR A 15 ? 0.2254 0.2373 0.2838 -0.0226 0.0064  -0.0543 15  TYR A CD2 
147 C CE1 . TYR A 15 ? 0.2363 0.2454 0.3482 -0.0043 0.0175  -0.0571 15  TYR A CE1 
148 C CE2 . TYR A 15 ? 0.2448 0.2313 0.2677 0.0009  0.0056  -0.0714 15  TYR A CE2 
149 C CZ  . TYR A 15 ? 0.2562 0.2322 0.3370 -0.0167 0.0114  -0.0591 15  TYR A CZ  
150 O OH  . TYR A 15 ? 0.2449 0.2498 0.4083 -0.0189 0.0091  -0.0544 15  TYR A OH  
160 N N   . GLN A 16 ? 0.2480 0.3230 0.3595 0.0118  -0.0538 -0.1523 16  GLN A N   
161 C CA  . GLN A 16 ? 0.2635 0.3544 0.3625 -0.0035 -0.0491 -0.1641 16  GLN A CA  
162 C C   . GLN A 16 ? 0.2371 0.3354 0.3362 0.0079  -0.0480 -0.1382 16  GLN A C   
163 O O   . GLN A 16 ? 0.2453 0.3324 0.3696 -0.0069 -0.0280 -0.1289 16  GLN A O   
164 C CB  . GLN A 16 ? 0.3019 0.3870 0.4516 0.0474  -0.0348 -0.1732 16  GLN A CB  
167 N N   . GLU A 17 ? 0.2526 0.3694 0.2720 0.0197  -0.0091 -0.1483 17  GLU A N   
168 C CA  . GLU A 17 ? 0.2371 0.3775 0.2783 -0.0086 -0.0136 -0.1062 17  GLU A CA  
169 C C   . GLU A 17 ? 0.2672 0.3694 0.2766 0.0008  -0.0430 -0.1300 17  GLU A C   
170 O O   . GLU A 17 ? 0.2891 0.3827 0.3106 -0.0039 -0.0383 -0.1314 17  GLU A O   
171 C CB  . GLU A 17 ? 0.3118 0.4795 0.1688 -0.0155 -0.0124 -0.0861 17  GLU A CB  
172 C CG  . GLU A 17 ? 0.3114 0.4366 0.2069 0.0014  -0.0181 -0.0578 17  GLU A CG  
173 C CD  . GLU A 17 ? 0.3600 0.4419 0.3246 -0.0074 0.0016  -0.0045 17  GLU A CD  
174 O OE1 . GLU A 17 ? 0.4388 0.4620 0.4493 0.0178  -0.0191 0.0168  17  GLU A OE1 
175 O OE2 . GLU A 17 ? 0.3263 0.4823 0.3591 -0.0180 -0.0388 -0.0138 17  GLU A OE2 
182 N N   . LYS A 18 ? 0.2196 0.3340 0.3147 -0.0037 -0.0474 -0.1093 18  LYS A N   
183 C CA  . LYS A 18 ? 0.2702 0.2977 0.3730 -0.0097 -0.0509 -0.0922 18  LYS A CA  
184 C C   . LYS A 18 ? 0.2368 0.3087 0.2828 -0.0223 -0.0400 -0.1022 18  LYS A C   
185 O O   . LYS A 18 ? 0.2492 0.3256 0.3154 -0.0443 -0.0406 -0.0751 18  LYS A O   
186 C CB  . LYS A 18 ? 0.3274 0.2533 0.5317 -0.0586 -0.0987 -0.0501 18  LYS A CB  
189 N N   . SER A 19 ? 0.2395 0.3004 0.2937 -0.0121 -0.0474 -0.0838 19  SER A N   
190 C CA  . SER A 19 ? 0.2477 0.3286 0.2775 -0.0207 -0.0485 -0.0901 19  SER A CA  
191 C C   . SER A 19 ? 0.2517 0.3455 0.2759 -0.0032 -0.0487 -0.0792 19  SER A C   
192 O O   . SER A 19 ? 0.2381 0.3147 0.3223 0.0128  -0.0631 -0.0913 19  SER A O   
193 C CB  . SER A 19 ? 0.2945 0.3912 0.2900 -0.0367 -0.0266 -0.0843 19  SER A CB  
194 O OG  . SER A 19 ? 0.3008 0.4555 0.2991 0.0025  -0.0261 -0.1112 19  SER A OG  
200 N N   . PRO A 20 ? 0.2425 0.3347 0.2818 -0.0121 -0.0748 -0.0513 20  PRO A N   
201 C CA  . PRO A 20 ? 0.2684 0.3325 0.2990 0.0036  -0.0636 -0.0641 20  PRO A CA  
202 C C   . PRO A 20 ? 0.2324 0.3491 0.3269 0.0102  -0.0398 -0.0700 20  PRO A C   
203 O O   . PRO A 20 ? 0.2782 0.3772 0.3776 -0.0590 -0.0279 -0.0673 20  PRO A O   
204 C CB  . PRO A 20 ? 0.2999 0.3278 0.3384 0.0073  -0.1075 -0.0456 20  PRO A CB  
205 C CG  . PRO A 20 ? 0.3057 0.3425 0.3329 0.0154  -0.0845 -0.0736 20  PRO A CG  
206 C CD  . PRO A 20 ? 0.2767 0.3701 0.3274 0.0061  -0.0897 -0.0648 20  PRO A CD  
214 N N   . ARG A 21 ? 0.2438 0.3552 0.2818 0.0362  -0.0664 -0.0948 21  ARG A N   
215 C CA  . ARG A 21 ? 0.2493 0.3762 0.2951 0.0552  -0.0839 -0.1059 21  ARG A CA  
216 C C   . ARG A 21 ? 0.2173 0.2963 0.2727 0.0095  -0.0602 -0.0679 21  ARG A C   
217 O O   . ARG A 21 ? 0.2316 0.2647 0.2904 0.0141  -0.0623 -0.0615 21  ARG A O   
218 C CB  . ARG A 21 ? 0.2984 0.5025 0.3670 0.1211  -0.0884 -0.1343 21  ARG A CB  
219 C CG  . ARG A 21 ? 0.3679 0.5713 0.4444 0.1639  -0.1387 -0.0907 21  ARG A CG  
220 C CD  . ARG A 21 ? 0.4932 0.5951 0.4885 0.1336  -0.0952 -0.0370 21  ARG A CD  
221 N NE  . ARG A 21 ? 0.5450 0.6018 0.4913 0.1251  -0.0725 0.0111  21  ARG A NE  
222 C CZ  . ARG A 21 ? 0.5575 0.5706 0.4781 0.1062  -0.0097 0.0511  21  ARG A CZ  
223 N NH1 . ARG A 21 ? 0.5915 0.5909 0.4791 0.1185  0.0064  0.0387  21  ARG A NH1 
224 N NH2 . ARG A 21 ? 0.5207 0.5524 0.4629 0.1061  -0.0107 0.0807  21  ARG A NH2 
238 N N   . GLU A 22 ? 0.2191 0.2795 0.2588 -0.0025 -0.0269 -0.0618 22  GLU A N   
239 C CA  . GLU A 22 ? 0.1966 0.2731 0.2609 -0.0050 -0.0112 -0.0663 22  GLU A CA  
240 C C   . GLU A 22 ? 0.2296 0.2553 0.2446 0.0199  -0.0193 -0.0307 22  GLU A C   
241 O O   . GLU A 22 ? 0.2427 0.3092 0.2751 -0.0083 -0.0114 -0.0019 22  GLU A O   
242 C CB  . GLU A 22 ? 0.2268 0.2758 0.2655 0.0072  -0.0139 -0.0854 22  GLU A CB  
243 C CG  . GLU A 22 ? 0.2405 0.2788 0.2966 0.0114  -0.0069 -0.0614 22  GLU A CG  
244 C CD  . GLU A 22 ? 0.2230 0.3151 0.3160 0.0010  0.0017  -0.0863 22  GLU A CD  
245 O OE1 . GLU A 22 ? 0.2611 0.2947 0.3520 -0.0075 0.0153  -0.0825 22  GLU A OE1 
246 O OE2 . GLU A 22 ? 0.2264 0.3447 0.3843 -0.0325 0.0260  -0.1092 22  GLU A OE2 
253 N N   . VAL A 23 ? 0.1996 0.2811 0.2429 -0.0008 -0.0022 -0.0588 23  VAL A N   
254 C CA  . VAL A 23 ? 0.2162 0.2623 0.2629 -0.0023 0.0234  -0.0446 23  VAL A CA  
255 C C   . VAL A 23 ? 0.2120 0.2823 0.2322 0.0031  -0.0065 -0.0745 23  VAL A C   
256 O O   . VAL A 23 ? 0.2411 0.2943 0.2690 0.0166  0.0168  -0.0552 23  VAL A O   
257 C CB  . VAL A 23 ? 0.2255 0.2577 0.2728 -0.0135 -0.0026 -0.0533 23  VAL A CB  
258 C CG1 . VAL A 23 ? 0.2180 0.2486 0.2520 -0.0208 -0.0053 -0.0381 23  VAL A CG1 
259 C CG2 . VAL A 23 ? 0.2677 0.3313 0.2915 -0.0488 0.0167  -0.1018 23  VAL A CG2 
269 N N   . THR A 24 ? 0.2129 0.2982 0.2534 0.0098  0.0248  -0.0706 24  THR A N   
270 C CA  . THR A 24 ? 0.2170 0.2843 0.2533 0.0005  0.0128  -0.1012 24  THR A CA  
271 C C   . THR A 24 ? 0.2109 0.2624 0.2769 -0.0202 0.0123  -0.0816 24  THR A C   
272 O O   . THR A 24 ? 0.2442 0.2783 0.2937 -0.0199 0.0130  -0.0633 24  THR A O   
273 C CB  . THR A 24 ? 0.2270 0.3406 0.3083 -0.0118 0.0392  -0.1303 24  THR A CB  
274 O OG1 . THR A 24 ? 0.2172 0.3708 0.3397 -0.0038 -0.0107 -0.1280 24  THR A OG1 
275 C CG2 . THR A 24 ? 0.2436 0.3894 0.3062 0.0145  0.0241  -0.1240 24  THR A CG2 
283 N N   . MET A 25 ? 0.2038 0.2785 0.2924 -0.0059 -0.0144 -0.0754 25  MET A N   
284 C CA  . MET A 25 ? 0.2063 0.2610 0.2822 -0.0055 -0.0101 -0.0778 25  MET A CA  
285 C C   . MET A 25 ? 0.2096 0.2734 0.3309 -0.0210 0.0057  -0.0902 25  MET A C   
286 O O   . MET A 25 ? 0.2087 0.2412 0.3802 -0.0216 0.0029  -0.0734 25  MET A O   
287 C CB  . MET A 25 ? 0.2066 0.2646 0.2895 -0.0168 0.0052  -0.0642 25  MET A CB  
288 C CG  . MET A 25 ? 0.2477 0.2740 0.2839 -0.0323 -0.0015 -0.0546 25  MET A CG  
289 S SD  . MET A 25 ? 0.2241 0.2472 0.3029 -0.0082 -0.0035 -0.0496 25  MET A SD  
290 C CE  . MET A 25 ? 0.2479 0.2413 0.3411 -0.0434 0.0211  -0.0330 25  MET A CE  
300 N N   . LYS A 26 ? 0.2160 0.2444 0.3485 -0.0043 0.0052  -0.0803 26  LYS A N   
301 C CA  . LYS A 26 ? 0.1737 0.2471 0.4019 -0.0004 -0.0049 -0.0912 26  LYS A CA  
302 C C   . LYS A 26 ? 0.1823 0.2465 0.4118 -0.0090 0.0038  -0.0999 26  LYS A C   
303 O O   . LYS A 26 ? 0.2027 0.2467 0.4331 -0.0047 0.0233  -0.1264 26  LYS A O   
304 C CB  . LYS A 26 ? 0.2292 0.2497 0.5382 0.0201  0.0624  -0.0476 26  LYS A CB  
307 N N   . LYS A 27 ? 0.2268 0.2358 0.4011 -0.0008 0.0042  -0.0827 27  LYS A N   
308 C CA  . LYS A 27 ? 0.2225 0.2172 0.4516 -0.0038 -0.0001 -0.0421 27  LYS A CA  
309 C C   . LYS A 27 ? 0.2085 0.2382 0.4407 -0.0030 0.0059  -0.0577 27  LYS A C   
310 O O   . LYS A 27 ? 0.2115 0.2715 0.4228 -0.0150 0.0382  -0.0834 27  LYS A O   
311 C CB  . LYS A 27 ? 0.2579 0.2282 0.4942 0.0191  -0.0059 -0.0170 27  LYS A CB  
312 C CG  . LYS A 27 ? 0.2666 0.2683 0.5428 0.0408  0.0114  0.0058  27  LYS A CG  
313 C CD  . LYS A 27 ? 0.3817 0.2916 0.6003 0.0099  -0.0204 0.0348  27  LYS A CD  
314 C CE  . LYS A 27 ? 0.4880 0.4081 0.6070 0.0036  0.0111  0.0156  27  LYS A CE  
315 N NZ  . LYS A 27 ? 0.5291 0.4241 0.6380 0.0293  -0.0058 0.0296  27  LYS A NZ  
329 N N   . GLY A 28 ? 0.1902 0.2203 0.4249 0.0062  -0.0023 -0.0433 28  GLY A N   
330 C CA  . GLY A 28 ? 0.1798 0.2240 0.4570 -0.0110 -0.0017 -0.0738 28  GLY A CA  
331 C C   . GLY A 28 ? 0.1925 0.2304 0.3744 -0.0081 0.0354  -0.0563 28  GLY A C   
332 O O   . GLY A 28 ? 0.2078 0.2396 0.3913 -0.0288 -0.0106 -0.0518 28  GLY A O   
336 N N   . ASP A 29 ? 0.2144 0.2188 0.3427 -0.0121 -0.0033 -0.0429 29  ASP A N   
337 C CA  . ASP A 29 ? 0.2493 0.2441 0.3076 -0.0309 0.0035  -0.0542 29  ASP A CA  
338 C C   . ASP A 29 ? 0.1915 0.2499 0.2889 -0.0369 0.0119  -0.0482 29  ASP A C   
339 O O   . ASP A 29 ? 0.2270 0.2238 0.3054 -0.0240 0.0114  -0.0378 29  ASP A O   
340 C CB  . ASP A 29 ? 0.2585 0.2548 0.2619 -0.0014 -0.0283 -0.0542 29  ASP A CB  
341 C CG  . ASP A 29 ? 0.2612 0.2931 0.3784 -0.0520 0.0038  -0.0712 29  ASP A CG  
342 O OD1 . ASP A 29 ? 0.2534 0.3486 0.4176 -0.0279 0.0092  -0.1194 29  ASP A OD1 
343 O OD2 . ASP A 29 ? 0.3032 0.3028 0.3805 -0.0584 -0.0112 -0.0647 29  ASP A OD2 
348 N N   . ILE A 30 ? 0.2006 0.2262 0.2932 -0.0347 0.0140  -0.0506 30  ILE A N   
349 C CA  . ILE A 30 ? 0.1743 0.2057 0.3070 -0.0063 0.0128  -0.0539 30  ILE A CA  
350 C C   . ILE A 30 ? 0.1738 0.2185 0.2605 -0.0240 0.0057  -0.0431 30  ILE A C   
351 O O   . ILE A 30 ? 0.1960 0.2525 0.2658 -0.0243 0.0237  -0.0424 30  ILE A O   
352 C CB  . ILE A 30 ? 0.1879 0.2360 0.2789 -0.0270 -0.0011 -0.0454 30  ILE A CB  
353 C CG1 . ILE A 30 ? 0.2206 0.2362 0.3408 -0.0076 -0.0107 -0.0369 30  ILE A CG1 
354 C CG2 . ILE A 30 ? 0.1995 0.2685 0.2927 -0.0211 -0.0058 -0.0591 30  ILE A CG2 
355 C CD1 . ILE A 30 ? 0.2520 0.2639 0.3724 -0.0150 -0.0179 -0.0248 30  ILE A CD1 
367 N N   . LEU A 31 ? 0.1517 0.2150 0.2763 -0.0149 0.0233  -0.0376 31  LEU A N   
368 C CA  . LEU A 31 ? 0.1594 0.2097 0.3051 -0.0158 0.0222  -0.0532 31  LEU A CA  
369 C C   . LEU A 31 ? 0.1696 0.2195 0.3008 -0.0371 0.0270  -0.0610 31  LEU A C   
370 O O   . LEU A 31 ? 0.2682 0.2518 0.2760 -0.0125 0.0024  -0.0500 31  LEU A O   
371 C CB  . LEU A 31 ? 0.1756 0.2428 0.2920 -0.0354 0.0042  -0.0814 31  LEU A CB  
372 C CG  . LEU A 31 ? 0.2407 0.2724 0.3394 -0.0727 -0.0022 -0.0723 31  LEU A CG  
373 C CD1 . LEU A 31 ? 0.2316 0.2145 0.4132 -0.0425 0.0051  -0.0438 31  LEU A CD1 
374 C CD2 . LEU A 31 ? 0.2463 0.3290 0.3639 -0.0167 -0.0324 -0.0734 31  LEU A CD2 
386 N N   . THR A 32 ? 0.1712 0.2189 0.3104 -0.0087 0.0066  -0.0583 32  THR A N   
387 C CA  . THR A 32 ? 0.1855 0.2128 0.3165 -0.0042 0.0263  -0.0619 32  THR A CA  
388 C C   . THR A 32 ? 0.1850 0.2417 0.3002 -0.0320 0.0313  -0.0762 32  THR A C   
389 O O   . THR A 32 ? 0.1907 0.2859 0.2625 -0.0299 0.0243  -0.0736 32  THR A O   
390 C CB  . THR A 32 ? 0.1883 0.2112 0.3702 0.0043  0.0290  -0.0775 32  THR A CB  
391 O OG1 . THR A 32 ? 0.1907 0.2430 0.3726 -0.0204 0.0382  -0.0566 32  THR A OG1 
392 C CG2 . THR A 32 ? 0.2195 0.2180 0.4171 -0.0283 0.0551  -0.0801 32  THR A CG2 
400 N N   . LEU A 33 ? 0.1658 0.2991 0.2744 -0.0369 0.0049  -0.0868 33  LEU A N   
401 C CA  . LEU A 33 ? 0.1612 0.3053 0.2503 -0.0209 0.0033  -0.0892 33  LEU A CA  
402 C C   . LEU A 33 ? 0.1869 0.2888 0.3195 -0.0512 0.0302  -0.1026 33  LEU A C   
403 O O   . LEU A 33 ? 0.2074 0.3214 0.4443 -0.0248 -0.0018 -0.1678 33  LEU A O   
404 C CB  . LEU A 33 ? 0.1776 0.3662 0.3003 -0.0303 -0.0123 -0.1104 33  LEU A CB  
405 C CG  . LEU A 33 ? 0.1642 0.3851 0.2547 -0.0632 0.0254  -0.0913 33  LEU A CG  
406 C CD1 . LEU A 33 ? 0.1909 0.3699 0.2967 -0.0379 -0.0001 -0.1120 33  LEU A CD1 
407 C CD2 . LEU A 33 ? 0.2090 0.4033 0.2712 -0.0310 0.0198  -0.0827 33  LEU A CD2 
419 N N   . LEU A 34 ? 0.1927 0.2232 0.3067 -0.0247 0.0147  -0.0661 34  LEU A N   
420 C CA  . LEU A 34 ? 0.2238 0.2258 0.3017 -0.0263 0.0431  -0.0495 34  LEU A CA  
421 C C   . LEU A 34 ? 0.2483 0.2369 0.3413 -0.0383 0.0537  -0.0667 34  LEU A C   
422 O O   . LEU A 34 ? 0.2756 0.2617 0.3713 -0.0369 0.0742  -0.0665 34  LEU A O   
423 C CB  . LEU A 34 ? 0.2498 0.2276 0.3313 -0.0004 0.0478  -0.0137 34  LEU A CB  
424 C CG  . LEU A 34 ? 0.2646 0.2650 0.3239 -0.0274 0.0259  -0.0095 34  LEU A CG  
425 C CD1 . LEU A 34 ? 0.2747 0.3166 0.3371 -0.0071 0.0318  0.0394  34  LEU A CD1 
426 C CD2 . LEU A 34 ? 0.2802 0.3253 0.3606 -0.0372 0.0378  -0.0115 34  LEU A CD2 
438 N N   . ASN A 35 ? 0.2066 0.2324 0.2956 -0.0129 0.0402  -0.0600 35  ASN A N   
439 C CA  . ASN A 35 ? 0.1905 0.2578 0.2934 -0.0271 0.0561  -0.0573 35  ASN A CA  
440 C C   . ASN A 35 ? 0.2148 0.2358 0.2806 -0.0157 0.0610  -0.0714 35  ASN A C   
441 O O   . ASN A 35 ? 0.2330 0.2508 0.2668 -0.0371 0.0422  -0.0497 35  ASN A O   
442 C CB  . ASN A 35 ? 0.1873 0.2433 0.3517 0.0055  0.0679  -0.0284 35  ASN A CB  
443 C CG  . ASN A 35 ? 0.1972 0.2559 0.3403 -0.0007 0.0147  -0.0382 35  ASN A CG  
444 O OD1 . ASN A 35 ? 0.2196 0.2927 0.3437 0.0224  0.0520  -0.0153 35  ASN A OD1 
445 N ND2 . ASN A 35 ? 0.2495 0.2691 0.4178 0.0344  0.0691  -0.0263 35  ASN A ND2 
452 N N   . SER A 36 ? 0.1860 0.2404 0.2924 -0.0346 0.0176  -0.0732 36  SER A N   
453 C CA  . SER A 36 ? 0.2044 0.2723 0.2715 -0.0298 0.0045  -0.0792 36  SER A CA  
454 C C   . SER A 36 ? 0.2017 0.2908 0.2718 -0.0272 0.0065  -0.0683 36  SER A C   
455 O O   . SER A 36 ? 0.2304 0.3288 0.2747 -0.0249 0.0159  -0.0470 36  SER A O   
456 C CB  . SER A 36 ? 0.2232 0.3229 0.2575 -0.0217 -0.0043 -0.0763 36  SER A CB  
457 O OG  . SER A 36 ? 0.2432 0.3489 0.3043 -0.0506 -0.0211 -0.0904 36  SER A OG  
463 N N   . THR A 37 ? 0.1921 0.2471 0.2639 -0.0132 0.0240  -0.0446 37  THR A N   
464 C CA  . THR A 37 ? 0.1941 0.2896 0.2363 -0.0311 0.0314  -0.0766 37  THR A CA  
465 C C   . THR A 37 ? 0.2048 0.2631 0.2448 -0.0393 0.0302  -0.0528 37  THR A C   
466 O O   . THR A 37 ? 0.2391 0.2966 0.2587 -0.0402 0.0279  -0.0467 37  THR A O   
467 C CB  . THR A 37 ? 0.1963 0.2869 0.2841 -0.0128 0.0497  -0.0939 37  THR A CB  
468 O OG1 . THR A 37 ? 0.2015 0.2716 0.2844 -0.0017 0.0313  -0.0683 37  THR A OG1 
469 C CG2 . THR A 37 ? 0.2081 0.2780 0.3380 -0.0360 0.0303  -0.1209 37  THR A CG2 
477 N N   . ASN A 38 ? 0.1905 0.2300 0.2743 -0.0312 0.0121  -0.0549 38  ASN A N   
478 C CA  . ASN A 38 ? 0.1803 0.2350 0.2602 -0.0122 0.0411  -0.0636 38  ASN A CA  
479 C C   . ASN A 38 ? 0.2244 0.2390 0.2637 0.0005  0.0412  -0.0383 38  ASN A C   
480 O O   . ASN A 38 ? 0.1977 0.2641 0.3152 0.0080  0.0198  -0.0238 38  ASN A O   
481 C CB  . ASN A 38 ? 0.1807 0.1907 0.2820 -0.0203 0.0253  -0.0537 38  ASN A CB  
482 C CG  . ASN A 38 ? 0.1793 0.2294 0.2840 0.0027  0.0372  -0.0440 38  ASN A CG  
483 O OD1 . ASN A 38 ? 0.1744 0.2176 0.3291 -0.0095 0.0151  -0.0289 38  ASN A OD1 
484 N ND2 . ASN A 38 ? 0.1692 0.2403 0.3203 -0.0159 0.0466  -0.0555 38  ASN A ND2 
491 N N   . LYS A 39 ? 0.2682 0.2347 0.2919 -0.0044 0.0465  -0.0297 39  LYS A N   
492 C CA  . LYS A 39 ? 0.2964 0.3239 0.2908 0.0186  0.0718  -0.0358 39  LYS A CA  
493 C C   . LYS A 39 ? 0.2616 0.2686 0.3221 0.0244  0.0300  -0.0054 39  LYS A C   
494 O O   . LYS A 39 ? 0.2647 0.2773 0.3415 0.0065  0.0245  -0.0025 39  LYS A O   
495 C CB  . LYS A 39 ? 0.4299 0.4183 0.3042 0.0545  0.1225  -0.0040 39  LYS A CB  
496 C CG  . LYS A 39 ? 0.4954 0.5095 0.3526 -0.0059 0.1128  -0.0127 39  LYS A CG  
497 C CD  . LYS A 39 ? 0.4329 0.5342 0.3569 -0.0370 0.0672  -0.0055 39  LYS A CD  
498 C CE  . LYS A 39 ? 0.4463 0.5271 0.3970 -0.0449 0.0719  0.0122  39  LYS A CE  
499 N NZ  . LYS A 39 ? 0.4375 0.5184 0.4121 -0.0279 0.0666  0.0094  39  LYS A NZ  
513 N N   . ASP A 40 ? 0.2440 0.2278 0.2790 0.0042  0.0360  0.0061  40  ASP A N   
514 C CA  . ASP A 40 ? 0.2273 0.2269 0.3072 -0.0269 0.0273  -0.0028 40  ASP A CA  
515 C C   . ASP A 40 ? 0.1876 0.2098 0.2943 -0.0117 0.0099  -0.0208 40  ASP A C   
516 O O   . ASP A 40 ? 0.1884 0.2285 0.3349 0.0122  0.0139  -0.0400 40  ASP A O   
517 C CB  . ASP A 40 ? 0.2428 0.2260 0.3860 -0.0074 0.0264  -0.0014 40  ASP A CB  
518 C CG  . ASP A 40 ? 0.3224 0.2461 0.4578 0.0012  0.0850  0.0479  40  ASP A CG  
519 O OD1 . ASP A 40 ? 0.3877 0.2889 0.5043 0.0419  0.1035  0.0813  40  ASP A OD1 
520 O OD2 . ASP A 40 ? 0.3256 0.3558 0.5373 0.0201  0.1073  0.0702  40  ASP A OD2 
525 N N   . TRP A 41 ? 0.1852 0.2058 0.2854 -0.0066 0.0181  -0.0386 41  TRP A N   
526 C CA  . TRP A 41 ? 0.1707 0.2145 0.2790 -0.0382 0.0142  -0.0631 41  TRP A CA  
527 C C   . TRP A 41 ? 0.1678 0.2473 0.2628 -0.0127 0.0128  -0.0602 41  TRP A C   
528 O O   . TRP A 41 ? 0.1857 0.2279 0.2824 -0.0182 0.0359  -0.0588 41  TRP A O   
529 C CB  . TRP A 41 ? 0.1963 0.2383 0.2764 -0.0346 -0.0043 -0.0747 41  TRP A CB  
530 C CG  . TRP A 41 ? 0.1850 0.2513 0.3032 -0.0198 0.0029  -0.0578 41  TRP A CG  
531 C CD1 . TRP A 41 ? 0.2119 0.2450 0.3444 -0.0165 0.0076  -0.0401 41  TRP A CD1 
532 C CD2 . TRP A 41 ? 0.1894 0.2308 0.2943 0.0037  -0.0181 -0.0730 41  TRP A CD2 
533 N NE1 . TRP A 41 ? 0.2327 0.2745 0.3583 -0.0350 0.0137  -0.0781 41  TRP A NE1 
534 C CE2 . TRP A 41 ? 0.2316 0.2334 0.3272 -0.0256 -0.0184 -0.0863 41  TRP A CE2 
535 C CE3 . TRP A 41 ? 0.2099 0.2401 0.2994 0.0243  -0.0090 -0.0581 41  TRP A CE3 
536 C CZ2 . TRP A 41 ? 0.2477 0.2707 0.3407 -0.0228 -0.0351 -0.0696 41  TRP A CZ2 
537 C CZ3 . TRP A 41 ? 0.2155 0.2593 0.3101 0.0006  -0.0088 -0.0533 41  TRP A CZ3 
538 C CH2 . TRP A 41 ? 0.2586 0.2143 0.3343 0.0046  -0.0256 -0.0506 41  TRP A CH2 
549 N N   . TRP A 42 ? 0.1471 0.2311 0.2623 -0.0117 0.0091  -0.0608 42  TRP A N   
550 C CA  . TRP A 42 ? 0.1743 0.2506 0.2528 -0.0208 0.0045  -0.0454 42  TRP A CA  
551 C C   . TRP A 42 ? 0.1576 0.2041 0.2596 -0.0009 0.0047  -0.0576 42  TRP A C   
552 O O   . TRP A 42 ? 0.2047 0.2135 0.2471 -0.0002 0.0114  -0.0533 42  TRP A O   
553 C CB  . TRP A 42 ? 0.2032 0.2609 0.2325 -0.0144 0.0068  -0.0611 42  TRP A CB  
554 C CG  . TRP A 42 ? 0.2084 0.2195 0.2288 -0.0193 0.0190  -0.0530 42  TRP A CG  
555 C CD1 . TRP A 42 ? 0.2209 0.2523 0.2230 -0.0174 0.0007  -0.0547 42  TRP A CD1 
556 C CD2 . TRP A 42 ? 0.2104 0.2725 0.2298 -0.0299 -0.0024 -0.0564 42  TRP A CD2 
557 N NE1 . TRP A 42 ? 0.2047 0.2804 0.2520 -0.0177 -0.0050 -0.0446 42  TRP A NE1 
558 C CE2 . TRP A 42 ? 0.2052 0.3008 0.2494 -0.0353 -0.0334 -0.0513 42  TRP A CE2 
559 C CE3 . TRP A 42 ? 0.2260 0.3479 0.2147 -0.0433 0.0067  -0.0452 42  TRP A CE3 
560 C CZ2 . TRP A 42 ? 0.2086 0.3275 0.2554 -0.0207 -0.0164 -0.0450 42  TRP A CZ2 
561 C CZ3 . TRP A 42 ? 0.2653 0.3992 0.2413 -0.0290 -0.0040 -0.0524 42  TRP A CZ3 
562 C CH2 . TRP A 42 ? 0.2409 0.3886 0.2550 -0.0057 -0.0169 -0.0285 42  TRP A CH2 
573 N N   . LYS A 43 ? 0.1661 0.2036 0.2558 -0.0190 0.0167  -0.0593 43  LYS A N   
574 C CA  . LYS A 43 ? 0.1618 0.2514 0.2673 -0.0248 0.0015  -0.0403 43  LYS A CA  
575 C C   . LYS A 43 ? 0.1799 0.2041 0.2640 -0.0344 -0.0078 -0.0266 43  LYS A C   
576 O O   . LYS A 43 ? 0.1719 0.2208 0.2575 -0.0340 0.0035  -0.0427 43  LYS A O   
577 C CB  . LYS A 43 ? 0.1794 0.2900 0.3094 -0.0131 0.0267  -0.0362 43  LYS A CB  
578 C CG  . LYS A 43 ? 0.2087 0.3041 0.3477 -0.0340 0.0082  -0.0124 43  LYS A CG  
579 C CD  . LYS A 43 ? 0.2465 0.3220 0.3705 0.0060  0.0393  0.0262  43  LYS A CD  
580 C CE  . LYS A 43 ? 0.2874 0.3536 0.4594 0.0253  0.0369  0.0325  43  LYS A CE  
581 N NZ  . LYS A 43 ? 0.3904 0.3518 0.5215 0.0877  0.0220  0.0588  43  LYS A NZ  
595 N N   . VAL A 44 ? 0.1610 0.2561 0.2560 -0.0453 0.0331  -0.0458 44  VAL A N   
596 C CA  . VAL A 44 ? 0.1755 0.2949 0.2395 -0.0250 0.0213  -0.0634 44  VAL A CA  
597 C C   . VAL A 44 ? 0.2013 0.2555 0.2671 -0.0343 0.0083  -0.0613 44  VAL A C   
598 O O   . VAL A 44 ? 0.2163 0.3025 0.2307 -0.0487 0.0017  -0.0421 44  VAL A O   
599 C CB  . VAL A 44 ? 0.1703 0.2879 0.2502 -0.0092 -0.0051 -0.0781 44  VAL A CB  
600 C CG1 . VAL A 44 ? 0.1951 0.2656 0.2996 -0.0002 0.0028  -0.0482 44  VAL A CG1 
601 C CG2 . VAL A 44 ? 0.1916 0.3288 0.2740 -0.0278 -0.0115 -0.0831 44  VAL A CG2 
611 N N   . GLU A 45 ? 0.1953 0.2755 0.2551 -0.0445 0.0258  -0.0440 45  GLU A N   
612 C CA  . GLU A 45 ? 0.1976 0.2673 0.2837 -0.0367 0.0186  -0.0091 45  GLU A CA  
613 C C   . GLU A 45 ? 0.1920 0.2761 0.2883 -0.0260 0.0214  -0.0123 45  GLU A C   
614 O O   . GLU A 45 ? 0.2373 0.2941 0.3009 0.0055  0.0177  -0.0405 45  GLU A O   
615 C CB  . GLU A 45 ? 0.2478 0.2720 0.3297 -0.0395 0.0255  -0.0023 45  GLU A CB  
616 C CG  . GLU A 45 ? 0.2903 0.2895 0.3784 0.0072  0.0603  -0.0016 45  GLU A CG  
617 C CD  . GLU A 45 ? 0.3200 0.3378 0.4619 0.0174  -0.0349 -0.0005 45  GLU A CD  
618 O OE1 . GLU A 45 ? 0.3153 0.3737 0.5304 -0.0029 -0.0316 -0.0074 45  GLU A OE1 
619 O OE2 . GLU A 45 ? 0.4170 0.3922 0.4858 0.0024  -0.0738 -0.0097 45  GLU A OE2 
626 N N   . VAL A 46 ? 0.2540 0.3104 0.2508 -0.0074 0.0359  -0.0227 46  VAL A N   
627 C CA  . VAL A 46 ? 0.2383 0.2987 0.3211 -0.0349 0.0269  -0.0344 46  VAL A CA  
628 C C   . VAL A 46 ? 0.2760 0.3316 0.3115 -0.0057 0.0489  -0.0342 46  VAL A C   
629 O O   . VAL A 46 ? 0.2727 0.3415 0.3065 -0.0309 0.0442  0.0012  46  VAL A O   
630 C CB  . VAL A 46 ? 0.2406 0.3014 0.3132 -0.0346 0.0300  -0.0408 46  VAL A CB  
631 C CG1 . VAL A 46 ? 0.2624 0.3598 0.3345 -0.0110 0.0209  -0.0776 46  VAL A CG1 
632 C CG2 . VAL A 46 ? 0.2460 0.3449 0.3480 -0.0208 0.0146  -0.0336 46  VAL A CG2 
642 N N   . ALA A 47 ? 0.2589 0.3379 0.2925 -0.0104 0.0152  -0.0387 47  ALA A N   
643 C CA  . ALA A 47 ? 0.2652 0.3378 0.2808 -0.0414 0.0414  -0.0164 47  ALA A CA  
644 C C   . ALA A 47 ? 0.2346 0.3432 0.3430 -0.0442 0.0412  -0.0045 47  ALA A C   
645 O O   . ALA A 47 ? 0.2723 0.3172 0.3466 -0.0108 0.0250  -0.0201 47  ALA A O   
646 C CB  . ALA A 47 ? 0.3003 0.3508 0.3583 -0.0219 0.0761  -0.0323 47  ALA A CB  
652 N N   . ASP A 48 ? 0.2954 0.3403 0.3149 -0.0544 0.0210  0.0214  48  ASP A N   
653 C CA  . ASP A 48 ? 0.3162 0.3374 0.4003 -0.0484 -0.0273 0.0647  48  ASP A CA  
654 C C   . ASP A 48 ? 0.3343 0.3504 0.3734 -0.0267 -0.0279 0.0576  48  ASP A C   
655 O O   . ASP A 48 ? 0.4015 0.3661 0.4366 -0.0209 -0.0237 0.0798  48  ASP A O   
656 C CB  . ASP A 48 ? 0.3671 0.3705 0.4005 -0.0530 -0.0389 0.0741  48  ASP A CB  
657 C CG  . ASP A 48 ? 0.4163 0.4122 0.4254 -0.0437 -0.0503 0.0674  48  ASP A CG  
658 O OD1 . ASP A 48 ? 0.4493 0.3982 0.4975 -0.0338 -0.0777 0.0488  48  ASP A OD1 
659 O OD2 . ASP A 48 ? 0.4422 0.4319 0.4402 -0.0310 -0.0520 0.0728  48  ASP A OD2 
664 N N   . ARG A 49 ? 0.2814 0.3474 0.3055 -0.0344 -0.0047 0.0325  49  ARG A N   
665 C CA  . ARG A 49 ? 0.2976 0.3554 0.2932 -0.0538 -0.0067 0.0042  49  ARG A CA  
666 C C   . ARG A 49 ? 0.2599 0.3409 0.2834 -0.0427 0.0100  0.0084  49  ARG A C   
667 O O   . ARG A 49 ? 0.2750 0.4109 0.2833 0.0028  0.0045  0.0120  49  ARG A O   
668 C CB  . ARG A 49 ? 0.3460 0.3725 0.2869 -0.0715 0.0371  -0.0100 49  ARG A CB  
669 C CG  . ARG A 49 ? 0.4088 0.4246 0.3449 -0.0376 0.0351  -0.0107 49  ARG A CG  
670 C CD  . ARG A 49 ? 0.4984 0.5147 0.3966 -0.0210 0.0280  -0.0062 49  ARG A CD  
671 N NE  . ARG A 49 ? 0.5043 0.5962 0.4397 -0.0040 0.0589  0.0060  49  ARG A NE  
672 C CZ  . ARG A 49 ? 0.4424 0.6911 0.4040 0.0021  0.0276  -0.0311 49  ARG A CZ  
673 N NH1 . ARG A 49 ? 0.2943 0.6948 0.3295 -0.0113 0.0391  -0.0603 49  ARG A NH1 
674 N NH2 . ARG A 49 ? 0.4400 0.7810 0.3632 -0.0537 -0.0166 -0.0592 49  ARG A NH2 
688 N N   . GLN A 50 ? 0.2463 0.3805 0.2827 -0.0397 -0.0063 0.0001  50  GLN A N   
689 C CA  . GLN A 50 ? 0.2500 0.3530 0.2435 -0.0588 0.0174  -0.0089 50  GLN A CA  
690 C C   . GLN A 50 ? 0.2504 0.3427 0.2573 -0.0196 -0.0050 -0.0112 50  GLN A C   
691 O O   . GLN A 50 ? 0.2953 0.3591 0.2931 -0.0573 -0.0508 0.0313  50  GLN A O   
692 C CB  . GLN A 50 ? 0.2883 0.3436 0.3316 -0.0612 0.0291  -0.0091 50  GLN A CB  
693 C CG  . GLN A 50 ? 0.2906 0.3749 0.4078 -0.0320 0.0375  -0.0151 50  GLN A CG  
694 C CD  . GLN A 50 ? 0.3060 0.3577 0.4988 -0.0122 0.0234  0.0000  50  GLN A CD  
695 O OE1 . GLN A 50 ? 0.3626 0.4026 0.5781 0.0358  -0.0106 -0.0113 50  GLN A OE1 
696 N NE2 . GLN A 50 ? 0.3752 0.4265 0.5141 -0.0060 -0.0272 -0.0012 50  GLN A NE2 
705 N N   . GLY A 51 ? 0.2259 0.2890 0.2244 -0.0277 0.0160  -0.0298 51  GLY A N   
706 C CA  . GLY A 51 ? 0.1992 0.2665 0.2214 -0.0273 0.0124  -0.0274 51  GLY A CA  
707 C C   . GLY A 51 ? 0.1817 0.2520 0.2006 -0.0199 0.0210  -0.0386 51  GLY A C   
708 O O   . GLY A 51 ? 0.2014 0.2575 0.2434 -0.0330 -0.0085 -0.0504 51  GLY A O   
712 N N   . PHE A 52 ? 0.1636 0.2453 0.2600 -0.0264 -0.0054 -0.0458 52  PHE A N   
713 C CA  . PHE A 52 ? 0.1707 0.2136 0.2633 -0.0083 0.0018  -0.0574 52  PHE A CA  
714 C C   . PHE A 52 ? 0.1744 0.2281 0.2519 -0.0043 0.0043  -0.0712 52  PHE A C   
715 O O   . PHE A 52 ? 0.2049 0.2371 0.2288 0.0074  -0.0026 -0.0558 52  PHE A O   
716 C CB  . PHE A 52 ? 0.1860 0.2260 0.2607 -0.0148 -0.0013 -0.0504 52  PHE A CB  
717 C CG  . PHE A 52 ? 0.1787 0.2552 0.2626 -0.0056 0.0089  -0.0492 52  PHE A CG  
718 C CD1 . PHE A 52 ? 0.2357 0.2991 0.2798 0.0464  -0.0075 -0.0520 52  PHE A CD1 
719 C CD2 . PHE A 52 ? 0.1792 0.2557 0.2727 -0.0296 0.0351  -0.0562 52  PHE A CD2 
720 C CE1 . PHE A 52 ? 0.2611 0.3027 0.3111 0.0705  0.0175  -0.0311 52  PHE A CE1 
721 C CE2 . PHE A 52 ? 0.1796 0.2924 0.3116 -0.0042 0.0311  -0.0588 52  PHE A CE2 
722 C CZ  . PHE A 52 ? 0.2096 0.2834 0.3227 0.0168  0.0188  -0.0469 52  PHE A CZ  
732 N N   . VAL A 53 ? 0.1934 0.2118 0.2579 0.0042  -0.0008 -0.0505 53  VAL A N   
733 C CA  . VAL A 53 ? 0.1918 0.2087 0.2657 0.0148  -0.0238 -0.0380 53  VAL A CA  
734 C C   . VAL A 53 ? 0.1955 0.2138 0.2709 0.0050  -0.0119 -0.0636 53  VAL A C   
735 O O   . VAL A 53 ? 0.1835 0.2088 0.2773 0.0082  0.0116  -0.0574 53  VAL A O   
736 C CB  . VAL A 53 ? 0.1974 0.2715 0.2535 0.0211  -0.0115 -0.0390 53  VAL A CB  
737 C CG1 . VAL A 53 ? 0.2226 0.3010 0.2667 0.0273  0.0139  -0.0316 53  VAL A CG1 
738 C CG2 . VAL A 53 ? 0.1846 0.3281 0.2482 -0.0011 -0.0252 -0.0394 53  VAL A CG2 
748 N N   . PRO A 54 ? 0.2185 0.2013 0.2490 0.0150  -0.0047 -0.0596 54  PRO A N   
749 C CA  . PRO A 54 ? 0.1882 0.2066 0.2925 0.0132  -0.0090 -0.0324 54  PRO A CA  
750 C C   . PRO A 54 ? 0.1953 0.2061 0.2919 0.0102  -0.0130 -0.0137 54  PRO A C   
751 O O   . PRO A 54 ? 0.1919 0.2245 0.3028 0.0128  -0.0089 -0.0345 54  PRO A O   
752 C CB  . PRO A 54 ? 0.2386 0.2210 0.3266 0.0468  -0.0457 -0.0545 54  PRO A CB  
753 C CG  . PRO A 54 ? 0.2827 0.2079 0.3423 0.0373  -0.0608 -0.0483 54  PRO A CG  
754 C CD  . PRO A 54 ? 0.2568 0.1991 0.3013 0.0094  -0.0162 -0.0542 54  PRO A CD  
762 N N   . ALA A 55 ? 0.1964 0.2197 0.2694 -0.0007 0.0037  -0.0161 55  ALA A N   
763 C CA  . ALA A 55 ? 0.2120 0.2212 0.2750 -0.0013 0.0127  -0.0236 55  ALA A CA  
764 C C   . ALA A 55 ? 0.2267 0.2033 0.2600 -0.0042 0.0149  -0.0135 55  ALA A C   
765 O O   . ALA A 55 ? 0.2152 0.2662 0.3066 -0.0243 -0.0152 -0.0145 55  ALA A O   
766 C CB  . ALA A 55 ? 0.2284 0.2436 0.2729 -0.0086 -0.0118 -0.0039 55  ALA A CB  
772 N N   . ALA A 56 ? 0.2506 0.1928 0.2504 -0.0080 -0.0007 -0.0037 56  ALA A N   
773 C CA  . ALA A 56 ? 0.2679 0.2067 0.3061 0.0087  0.0092  0.0308  56  ALA A CA  
774 C C   . ALA A 56 ? 0.2399 0.2427 0.3223 -0.0042 -0.0085 0.0197  56  ALA A C   
775 O O   . ALA A 56 ? 0.2742 0.2779 0.3812 0.0052  -0.0118 0.0160  56  ALA A O   
776 C CB  . ALA A 56 ? 0.3231 0.2443 0.3977 -0.0229 0.0389  0.0267  56  ALA A CB  
782 N N   . TYR A 57 ? 0.1896 0.1976 0.3181 -0.0098 -0.0163 0.0130  57  TYR A N   
783 C CA  . TYR A 57 ? 0.1822 0.1925 0.3217 0.0024  -0.0008 -0.0083 57  TYR A CA  
784 C C   . TYR A 57 ? 0.1945 0.2323 0.3078 -0.0118 -0.0170 -0.0172 57  TYR A C   
785 O O   . TYR A 57 ? 0.2010 0.2609 0.3225 -0.0219 0.0054  -0.0222 57  TYR A O   
786 C CB  . TYR A 57 ? 0.1972 0.2032 0.3513 -0.0037 -0.0031 -0.0303 57  TYR A CB  
787 C CG  . TYR A 57 ? 0.2292 0.1687 0.3516 -0.0079 0.0040  -0.0266 57  TYR A CG  
788 C CD1 . TYR A 57 ? 0.2353 0.1680 0.3856 -0.0088 0.0009  -0.0222 57  TYR A CD1 
789 C CD2 . TYR A 57 ? 0.2995 0.2079 0.3506 -0.0054 0.0060  -0.0616 57  TYR A CD2 
790 C CE1 . TYR A 57 ? 0.2896 0.1762 0.4340 0.0045  -0.0105 -0.0195 57  TYR A CE1 
791 C CE2 . TYR A 57 ? 0.3385 0.1920 0.3911 -0.0363 -0.0334 -0.0575 57  TYR A CE2 
792 C CZ  . TYR A 57 ? 0.3078 0.1746 0.4215 -0.0326 -0.0364 -0.0412 57  TYR A CZ  
793 O OH  . TYR A 57 ? 0.3606 0.2118 0.4409 -0.0410 -0.0425 -0.0208 57  TYR A OH  
803 N N   . VAL A 58 ? 0.2003 0.2460 0.2897 -0.0303 0.0007  -0.0437 58  VAL A N   
804 C CA  . VAL A 58 ? 0.2125 0.2505 0.2923 -0.0209 -0.0170 -0.0515 58  VAL A CA  
805 C C   . VAL A 58 ? 0.2508 0.2829 0.2893 -0.0827 -0.0054 -0.0273 58  VAL A C   
806 O O   . VAL A 58 ? 0.2655 0.3382 0.3203 -0.0707 0.0011  -0.0115 58  VAL A O   
807 C CB  . VAL A 58 ? 0.2382 0.2157 0.3108 -0.0205 0.0059  -0.0386 58  VAL A CB  
808 C CG1 . VAL A 58 ? 0.2002 0.2636 0.3065 -0.0017 -0.0024 -0.0454 58  VAL A CG1 
809 C CG2 . VAL A 58 ? 0.2971 0.2361 0.3285 -0.0219 0.0620  -0.0056 58  VAL A CG2 
819 N N   . LYS A 59 ? 0.2382 0.3040 0.2760 -0.0758 -0.0112 -0.0013 59  LYS A N   
820 C CA  . LYS A 59 ? 0.2810 0.3101 0.3027 -0.0732 -0.0274 -0.0317 59  LYS A CA  
821 C C   . LYS A 59 ? 0.2691 0.3493 0.2778 -0.0823 -0.0417 -0.0452 59  LYS A C   
822 O O   . LYS A 59 ? 0.2593 0.3611 0.2931 -0.0941 -0.0071 -0.0175 59  LYS A O   
823 C CB  . LYS A 59 ? 0.3832 0.3330 0.3111 -0.0312 -0.0596 -0.0426 59  LYS A CB  
826 N N   . LYS A 60 ? 0.3184 0.3474 0.2677 -0.0771 0.0103  -0.0435 60  LYS A N   
827 C CA  . LYS A 60 ? 0.3684 0.3571 0.2701 -0.0784 -0.0038 -0.0258 60  LYS A CA  
828 C C   . LYS A 60 ? 0.3694 0.3927 0.3084 -0.0788 -0.0679 -0.0098 60  LYS A C   
829 O O   . LYS A 60 ? 0.3804 0.4012 0.3635 -0.0942 -0.1035 0.0084  60  LYS A O   
830 C CB  . LYS A 60 ? 0.4168 0.3758 0.2961 -0.0519 0.0366  -0.0438 60  LYS A CB  
831 C CG  . LYS A 60 ? 0.3884 0.4385 0.3071 -0.0300 0.0196  -0.0698 60  LYS A CG  
832 C CD  . LYS A 60 ? 0.4569 0.4708 0.3610 -0.0207 0.0799  -0.0638 60  LYS A CD  
833 C CE  . LYS A 60 ? 0.4903 0.4977 0.3976 0.0139  0.0786  -0.0804 60  LYS A CE  
834 N NZ  . LYS A 60 ? 0.4785 0.5167 0.4095 0.0531  0.0901  -0.0826 60  LYS A NZ  
848 N N   . LEU A 61 ? 0.3796 0.3862 0.3012 -0.1291 -0.0763 -0.0049 61  LEU A N   
849 C CA  . LEU A 61 ? 0.4153 0.4731 0.3018 -0.1487 -0.0703 -0.0364 61  LEU A CA  
850 C C   . LEU A 61 ? 0.4863 0.6114 0.2983 -0.0971 -0.0872 -0.0905 61  LEU A C   
851 O O   . LEU A 61 ? 0.5869 0.6366 0.3678 -0.0951 -0.0513 -0.1521 61  LEU A O   
852 C CB  . LEU A 61 ? 0.3678 0.4437 0.3721 -0.1009 -0.0643 -0.0248 61  LEU A CB  
853 C CG  . LEU A 61 ? 0.3879 0.4576 0.4451 -0.0391 -0.0721 -0.0530 61  LEU A CG  
854 C CD1 . LEU A 61 ? 0.4407 0.4721 0.4730 0.0153  -0.0252 -0.0526 61  LEU A CD1 
855 C CD2 . LEU A 61 ? 0.4295 0.4421 0.4878 -0.0631 -0.0513 -0.0780 61  LEU A CD2 
867 S S   . SO4 B .  ? 0.4319 0.6619 0.5249 -0.1713 -0.0064 0.1051  101 SO4 A S   
868 O O1  . SO4 B .  ? 0.4175 0.6954 0.4893 -0.1043 0.0265  0.1149  101 SO4 A O1  
869 O O2  . SO4 B .  ? 0.4312 0.7133 0.5690 -0.1141 -0.0335 0.0802  101 SO4 A O2  
870 O O3  . SO4 B .  ? 0.3109 0.6462 0.3952 -0.1858 -0.0135 0.0916  101 SO4 A O3  
871 O O4  . SO4 B .  ? 0.5066 0.6601 0.5095 -0.1945 0.0353  0.1241  101 SO4 A O4  
872 N N   . PRO C .  ? 0.4322 0.6074 0.3479 0.1260  0.0833  -0.0146 102 PRO A N   
873 C CA  . PRO C .  ? 0.4808 0.6194 0.3701 0.0953  0.1095  -0.0061 102 PRO A CA  
874 C C   . PRO C .  ? 0.5263 0.6221 0.4186 0.0812  0.1429  -0.0020 102 PRO A C   
875 O O   . PRO C .  ? 0.5363 0.6028 0.5008 0.0957  0.1185  0.0063  102 PRO A O   
876 C CB  . PRO C .  ? 0.4326 0.6180 0.3704 0.1444  0.0737  -0.0178 102 PRO A CB  
877 C CG  . PRO C .  ? 0.4184 0.5865 0.3638 0.1908  0.0322  -0.0274 102 PRO A CG  
878 C CD  . PRO C .  ? 0.4364 0.5891 0.3533 0.1563  0.0540  -0.0247 102 PRO A CD  
879 O OXT . PRO C .  ? 0.5648 0.6377 0.4144 0.0622  0.1380  -0.0198 102 PRO A OXT 
889 C C   . ACT D .  ? 0.7457 0.5854 0.5756 -0.0149 0.0234  0.0504  103 ACT A C   
890 O O   . ACT D .  ? 0.6010 0.6160 0.5522 0.0056  0.0764  0.0033  103 ACT A O   
891 O OXT . ACT D .  ? 0.7530 0.5752 0.5235 -0.0378 -0.0004 0.0528  103 ACT A OXT 
892 C CH3 . ACT D .  ? 0.7248 0.5601 0.5834 -0.0051 -0.0082 0.0938  103 ACT A CH3 
# 
